data_1M1S
# 
_entry.id   1M1S 
# 
_audit_conform.dict_name       mmcif_pdbx.dic 
_audit_conform.dict_version    5.398 
_audit_conform.dict_location   http://mmcif.pdb.org/dictionaries/ascii/mmcif_pdbx.dic 
# 
loop_
_database_2.database_id 
_database_2.database_code 
_database_2.pdbx_database_accession 
_database_2.pdbx_DOI 
PDB   1M1S         pdb_00001m1s 10.2210/pdb1m1s/pdb 
RCSB  RCSB016491   ?            ?                   
WWPDB D_1000016491 ?            ?                   
# 
loop_
_pdbx_audit_revision_history.ordinal 
_pdbx_audit_revision_history.data_content_type 
_pdbx_audit_revision_history.major_revision 
_pdbx_audit_revision_history.minor_revision 
_pdbx_audit_revision_history.revision_date 
1 'Structure model' 1 0 2003-07-29 
2 'Structure model' 1 1 2008-04-28 
3 'Structure model' 1 2 2011-07-13 
4 'Structure model' 1 3 2019-07-24 
5 'Structure model' 1 4 2024-11-13 
# 
_pdbx_audit_revision_details.ordinal             1 
_pdbx_audit_revision_details.revision_ordinal    1 
_pdbx_audit_revision_details.data_content_type   'Structure model' 
_pdbx_audit_revision_details.provider            repository 
_pdbx_audit_revision_details.type                'Initial release' 
_pdbx_audit_revision_details.description         ? 
_pdbx_audit_revision_details.details             ? 
# 
loop_
_pdbx_audit_revision_group.ordinal 
_pdbx_audit_revision_group.revision_ordinal 
_pdbx_audit_revision_group.data_content_type 
_pdbx_audit_revision_group.group 
1 2 'Structure model' 'Version format compliance' 
2 3 'Structure model' 'Version format compliance' 
3 4 'Structure model' 'Data collection'           
4 4 'Structure model' 'Derived calculations'      
5 4 'Structure model' 'Refinement description'    
6 5 'Structure model' 'Data collection'           
7 5 'Structure model' 'Database references'       
8 5 'Structure model' 'Structure summary'         
# 
loop_
_pdbx_audit_revision_category.ordinal 
_pdbx_audit_revision_category.revision_ordinal 
_pdbx_audit_revision_category.data_content_type 
_pdbx_audit_revision_category.category 
1 4 'Structure model' software                  
2 4 'Structure model' struct_conn               
3 5 'Structure model' chem_comp_atom            
4 5 'Structure model' chem_comp_bond            
5 5 'Structure model' database_2                
6 5 'Structure model' pdbx_entry_details        
7 5 'Structure model' pdbx_modification_feature 
8 5 'Structure model' struct_ref_seq_dif        
# 
loop_
_pdbx_audit_revision_item.ordinal 
_pdbx_audit_revision_item.revision_ordinal 
_pdbx_audit_revision_item.data_content_type 
_pdbx_audit_revision_item.item 
1 4 'Structure model' '_software.classification'            
2 4 'Structure model' '_software.name'                      
3 4 'Structure model' '_software.version'                   
4 4 'Structure model' '_struct_conn.pdbx_leaving_atom_flag' 
5 5 'Structure model' '_database_2.pdbx_DOI'                
6 5 'Structure model' '_database_2.pdbx_database_accession' 
7 5 'Structure model' '_struct_ref_seq_dif.details'         
# 
_pdbx_database_status.status_code                     REL 
_pdbx_database_status.entry_id                        1M1S 
_pdbx_database_status.recvd_initial_deposition_date   2002-06-20 
_pdbx_database_status.deposit_site                    RCSB 
_pdbx_database_status.process_site                    RCSB 
_pdbx_database_status.SG_entry                        Y 
_pdbx_database_status.status_code_sf                  REL 
_pdbx_database_status.pdb_format_compatible           Y 
_pdbx_database_status.status_code_mr                  ? 
_pdbx_database_status.status_code_cs                  ? 
_pdbx_database_status.methods_development_category    ? 
_pdbx_database_status.status_code_nmr_data            ? 
# 
_pdbx_database_related.db_name        TargetDB 
_pdbx_database_related.db_id          WR4 
_pdbx_database_related.details        . 
_pdbx_database_related.content_type   unspecified 
# 
loop_
_audit_author.name 
_audit_author.pdbx_ordinal 
'Karpowich, N.'                                   1 
'Smith, P.'                                       2 
'Shen, J.'                                        3 
'Hunt, J.'                                        4 
'Montelione, G.'                                  5 
'Northeast Structural Genomics Consortium (NESG)' 6 
# 
_citation.id                        primary 
_citation.title                     'Crystal structure of a C.elegans MSP family member' 
_citation.journal_abbrev            'To be Published' 
_citation.journal_volume            ? 
_citation.page_first                ? 
_citation.page_last                 ? 
_citation.year                      ? 
_citation.journal_id_ASTM           ? 
_citation.country                   ? 
_citation.journal_id_ISSN           ? 
_citation.journal_id_CSD            0353 
_citation.book_publisher            ? 
_citation.pdbx_database_id_PubMed   ? 
_citation.pdbx_database_id_DOI      ? 
# 
loop_
_citation_author.citation_id 
_citation_author.name 
_citation_author.ordinal 
_citation_author.identifier_ORCID 
primary 'Karpowich, N.'  1 ? 
primary 'Smith, P.'      2 ? 
primary 'Shen, J.'       3 ? 
primary 'Hunt, J.'       4 ? 
primary 'Montelione, G.' 5 ? 
# 
loop_
_entity.id 
_entity.type 
_entity.src_method 
_entity.pdbx_description 
_entity.formula_weight 
_entity.pdbx_number_of_molecules 
_entity.pdbx_ec 
_entity.pdbx_mutation 
_entity.pdbx_fragment 
_entity.details 
1 polymer man WR4   12822.076 1  ? ? ? ? 
2 water   nat water 18.015    90 ? ? ? ? 
# 
_entity_poly.entity_id                      1 
_entity_poly.type                           'polypeptide(L)' 
_entity_poly.nstd_linkage                   no 
_entity_poly.nstd_monomer                   yes 
_entity_poly.pdbx_seq_one_letter_code       
;MGHHHHHHS(MSE)INVDPPTGNYPATGGNSTHNITSESDSRLAFKVKSSNNEHYRVRPVYGFVDAKGKSKLDINRLPGP
PKEDKIVIQYAEVPAEETDP(MSE)APFKAGAQQGEIIVKLIAA
;
_entity_poly.pdbx_seq_one_letter_code_can   
;MGHHHHHHSMINVDPPTGNYPATGGNSTHNITSESDSRLAFKVKSSNNEHYRVRPVYGFVDAKGKSKLDINRLPGPPKED
KIVIQYAEVPAEETDPMAPFKAGAQQGEIIVKLIAA
;
_entity_poly.pdbx_strand_id                 A 
_entity_poly.pdbx_target_identifier         WR4 
# 
_pdbx_entity_nonpoly.entity_id   2 
_pdbx_entity_nonpoly.name        water 
_pdbx_entity_nonpoly.comp_id     HOH 
# 
loop_
_entity_poly_seq.entity_id 
_entity_poly_seq.num 
_entity_poly_seq.mon_id 
_entity_poly_seq.hetero 
1 1   MET n 
1 2   GLY n 
1 3   HIS n 
1 4   HIS n 
1 5   HIS n 
1 6   HIS n 
1 7   HIS n 
1 8   HIS n 
1 9   SER n 
1 10  MSE n 
1 11  ILE n 
1 12  ASN n 
1 13  VAL n 
1 14  ASP n 
1 15  PRO n 
1 16  PRO n 
1 17  THR n 
1 18  GLY n 
1 19  ASN n 
1 20  TYR n 
1 21  PRO n 
1 22  ALA n 
1 23  THR n 
1 24  GLY n 
1 25  GLY n 
1 26  ASN n 
1 27  SER n 
1 28  THR n 
1 29  HIS n 
1 30  ASN n 
1 31  ILE n 
1 32  THR n 
1 33  SER n 
1 34  GLU n 
1 35  SER n 
1 36  ASP n 
1 37  SER n 
1 38  ARG n 
1 39  LEU n 
1 40  ALA n 
1 41  PHE n 
1 42  LYS n 
1 43  VAL n 
1 44  LYS n 
1 45  SER n 
1 46  SER n 
1 47  ASN n 
1 48  ASN n 
1 49  GLU n 
1 50  HIS n 
1 51  TYR n 
1 52  ARG n 
1 53  VAL n 
1 54  ARG n 
1 55  PRO n 
1 56  VAL n 
1 57  TYR n 
1 58  GLY n 
1 59  PHE n 
1 60  VAL n 
1 61  ASP n 
1 62  ALA n 
1 63  LYS n 
1 64  GLY n 
1 65  LYS n 
1 66  SER n 
1 67  LYS n 
1 68  LEU n 
1 69  ASP n 
1 70  ILE n 
1 71  ASN n 
1 72  ARG n 
1 73  LEU n 
1 74  PRO n 
1 75  GLY n 
1 76  PRO n 
1 77  PRO n 
1 78  LYS n 
1 79  GLU n 
1 80  ASP n 
1 81  LYS n 
1 82  ILE n 
1 83  VAL n 
1 84  ILE n 
1 85  GLN n 
1 86  TYR n 
1 87  ALA n 
1 88  GLU n 
1 89  VAL n 
1 90  PRO n 
1 91  ALA n 
1 92  GLU n 
1 93  GLU n 
1 94  THR n 
1 95  ASP n 
1 96  PRO n 
1 97  MSE n 
1 98  ALA n 
1 99  PRO n 
1 100 PHE n 
1 101 LYS n 
1 102 ALA n 
1 103 GLY n 
1 104 ALA n 
1 105 GLN n 
1 106 GLN n 
1 107 GLY n 
1 108 GLU n 
1 109 ILE n 
1 110 ILE n 
1 111 VAL n 
1 112 LYS n 
1 113 LEU n 
1 114 ILE n 
1 115 ALA n 
1 116 ALA n 
# 
_entity_src_gen.entity_id                          1 
_entity_src_gen.pdbx_src_id                        1 
_entity_src_gen.pdbx_alt_source_flag               sample 
_entity_src_gen.pdbx_seq_type                      ? 
_entity_src_gen.pdbx_beg_seq_num                   ? 
_entity_src_gen.pdbx_end_seq_num                   ? 
_entity_src_gen.gene_src_common_name               ? 
_entity_src_gen.gene_src_genus                     Caenorhabditis 
_entity_src_gen.pdbx_gene_src_gene                 ? 
_entity_src_gen.gene_src_species                   ? 
_entity_src_gen.gene_src_strain                    ? 
_entity_src_gen.gene_src_tissue                    ? 
_entity_src_gen.gene_src_tissue_fraction           ? 
_entity_src_gen.gene_src_details                   ? 
_entity_src_gen.pdbx_gene_src_fragment             ? 
_entity_src_gen.pdbx_gene_src_scientific_name      'Caenorhabditis elegans' 
_entity_src_gen.pdbx_gene_src_ncbi_taxonomy_id     6239 
_entity_src_gen.pdbx_gene_src_variant              ? 
_entity_src_gen.pdbx_gene_src_cell_line            ? 
_entity_src_gen.pdbx_gene_src_atcc                 ? 
_entity_src_gen.pdbx_gene_src_organ                ? 
_entity_src_gen.pdbx_gene_src_organelle            ? 
_entity_src_gen.pdbx_gene_src_cell                 ? 
_entity_src_gen.pdbx_gene_src_cellular_location    ? 
_entity_src_gen.host_org_common_name               ? 
_entity_src_gen.pdbx_host_org_scientific_name      'Escherichia coli' 
_entity_src_gen.pdbx_host_org_ncbi_taxonomy_id     562 
_entity_src_gen.host_org_genus                     Escherichia 
_entity_src_gen.pdbx_host_org_gene                 ? 
_entity_src_gen.pdbx_host_org_organ                ? 
_entity_src_gen.host_org_species                   ? 
_entity_src_gen.pdbx_host_org_tissue               ? 
_entity_src_gen.pdbx_host_org_tissue_fraction      ? 
_entity_src_gen.pdbx_host_org_strain               'BL21(DE3)pLysS' 
_entity_src_gen.pdbx_host_org_variant              ? 
_entity_src_gen.pdbx_host_org_cell_line            ? 
_entity_src_gen.pdbx_host_org_atcc                 ? 
_entity_src_gen.pdbx_host_org_culture_collection   ? 
_entity_src_gen.pdbx_host_org_cell                 ? 
_entity_src_gen.pdbx_host_org_organelle            ? 
_entity_src_gen.pdbx_host_org_cellular_location    ? 
_entity_src_gen.pdbx_host_org_vector_type          T7 
_entity_src_gen.pdbx_host_org_vector               plasmid 
_entity_src_gen.host_org_details                   ? 
_entity_src_gen.expression_system_id               ? 
_entity_src_gen.plasmid_name                       pET15 
_entity_src_gen.plasmid_details                    ? 
_entity_src_gen.pdbx_description                   ? 
# 
loop_
_chem_comp.id 
_chem_comp.type 
_chem_comp.mon_nstd_flag 
_chem_comp.name 
_chem_comp.pdbx_synonyms 
_chem_comp.formula 
_chem_comp.formula_weight 
ALA 'L-peptide linking' y ALANINE          ? 'C3 H7 N O2'     89.093  
ARG 'L-peptide linking' y ARGININE         ? 'C6 H15 N4 O2 1' 175.209 
ASN 'L-peptide linking' y ASPARAGINE       ? 'C4 H8 N2 O3'    132.118 
ASP 'L-peptide linking' y 'ASPARTIC ACID'  ? 'C4 H7 N O4'     133.103 
GLN 'L-peptide linking' y GLUTAMINE        ? 'C5 H10 N2 O3'   146.144 
GLU 'L-peptide linking' y 'GLUTAMIC ACID'  ? 'C5 H9 N O4'     147.129 
GLY 'peptide linking'   y GLYCINE          ? 'C2 H5 N O2'     75.067  
HIS 'L-peptide linking' y HISTIDINE        ? 'C6 H10 N3 O2 1' 156.162 
HOH non-polymer         . WATER            ? 'H2 O'           18.015  
ILE 'L-peptide linking' y ISOLEUCINE       ? 'C6 H13 N O2'    131.173 
LEU 'L-peptide linking' y LEUCINE          ? 'C6 H13 N O2'    131.173 
LYS 'L-peptide linking' y LYSINE           ? 'C6 H15 N2 O2 1' 147.195 
MET 'L-peptide linking' y METHIONINE       ? 'C5 H11 N O2 S'  149.211 
MSE 'L-peptide linking' n SELENOMETHIONINE ? 'C5 H11 N O2 Se' 196.106 
PHE 'L-peptide linking' y PHENYLALANINE    ? 'C9 H11 N O2'    165.189 
PRO 'L-peptide linking' y PROLINE          ? 'C5 H9 N O2'     115.130 
SER 'L-peptide linking' y SERINE           ? 'C3 H7 N O3'     105.093 
THR 'L-peptide linking' y THREONINE        ? 'C4 H9 N O3'     119.119 
TYR 'L-peptide linking' y TYROSINE         ? 'C9 H11 N O3'    181.189 
VAL 'L-peptide linking' y VALINE           ? 'C5 H11 N O2'    117.146 
# 
loop_
_pdbx_poly_seq_scheme.asym_id 
_pdbx_poly_seq_scheme.entity_id 
_pdbx_poly_seq_scheme.seq_id 
_pdbx_poly_seq_scheme.mon_id 
_pdbx_poly_seq_scheme.ndb_seq_num 
_pdbx_poly_seq_scheme.pdb_seq_num 
_pdbx_poly_seq_scheme.auth_seq_num 
_pdbx_poly_seq_scheme.pdb_mon_id 
_pdbx_poly_seq_scheme.auth_mon_id 
_pdbx_poly_seq_scheme.pdb_strand_id 
_pdbx_poly_seq_scheme.pdb_ins_code 
_pdbx_poly_seq_scheme.hetero 
A 1 1   MET 1   91  ?   ?   ?   A . n 
A 1 2   GLY 2   92  ?   ?   ?   A . n 
A 1 3   HIS 3   93  ?   ?   ?   A . n 
A 1 4   HIS 4   94  ?   ?   ?   A . n 
A 1 5   HIS 5   95  ?   ?   ?   A . n 
A 1 6   HIS 6   96  ?   ?   ?   A . n 
A 1 7   HIS 7   97  ?   ?   ?   A . n 
A 1 8   HIS 8   98  98  HIS HIS A . n 
A 1 9   SER 9   99  99  SER SER A . n 
A 1 10  MSE 10  100 100 MSE MSE A . n 
A 1 11  ILE 11  101 101 ILE ILE A . n 
A 1 12  ASN 12  102 102 ASN ASN A . n 
A 1 13  VAL 13  103 103 VAL VAL A . n 
A 1 14  ASP 14  104 104 ASP ASP A . n 
A 1 15  PRO 15  105 105 PRO PRO A . n 
A 1 16  PRO 16  106 106 PRO PRO A . n 
A 1 17  THR 17  107 107 THR THR A . n 
A 1 18  GLY 18  108 108 GLY GLY A . n 
A 1 19  ASN 19  109 109 ASN ASN A . n 
A 1 20  TYR 20  110 110 TYR TYR A . n 
A 1 21  PRO 21  111 111 PRO PRO A . n 
A 1 22  ALA 22  112 112 ALA ALA A . n 
A 1 23  THR 23  113 113 THR THR A . n 
A 1 24  GLY 24  114 114 GLY GLY A . n 
A 1 25  GLY 25  115 115 GLY GLY A . n 
A 1 26  ASN 26  116 116 ASN ASN A . n 
A 1 27  SER 27  117 117 SER SER A . n 
A 1 28  THR 28  118 118 THR THR A . n 
A 1 29  HIS 29  119 119 HIS HIS A . n 
A 1 30  ASN 30  120 120 ASN ASN A . n 
A 1 31  ILE 31  121 121 ILE ILE A . n 
A 1 32  THR 32  122 122 THR THR A . n 
A 1 33  SER 33  123 123 SER SER A . n 
A 1 34  GLU 34  124 124 GLU GLU A . n 
A 1 35  SER 35  125 125 SER SER A . n 
A 1 36  ASP 36  126 126 ASP ASP A . n 
A 1 37  SER 37  127 127 SER SER A . n 
A 1 38  ARG 38  128 128 ARG ARG A . n 
A 1 39  LEU 39  129 129 LEU LEU A . n 
A 1 40  ALA 40  130 130 ALA ALA A . n 
A 1 41  PHE 41  131 131 PHE PHE A . n 
A 1 42  LYS 42  132 132 LYS LYS A . n 
A 1 43  VAL 43  133 133 VAL VAL A . n 
A 1 44  LYS 44  134 134 LYS LYS A . n 
A 1 45  SER 45  135 135 SER SER A . n 
A 1 46  SER 46  136 136 SER SER A . n 
A 1 47  ASN 47  137 137 ASN ASN A . n 
A 1 48  ASN 48  138 138 ASN ASN A . n 
A 1 49  GLU 49  139 139 GLU GLU A . n 
A 1 50  HIS 50  140 140 HIS HIS A . n 
A 1 51  TYR 51  141 141 TYR TYR A . n 
A 1 52  ARG 52  142 142 ARG ARG A . n 
A 1 53  VAL 53  143 143 VAL VAL A . n 
A 1 54  ARG 54  144 144 ARG ARG A . n 
A 1 55  PRO 55  145 145 PRO PRO A . n 
A 1 56  VAL 56  146 146 VAL VAL A . n 
A 1 57  TYR 57  147 147 TYR TYR A . n 
A 1 58  GLY 58  148 148 GLY GLY A . n 
A 1 59  PHE 59  149 149 PHE PHE A . n 
A 1 60  VAL 60  150 150 VAL VAL A . n 
A 1 61  ASP 61  151 151 ASP ASP A . n 
A 1 62  ALA 62  152 152 ALA ALA A . n 
A 1 63  LYS 63  153 153 LYS LYS A . n 
A 1 64  GLY 64  154 154 GLY GLY A . n 
A 1 65  LYS 65  155 155 LYS LYS A . n 
A 1 66  SER 66  156 156 SER SER A . n 
A 1 67  LYS 67  157 157 LYS LYS A . n 
A 1 68  LEU 68  158 158 LEU LEU A . n 
A 1 69  ASP 69  159 159 ASP ASP A . n 
A 1 70  ILE 70  160 160 ILE ILE A . n 
A 1 71  ASN 71  161 161 ASN ASN A . n 
A 1 72  ARG 72  162 162 ARG ARG A . n 
A 1 73  LEU 73  163 163 LEU LEU A . n 
A 1 74  PRO 74  164 164 PRO PRO A . n 
A 1 75  GLY 75  165 165 GLY GLY A . n 
A 1 76  PRO 76  166 166 PRO PRO A . n 
A 1 77  PRO 77  167 167 PRO PRO A . n 
A 1 78  LYS 78  168 168 LYS LYS A . n 
A 1 79  GLU 79  169 169 GLU GLU A . n 
A 1 80  ASP 80  170 170 ASP ASP A . n 
A 1 81  LYS 81  171 171 LYS LYS A . n 
A 1 82  ILE 82  172 172 ILE ILE A . n 
A 1 83  VAL 83  173 173 VAL VAL A . n 
A 1 84  ILE 84  174 174 ILE ILE A . n 
A 1 85  GLN 85  175 175 GLN GLN A . n 
A 1 86  TYR 86  176 176 TYR TYR A . n 
A 1 87  ALA 87  177 177 ALA ALA A . n 
A 1 88  GLU 88  178 178 GLU GLU A . n 
A 1 89  VAL 89  179 179 VAL VAL A . n 
A 1 90  PRO 90  180 180 PRO PRO A . n 
A 1 91  ALA 91  181 181 ALA ALA A . n 
A 1 92  GLU 92  182 182 GLU GLU A . n 
A 1 93  GLU 93  183 183 GLU GLU A . n 
A 1 94  THR 94  184 184 THR THR A . n 
A 1 95  ASP 95  185 185 ASP ASP A . n 
A 1 96  PRO 96  186 186 PRO PRO A . n 
A 1 97  MSE 97  187 187 MSE MSE A . n 
A 1 98  ALA 98  188 188 ALA ALA A . n 
A 1 99  PRO 99  189 189 PRO PRO A . n 
A 1 100 PHE 100 190 190 PHE PHE A . n 
A 1 101 LYS 101 191 191 LYS LYS A . n 
A 1 102 ALA 102 192 192 ALA ALA A . n 
A 1 103 GLY 103 193 193 GLY GLY A . n 
A 1 104 ALA 104 194 194 ALA ALA A . n 
A 1 105 GLN 105 195 195 GLN GLN A . n 
A 1 106 GLN 106 196 196 GLN GLN A . n 
A 1 107 GLY 107 197 197 GLY GLY A . n 
A 1 108 GLU 108 198 198 GLU GLU A . n 
A 1 109 ILE 109 199 199 ILE ILE A . n 
A 1 110 ILE 110 200 200 ILE ILE A . n 
A 1 111 VAL 111 201 201 VAL VAL A . n 
A 1 112 LYS 112 202 202 LYS LYS A . n 
A 1 113 LEU 113 203 203 LEU LEU A . n 
A 1 114 ILE 114 204 204 ILE ILE A . n 
A 1 115 ALA 115 205 205 ALA ALA A . n 
A 1 116 ALA 116 206 206 ALA ALA A . n 
# 
loop_
_pdbx_nonpoly_scheme.asym_id 
_pdbx_nonpoly_scheme.entity_id 
_pdbx_nonpoly_scheme.mon_id 
_pdbx_nonpoly_scheme.ndb_seq_num 
_pdbx_nonpoly_scheme.pdb_seq_num 
_pdbx_nonpoly_scheme.auth_seq_num 
_pdbx_nonpoly_scheme.pdb_mon_id 
_pdbx_nonpoly_scheme.auth_mon_id 
_pdbx_nonpoly_scheme.pdb_strand_id 
_pdbx_nonpoly_scheme.pdb_ins_code 
B 2 HOH 1  301 301 HOH HOH A . 
B 2 HOH 2  302 302 HOH HOH A . 
B 2 HOH 3  303 303 HOH HOH A . 
B 2 HOH 4  304 304 HOH HOH A . 
B 2 HOH 5  305 305 HOH HOH A . 
B 2 HOH 6  306 306 HOH HOH A . 
B 2 HOH 7  307 307 HOH HOH A . 
B 2 HOH 8  308 308 HOH HOH A . 
B 2 HOH 9  309 309 HOH HOH A . 
B 2 HOH 10 310 310 HOH HOH A . 
B 2 HOH 11 311 311 HOH HOH A . 
B 2 HOH 12 312 312 HOH HOH A . 
B 2 HOH 13 313 313 HOH HOH A . 
B 2 HOH 14 314 314 HOH HOH A . 
B 2 HOH 15 315 315 HOH HOH A . 
B 2 HOH 16 316 316 HOH HOH A . 
B 2 HOH 17 317 317 HOH HOH A . 
B 2 HOH 18 318 318 HOH HOH A . 
B 2 HOH 19 319 319 HOH HOH A . 
B 2 HOH 20 320 320 HOH HOH A . 
B 2 HOH 21 321 321 HOH HOH A . 
B 2 HOH 22 322 322 HOH HOH A . 
B 2 HOH 23 323 323 HOH HOH A . 
B 2 HOH 24 324 324 HOH HOH A . 
B 2 HOH 25 325 325 HOH HOH A . 
B 2 HOH 26 326 326 HOH HOH A . 
B 2 HOH 27 327 327 HOH HOH A . 
B 2 HOH 28 328 328 HOH HOH A . 
B 2 HOH 29 329 329 HOH HOH A . 
B 2 HOH 30 330 330 HOH HOH A . 
B 2 HOH 31 331 331 HOH HOH A . 
B 2 HOH 32 332 332 HOH HOH A . 
B 2 HOH 33 333 333 HOH HOH A . 
B 2 HOH 34 334 334 HOH HOH A . 
B 2 HOH 35 335 335 HOH HOH A . 
B 2 HOH 36 336 336 HOH HOH A . 
B 2 HOH 37 337 337 HOH HOH A . 
B 2 HOH 38 338 338 HOH HOH A . 
B 2 HOH 39 339 339 HOH HOH A . 
B 2 HOH 40 340 340 HOH HOH A . 
B 2 HOH 41 341 341 HOH HOH A . 
B 2 HOH 42 342 342 HOH HOH A . 
B 2 HOH 43 343 343 HOH HOH A . 
B 2 HOH 44 344 344 HOH HOH A . 
B 2 HOH 45 346 346 HOH HOH A . 
B 2 HOH 46 347 347 HOH HOH A . 
B 2 HOH 47 348 348 HOH HOH A . 
B 2 HOH 48 349 349 HOH HOH A . 
B 2 HOH 49 350 350 HOH HOH A . 
B 2 HOH 50 351 351 HOH HOH A . 
B 2 HOH 51 352 352 HOH HOH A . 
B 2 HOH 52 353 353 HOH HOH A . 
B 2 HOH 53 354 354 HOH HOH A . 
B 2 HOH 54 355 355 HOH HOH A . 
B 2 HOH 55 356 356 HOH HOH A . 
B 2 HOH 56 357 357 HOH HOH A . 
B 2 HOH 57 358 358 HOH HOH A . 
B 2 HOH 58 359 359 HOH HOH A . 
B 2 HOH 59 360 360 HOH HOH A . 
B 2 HOH 60 362 362 HOH HOH A . 
B 2 HOH 61 363 363 HOH HOH A . 
B 2 HOH 62 364 364 HOH HOH A . 
B 2 HOH 63 365 365 HOH HOH A . 
B 2 HOH 64 366 366 HOH HOH A . 
B 2 HOH 65 367 367 HOH HOH A . 
B 2 HOH 66 368 368 HOH HOH A . 
B 2 HOH 67 369 369 HOH HOH A . 
B 2 HOH 68 370 370 HOH HOH A . 
B 2 HOH 69 371 371 HOH HOH A . 
B 2 HOH 70 372 372 HOH HOH A . 
B 2 HOH 71 373 373 HOH HOH A . 
B 2 HOH 72 374 374 HOH HOH A . 
B 2 HOH 73 375 375 HOH HOH A . 
B 2 HOH 74 376 376 HOH HOH A . 
B 2 HOH 75 377 377 HOH HOH A . 
B 2 HOH 76 378 378 HOH HOH A . 
B 2 HOH 77 379 379 HOH HOH A . 
B 2 HOH 78 380 380 HOH HOH A . 
B 2 HOH 79 381 381 HOH HOH A . 
B 2 HOH 80 382 382 HOH HOH A . 
B 2 HOH 81 383 383 HOH HOH A . 
B 2 HOH 82 384 384 HOH HOH A . 
B 2 HOH 83 385 385 HOH HOH A . 
B 2 HOH 84 386 386 HOH HOH A . 
B 2 HOH 85 387 387 HOH HOH A . 
B 2 HOH 86 388 388 HOH HOH A . 
B 2 HOH 87 389 389 HOH HOH A . 
B 2 HOH 88 390 390 HOH HOH A . 
B 2 HOH 89 391 391 HOH HOH A . 
B 2 HOH 90 392 392 HOH HOH A . 
# 
loop_
_software.name 
_software.classification 
_software.version 
_software.citation_id 
_software.pdbx_ordinal 
X-PLOR    refinement       3.851 ? 1 
SCALEPACK 'data scaling'   .     ? 2 
CNS       refinement       .     ? 3 
DENZO     'data reduction' .     ? 4 
CNS       phasing          .     ? 5 
# 
_cell.entry_id           1M1S 
_cell.length_a           25.420 
_cell.length_b           34.020 
_cell.length_c           101.240 
_cell.angle_alpha        90.00 
_cell.angle_beta         90.00 
_cell.angle_gamma        90.00 
_cell.Z_PDB              4 
_cell.pdbx_unique_axis   ? 
# 
_symmetry.entry_id                         1M1S 
_symmetry.space_group_name_H-M             'P 21 21 21' 
_symmetry.pdbx_full_space_group_name_H-M   ? 
_symmetry.cell_setting                     ? 
_symmetry.Int_Tables_number                19 
# 
_exptl.entry_id          1M1S 
_exptl.method            'X-RAY DIFFRACTION' 
_exptl.crystals_number   1 
# 
_exptl_crystal.id                    1 
_exptl_crystal.density_meas          ? 
_exptl_crystal.density_percent_sol   27.95 
_exptl_crystal.density_Matthews      1.71 
_exptl_crystal.description           ? 
# 
_exptl_crystal_grow.crystal_id      1 
_exptl_crystal_grow.method          'VAPOR DIFFUSION, HANGING DROP' 
_exptl_crystal_grow.temp            294 
_exptl_crystal_grow.temp_details    ? 
_exptl_crystal_grow.pH              6.5 
_exptl_crystal_grow.pdbx_details    'PEG 1500 MPD, pH 6.5, VAPOR DIFFUSION, HANGING DROP, temperature 294K' 
_exptl_crystal_grow.pdbx_pH_range   . 
# 
_diffrn.id                     1 
_diffrn.ambient_temp           100.0 
_diffrn.ambient_temp_details   ? 
_diffrn.crystal_id             1 
# 
_diffrn_detector.diffrn_id              1 
_diffrn_detector.detector               CCD 
_diffrn_detector.type                   ? 
_diffrn_detector.pdbx_collection_date   2002-03-28 
_diffrn_detector.details                ? 
# 
_diffrn_radiation.diffrn_id                        1 
_diffrn_radiation.wavelength_id                    1 
_diffrn_radiation.pdbx_monochromatic_or_laue_m_l   M 
_diffrn_radiation.monochromator                    ? 
_diffrn_radiation.pdbx_diffrn_protocol             MAD 
_diffrn_radiation.pdbx_scattering_type             x-ray 
# 
loop_
_diffrn_radiation_wavelength.id 
_diffrn_radiation_wavelength.wavelength 
_diffrn_radiation_wavelength.wt 
1 0.95373 1.0 
2 0.97829 1.0 
3 0.97812 1.0 
# 
_diffrn_source.diffrn_id                   1 
_diffrn_source.source                      SYNCHROTRON 
_diffrn_source.type                        'APS BEAMLINE 14-BM-C' 
_diffrn_source.pdbx_synchrotron_site       APS 
_diffrn_source.pdbx_synchrotron_beamline   14-BM-C 
_diffrn_source.pdbx_wavelength             ? 
_diffrn_source.pdbx_wavelength_list        '0.95373, 0.97829, 0.97812,' 
# 
_reflns.entry_id                     1M1S 
_reflns.observed_criterion_sigma_I   ? 
_reflns.observed_criterion_sigma_F   ? 
_reflns.d_resolution_low             32.25 
_reflns.d_resolution_high            1.8 
_reflns.number_obs                   8645 
_reflns.number_all                   8645 
_reflns.percent_possible_obs         ? 
_reflns.pdbx_Rmerge_I_obs            ? 
_reflns.pdbx_Rsym_value              ? 
_reflns.pdbx_netI_over_sigmaI        ? 
_reflns.B_iso_Wilson_estimate        68.8 
_reflns.pdbx_redundancy              ? 
_reflns.R_free_details               ? 
_reflns.limit_h_max                  ? 
_reflns.limit_h_min                  ? 
_reflns.limit_k_max                  ? 
_reflns.limit_k_min                  ? 
_reflns.limit_l_max                  ? 
_reflns.limit_l_min                  ? 
_reflns.observed_criterion_F_max     ? 
_reflns.observed_criterion_F_min     ? 
_reflns.pdbx_diffrn_id               1 
_reflns.pdbx_ordinal                 1 
# 
_refine.entry_id                                 1M1S 
_refine.ls_number_reflns_obs                     8375 
_refine.ls_number_reflns_all                     ? 
_refine.pdbx_ls_sigma_I                          ? 
_refine.pdbx_ls_sigma_F                          1.0 
_refine.pdbx_data_cutoff_high_absF               1000000.00 
_refine.pdbx_data_cutoff_low_absF                0.010000 
_refine.ls_d_res_low                             32.25 
_refine.ls_d_res_high                            1.8 
_refine.ls_percent_reflns_obs                    96.7 
_refine.ls_R_factor_obs                          0.278 
_refine.ls_R_factor_all                          ? 
_refine.ls_R_factor_R_work                       0.278 
_refine.ls_R_factor_R_free                       0.2927 
_refine.ls_R_factor_R_free_error                 0.011 
_refine.ls_R_factor_R_free_error_details         ? 
_refine.ls_percent_reflns_R_free                 10.2 
_refine.ls_number_reflns_R_free                  851 
_refine.ls_number_parameters                     ? 
_refine.ls_number_restraints                     ? 
_refine.occupancy_min                            ? 
_refine.occupancy_max                            ? 
_refine.correlation_coeff_Fo_to_Fc               ? 
_refine.correlation_coeff_Fo_to_Fc_free          ? 
_refine.B_iso_mean                               69.3 
_refine.aniso_B[1][1]                            0.12 
_refine.aniso_B[2][2]                            0.71 
_refine.aniso_B[3][3]                            -0.82 
_refine.aniso_B[1][2]                            0.00 
_refine.aniso_B[1][3]                            0.00 
_refine.aniso_B[2][3]                            0.00 
_refine.solvent_model_details                    ? 
_refine.solvent_model_param_ksol                 ? 
_refine.solvent_model_param_bsol                 ? 
_refine.pdbx_solvent_vdw_probe_radii             ? 
_refine.pdbx_solvent_ion_probe_radii             ? 
_refine.pdbx_solvent_shrinkage_radii             ? 
_refine.pdbx_ls_cross_valid_method               THROUGHOUT 
_refine.details                                  'BULK SOLVENT MODEL USED' 
_refine.pdbx_starting_model                      ? 
_refine.pdbx_method_to_determine_struct          MAD 
_refine.pdbx_isotropic_thermal_model             RESTRAINED 
_refine.pdbx_stereochemistry_target_values       'Engh & Huber' 
_refine.pdbx_stereochem_target_val_spec_case     ? 
_refine.pdbx_R_Free_selection_details            RANDOM 
_refine.pdbx_overall_ESU_R_Free                  ? 
_refine.overall_SU_B                             ? 
_refine.ls_redundancy_reflns_obs                 ? 
_refine.B_iso_min                                ? 
_refine.B_iso_max                                ? 
_refine.overall_SU_R_Cruickshank_DPI             ? 
_refine.overall_SU_R_free                        ? 
_refine.overall_SU_ML                            ? 
_refine.pdbx_overall_ESU_R                       ? 
_refine.pdbx_data_cutoff_high_rms_absF           1000000.00 
_refine.pdbx_refine_id                           'X-RAY DIFFRACTION' 
_refine.pdbx_diffrn_id                           1 
_refine.pdbx_TLS_residual_ADP_flag               ? 
_refine.pdbx_overall_phase_error                 ? 
_refine.pdbx_overall_SU_R_free_Cruickshank_DPI   ? 
_refine.pdbx_overall_SU_R_Blow_DPI               ? 
_refine.pdbx_overall_SU_R_free_Blow_DPI          ? 
# 
_refine_analyze.entry_id                        1M1S 
_refine_analyze.Luzzati_coordinate_error_obs    0.53 
_refine_analyze.Luzzati_sigma_a_obs             0.66 
_refine_analyze.Luzzati_d_res_low_obs           3.00 
_refine_analyze.Luzzati_coordinate_error_free   0.57 
_refine_analyze.Luzzati_sigma_a_free            0.58 
_refine_analyze.Luzzati_d_res_low_free          ? 
_refine_analyze.number_disordered_residues      ? 
_refine_analyze.occupancy_sum_hydrogen          ? 
_refine_analyze.occupancy_sum_non_hydrogen      ? 
_refine_analyze.pdbx_Luzzati_d_res_high_obs     ? 
_refine_analyze.pdbx_refine_id                  'X-RAY DIFFRACTION' 
# 
_refine_hist.pdbx_refine_id                   'X-RAY DIFFRACTION' 
_refine_hist.cycle_id                         LAST 
_refine_hist.pdbx_number_atoms_protein        835 
_refine_hist.pdbx_number_atoms_nucleic_acid   0 
_refine_hist.pdbx_number_atoms_ligand         0 
_refine_hist.number_atoms_solvent             92 
_refine_hist.number_atoms_total               927 
_refine_hist.d_res_high                       1.8 
_refine_hist.d_res_low                        32.25 
# 
loop_
_refine_ls_restr.type 
_refine_ls_restr.dev_ideal 
_refine_ls_restr.dev_ideal_target 
_refine_ls_restr.weight 
_refine_ls_restr.number 
_refine_ls_restr.pdbx_refine_id 
_refine_ls_restr.pdbx_restraint_function 
x_bond_d           0.013 ?    ? ? 'X-RAY DIFFRACTION' ? 
x_angle_deg        1.8   ?    ? ? 'X-RAY DIFFRACTION' ? 
x_dihedral_angle_d 28.7  ?    ? ? 'X-RAY DIFFRACTION' ? 
x_improper_angle_d 1.84  ?    ? ? 'X-RAY DIFFRACTION' ? 
x_mcbond_it        0.00  1.50 ? ? 'X-RAY DIFFRACTION' ? 
x_mcangle_it       0.00  2.00 ? ? 'X-RAY DIFFRACTION' ? 
x_scbond_it        0.00  2.00 ? ? 'X-RAY DIFFRACTION' ? 
x_scangle_it       0.00  2.50 ? ? 'X-RAY DIFFRACTION' ? 
# 
_refine_ls_shell.pdbx_total_number_of_bins_used   8 
_refine_ls_shell.d_res_high                       1.80 
_refine_ls_shell.d_res_low                        1.88 
_refine_ls_shell.number_reflns_R_work             832 
_refine_ls_shell.R_factor_R_work                  0.235 
_refine_ls_shell.percent_reflns_obs               90.4 
_refine_ls_shell.R_factor_R_free                  0.2898 
_refine_ls_shell.R_factor_R_free_error            0.051 
_refine_ls_shell.percent_reflns_R_free            10.6 
_refine_ls_shell.number_reflns_R_free             99 
_refine_ls_shell.number_reflns_obs                ? 
_refine_ls_shell.redundancy_reflns_obs            ? 
_refine_ls_shell.number_reflns_all                ? 
_refine_ls_shell.pdbx_refine_id                   'X-RAY DIFFRACTION' 
_refine_ls_shell.R_factor_all                     ? 
# 
loop_
_pdbx_xplor_file.serial_no 
_pdbx_xplor_file.param_file 
_pdbx_xplor_file.topol_file 
_pdbx_xplor_file.pdbx_refine_id 
1 PS_PAR PS_PAR 'X-RAY DIFFRACTION' 
2 PARA   TOPH   'X-RAY DIFFRACTION' 
3 PAR.   TOP_   'X-RAY DIFFRACTION' 
# 
_struct.entry_id                  1M1S 
_struct.title                     'Structure of WR4, a C.elegans MSP family member' 
_struct.pdbx_model_details        ? 
_struct.pdbx_CASP_flag            ? 
_struct.pdbx_model_type_details   ? 
# 
_struct_keywords.entry_id        1M1S 
_struct_keywords.pdbx_keywords   'STRUCTURAL GENOMICS, UNKNOWN FUNCTION' 
_struct_keywords.text            
;structural genomics, major sperm protein, bioinformatics, PSI, Protein Structure Initiative, Northeast Structural Genomics Consortium, NESG, UNKNOWN FUNCTION
;
# 
loop_
_struct_asym.id 
_struct_asym.pdbx_blank_PDB_chainid_flag 
_struct_asym.pdbx_modified 
_struct_asym.entity_id 
_struct_asym.details 
A N N 1 ? 
B N N 2 ? 
# 
_struct_ref.id                         1 
_struct_ref.db_name                    UNP 
_struct_ref.db_code                    SSPZC_CAEEL 
_struct_ref.entity_id                  1 
_struct_ref.pdbx_seq_one_letter_code   
;MINVDPPTGNYPATGGNSTHNITSESDSRLAFKVKSSNNEHYRVRPVYGFVDAKGKSKLDINRLPGPPKEDKIVIQYAEV
PAEETDPMAPFKAGAQQGEIIVKLIAA
;
_struct_ref.pdbx_align_begin           1 
_struct_ref.pdbx_db_accession          Q23246 
_struct_ref.pdbx_db_isoform            ? 
# 
_struct_ref_seq.align_id                      1 
_struct_ref_seq.ref_id                        1 
_struct_ref_seq.pdbx_PDB_id_code              1M1S 
_struct_ref_seq.pdbx_strand_id                A 
_struct_ref_seq.seq_align_beg                 10 
_struct_ref_seq.pdbx_seq_align_beg_ins_code   ? 
_struct_ref_seq.seq_align_end                 116 
_struct_ref_seq.pdbx_seq_align_end_ins_code   ? 
_struct_ref_seq.pdbx_db_accession             Q23246 
_struct_ref_seq.db_align_beg                  1 
_struct_ref_seq.pdbx_db_align_beg_ins_code    ? 
_struct_ref_seq.db_align_end                  107 
_struct_ref_seq.pdbx_db_align_end_ins_code    ? 
_struct_ref_seq.pdbx_auth_seq_align_beg       100 
_struct_ref_seq.pdbx_auth_seq_align_end       206 
# 
loop_
_struct_ref_seq_dif.align_id 
_struct_ref_seq_dif.pdbx_pdb_id_code 
_struct_ref_seq_dif.mon_id 
_struct_ref_seq_dif.pdbx_pdb_strand_id 
_struct_ref_seq_dif.seq_num 
_struct_ref_seq_dif.pdbx_pdb_ins_code 
_struct_ref_seq_dif.pdbx_seq_db_name 
_struct_ref_seq_dif.pdbx_seq_db_accession_code 
_struct_ref_seq_dif.db_mon_id 
_struct_ref_seq_dif.pdbx_seq_db_seq_num 
_struct_ref_seq_dif.details 
_struct_ref_seq_dif.pdbx_auth_seq_num 
_struct_ref_seq_dif.pdbx_ordinal 
1 1M1S MET A 1  ? UNP Q23246 ?   ?  'expression tag'   91  1  
1 1M1S GLY A 2  ? UNP Q23246 ?   ?  'expression tag'   92  2  
1 1M1S HIS A 3  ? UNP Q23246 ?   ?  'expression tag'   93  3  
1 1M1S HIS A 4  ? UNP Q23246 ?   ?  'expression tag'   94  4  
1 1M1S HIS A 5  ? UNP Q23246 ?   ?  'expression tag'   95  5  
1 1M1S HIS A 6  ? UNP Q23246 ?   ?  'expression tag'   96  6  
1 1M1S HIS A 7  ? UNP Q23246 ?   ?  'expression tag'   97  7  
1 1M1S HIS A 8  ? UNP Q23246 ?   ?  'expression tag'   98  8  
1 1M1S SER A 9  ? UNP Q23246 ?   ?  'expression tag'   99  9  
1 1M1S MSE A 10 ? UNP Q23246 MET 1  'modified residue' 100 10 
1 1M1S MSE A 97 ? UNP Q23246 MET 88 'modified residue' 187 11 
# 
_pdbx_struct_assembly.id                   1 
_pdbx_struct_assembly.details              author_defined_assembly 
_pdbx_struct_assembly.method_details       ? 
_pdbx_struct_assembly.oligomeric_details   monomeric 
_pdbx_struct_assembly.oligomeric_count     1 
# 
_pdbx_struct_assembly_gen.assembly_id       1 
_pdbx_struct_assembly_gen.oper_expression   1 
_pdbx_struct_assembly_gen.asym_id_list      A,B 
# 
_pdbx_struct_oper_list.id                   1 
_pdbx_struct_oper_list.type                 'identity operation' 
_pdbx_struct_oper_list.name                 1_555 
_pdbx_struct_oper_list.symmetry_operation   x,y,z 
_pdbx_struct_oper_list.matrix[1][1]         1.0000000000 
_pdbx_struct_oper_list.matrix[1][2]         0.0000000000 
_pdbx_struct_oper_list.matrix[1][3]         0.0000000000 
_pdbx_struct_oper_list.vector[1]            0.0000000000 
_pdbx_struct_oper_list.matrix[2][1]         0.0000000000 
_pdbx_struct_oper_list.matrix[2][2]         1.0000000000 
_pdbx_struct_oper_list.matrix[2][3]         0.0000000000 
_pdbx_struct_oper_list.vector[2]            0.0000000000 
_pdbx_struct_oper_list.matrix[3][1]         0.0000000000 
_pdbx_struct_oper_list.matrix[3][2]         0.0000000000 
_pdbx_struct_oper_list.matrix[3][3]         1.0000000000 
_pdbx_struct_oper_list.vector[3]            0.0000000000 
# 
_struct_conf.conf_type_id            HELX_P 
_struct_conf.id                      HELX_P1 
_struct_conf.pdbx_PDB_helix_id       1 
_struct_conf.beg_label_comp_id       MSE 
_struct_conf.beg_label_asym_id       A 
_struct_conf.beg_label_seq_id        97 
_struct_conf.pdbx_beg_PDB_ins_code   ? 
_struct_conf.end_label_comp_id       ALA 
_struct_conf.end_label_asym_id       A 
_struct_conf.end_label_seq_id        102 
_struct_conf.pdbx_end_PDB_ins_code   ? 
_struct_conf.beg_auth_comp_id        MSE 
_struct_conf.beg_auth_asym_id        A 
_struct_conf.beg_auth_seq_id         187 
_struct_conf.end_auth_comp_id        ALA 
_struct_conf.end_auth_asym_id        A 
_struct_conf.end_auth_seq_id         192 
_struct_conf.pdbx_PDB_helix_class    1 
_struct_conf.details                 ? 
_struct_conf.pdbx_PDB_helix_length   6 
# 
_struct_conf_type.id          HELX_P 
_struct_conf_type.criteria    ? 
_struct_conf_type.reference   ? 
# 
loop_
_struct_conn.id 
_struct_conn.conn_type_id 
_struct_conn.pdbx_leaving_atom_flag 
_struct_conn.pdbx_PDB_id 
_struct_conn.ptnr1_label_asym_id 
_struct_conn.ptnr1_label_comp_id 
_struct_conn.ptnr1_label_seq_id 
_struct_conn.ptnr1_label_atom_id 
_struct_conn.pdbx_ptnr1_label_alt_id 
_struct_conn.pdbx_ptnr1_PDB_ins_code 
_struct_conn.pdbx_ptnr1_standard_comp_id 
_struct_conn.ptnr1_symmetry 
_struct_conn.ptnr2_label_asym_id 
_struct_conn.ptnr2_label_comp_id 
_struct_conn.ptnr2_label_seq_id 
_struct_conn.ptnr2_label_atom_id 
_struct_conn.pdbx_ptnr2_label_alt_id 
_struct_conn.pdbx_ptnr2_PDB_ins_code 
_struct_conn.ptnr1_auth_asym_id 
_struct_conn.ptnr1_auth_comp_id 
_struct_conn.ptnr1_auth_seq_id 
_struct_conn.ptnr2_auth_asym_id 
_struct_conn.ptnr2_auth_comp_id 
_struct_conn.ptnr2_auth_seq_id 
_struct_conn.ptnr2_symmetry 
_struct_conn.pdbx_ptnr3_label_atom_id 
_struct_conn.pdbx_ptnr3_label_seq_id 
_struct_conn.pdbx_ptnr3_label_comp_id 
_struct_conn.pdbx_ptnr3_label_asym_id 
_struct_conn.pdbx_ptnr3_label_alt_id 
_struct_conn.pdbx_ptnr3_PDB_ins_code 
_struct_conn.details 
_struct_conn.pdbx_dist_value 
_struct_conn.pdbx_value_order 
_struct_conn.pdbx_role 
covale1 covale both ? A SER 9  C ? ? ? 1_555 A MSE 10 N ? ? A SER 99  A MSE 100 1_555 ? ? ? ? ? ? ? 1.332 ? ? 
covale2 covale both ? A MSE 10 C ? ? ? 1_555 A ILE 11 N ? ? A MSE 100 A ILE 101 1_555 ? ? ? ? ? ? ? 1.338 ? ? 
covale3 covale both ? A PRO 96 C ? ? ? 1_555 A MSE 97 N ? ? A PRO 186 A MSE 187 1_555 ? ? ? ? ? ? ? 1.335 ? ? 
covale4 covale both ? A MSE 97 C ? ? ? 1_555 A ALA 98 N ? ? A MSE 187 A ALA 188 1_555 ? ? ? ? ? ? ? 1.337 ? ? 
# 
_struct_conn_type.id          covale 
_struct_conn_type.criteria    ? 
_struct_conn_type.reference   ? 
# 
loop_
_pdbx_modification_feature.ordinal 
_pdbx_modification_feature.label_comp_id 
_pdbx_modification_feature.label_asym_id 
_pdbx_modification_feature.label_seq_id 
_pdbx_modification_feature.label_alt_id 
_pdbx_modification_feature.modified_residue_label_comp_id 
_pdbx_modification_feature.modified_residue_label_asym_id 
_pdbx_modification_feature.modified_residue_label_seq_id 
_pdbx_modification_feature.modified_residue_label_alt_id 
_pdbx_modification_feature.auth_comp_id 
_pdbx_modification_feature.auth_asym_id 
_pdbx_modification_feature.auth_seq_id 
_pdbx_modification_feature.PDB_ins_code 
_pdbx_modification_feature.symmetry 
_pdbx_modification_feature.modified_residue_auth_comp_id 
_pdbx_modification_feature.modified_residue_auth_asym_id 
_pdbx_modification_feature.modified_residue_auth_seq_id 
_pdbx_modification_feature.modified_residue_PDB_ins_code 
_pdbx_modification_feature.modified_residue_symmetry 
_pdbx_modification_feature.comp_id_linking_atom 
_pdbx_modification_feature.modified_residue_id_linking_atom 
_pdbx_modification_feature.modified_residue_id 
_pdbx_modification_feature.ref_pcm_id 
_pdbx_modification_feature.ref_comp_id 
_pdbx_modification_feature.type 
_pdbx_modification_feature.category 
1 MSE A 10 ? . . . . MSE A 100 ? 1_555 . . . . . . . MET 1 MSE Selenomethionine 'Named protein modification' 
2 MSE A 97 ? . . . . MSE A 187 ? 1_555 . . . . . . . MET 1 MSE Selenomethionine 'Named protein modification' 
# 
loop_
_struct_mon_prot_cis.pdbx_id 
_struct_mon_prot_cis.label_comp_id 
_struct_mon_prot_cis.label_seq_id 
_struct_mon_prot_cis.label_asym_id 
_struct_mon_prot_cis.label_alt_id 
_struct_mon_prot_cis.pdbx_PDB_ins_code 
_struct_mon_prot_cis.auth_comp_id 
_struct_mon_prot_cis.auth_seq_id 
_struct_mon_prot_cis.auth_asym_id 
_struct_mon_prot_cis.pdbx_label_comp_id_2 
_struct_mon_prot_cis.pdbx_label_seq_id_2 
_struct_mon_prot_cis.pdbx_label_asym_id_2 
_struct_mon_prot_cis.pdbx_PDB_ins_code_2 
_struct_mon_prot_cis.pdbx_auth_comp_id_2 
_struct_mon_prot_cis.pdbx_auth_seq_id_2 
_struct_mon_prot_cis.pdbx_auth_asym_id_2 
_struct_mon_prot_cis.pdbx_PDB_model_num 
_struct_mon_prot_cis.pdbx_omega_angle 
1 ASP 14 A . ? ASP 104 A PRO 15 A ? PRO 105 A 1 -0.43 
2 ARG 54 A . ? ARG 144 A PRO 55 A ? PRO 145 A 1 -0.93 
# 
loop_
_struct_sheet.id 
_struct_sheet.type 
_struct_sheet.number_strands 
_struct_sheet.details 
A ? 4 ? 
B ? 5 ? 
# 
loop_
_struct_sheet_order.sheet_id 
_struct_sheet_order.range_id_1 
_struct_sheet_order.range_id_2 
_struct_sheet_order.offset 
_struct_sheet_order.sense 
A 1 2 ? anti-parallel 
A 2 3 ? anti-parallel 
A 3 4 ? anti-parallel 
B 1 2 ? parallel      
B 2 3 ? anti-parallel 
B 3 4 ? anti-parallel 
B 4 5 ? anti-parallel 
# 
loop_
_struct_sheet_range.sheet_id 
_struct_sheet_range.id 
_struct_sheet_range.beg_label_comp_id 
_struct_sheet_range.beg_label_asym_id 
_struct_sheet_range.beg_label_seq_id 
_struct_sheet_range.pdbx_beg_PDB_ins_code 
_struct_sheet_range.end_label_comp_id 
_struct_sheet_range.end_label_asym_id 
_struct_sheet_range.end_label_seq_id 
_struct_sheet_range.pdbx_end_PDB_ins_code 
_struct_sheet_range.beg_auth_comp_id 
_struct_sheet_range.beg_auth_asym_id 
_struct_sheet_range.beg_auth_seq_id 
_struct_sheet_range.end_auth_comp_id 
_struct_sheet_range.end_auth_asym_id 
_struct_sheet_range.end_auth_seq_id 
A 1 ILE A 11  ? ASN A 12  ? ILE A 101 ASN A 102 
A 2 GLY A 25  ? SER A 33  ? GLY A 115 SER A 123 
A 3 LYS A 65  ? ARG A 72  ? LYS A 155 ARG A 162 
A 4 TYR A 51  ? ARG A 54  ? TYR A 141 ARG A 144 
B 1 THR A 17  ? PRO A 21  ? THR A 107 PRO A 111 
B 2 GLY A 107 ? ALA A 116 ? GLY A 197 ALA A 206 
B 3 GLU A 79  ? VAL A 89  ? GLU A 169 VAL A 179 
B 4 ARG A 38  ? SER A 45  ? ARG A 128 SER A 135 
B 5 TYR A 57  ? VAL A 60  ? TYR A 147 VAL A 150 
# 
loop_
_pdbx_struct_sheet_hbond.sheet_id 
_pdbx_struct_sheet_hbond.range_id_1 
_pdbx_struct_sheet_hbond.range_id_2 
_pdbx_struct_sheet_hbond.range_1_label_atom_id 
_pdbx_struct_sheet_hbond.range_1_label_comp_id 
_pdbx_struct_sheet_hbond.range_1_label_asym_id 
_pdbx_struct_sheet_hbond.range_1_label_seq_id 
_pdbx_struct_sheet_hbond.range_1_PDB_ins_code 
_pdbx_struct_sheet_hbond.range_1_auth_atom_id 
_pdbx_struct_sheet_hbond.range_1_auth_comp_id 
_pdbx_struct_sheet_hbond.range_1_auth_asym_id 
_pdbx_struct_sheet_hbond.range_1_auth_seq_id 
_pdbx_struct_sheet_hbond.range_2_label_atom_id 
_pdbx_struct_sheet_hbond.range_2_label_comp_id 
_pdbx_struct_sheet_hbond.range_2_label_asym_id 
_pdbx_struct_sheet_hbond.range_2_label_seq_id 
_pdbx_struct_sheet_hbond.range_2_PDB_ins_code 
_pdbx_struct_sheet_hbond.range_2_auth_atom_id 
_pdbx_struct_sheet_hbond.range_2_auth_comp_id 
_pdbx_struct_sheet_hbond.range_2_auth_asym_id 
_pdbx_struct_sheet_hbond.range_2_auth_seq_id 
A 1 2 N ASN A 12  ? N ASN A 102 O THR A 32  ? O THR A 122 
A 2 3 N ILE A 31  ? N ILE A 121 O SER A 66  ? O SER A 156 
A 3 4 O ASP A 69  ? O ASP A 159 N ARG A 54  ? N ARG A 144 
B 1 2 N TYR A 20  ? N TYR A 110 O ILE A 114 ? O ILE A 204 
B 2 3 O VAL A 111 ? O VAL A 201 N ILE A 82  ? N ILE A 172 
B 3 4 O VAL A 89  ? O VAL A 179 N ARG A 38  ? N ARG A 128 
B 4 5 N PHE A 41  ? N PHE A 131 O GLY A 58  ? O GLY A 148 
# 
_pdbx_entry_details.entry_id                   1M1S 
_pdbx_entry_details.compound_details           ? 
_pdbx_entry_details.source_details             ? 
_pdbx_entry_details.nonpolymer_details         ? 
_pdbx_entry_details.sequence_details           ? 
_pdbx_entry_details.has_ligand_of_interest     ? 
_pdbx_entry_details.has_protein_modification   Y 
# 
loop_
_pdbx_validate_close_contact.id 
_pdbx_validate_close_contact.PDB_model_num 
_pdbx_validate_close_contact.auth_atom_id_1 
_pdbx_validate_close_contact.auth_asym_id_1 
_pdbx_validate_close_contact.auth_comp_id_1 
_pdbx_validate_close_contact.auth_seq_id_1 
_pdbx_validate_close_contact.PDB_ins_code_1 
_pdbx_validate_close_contact.label_alt_id_1 
_pdbx_validate_close_contact.auth_atom_id_2 
_pdbx_validate_close_contact.auth_asym_id_2 
_pdbx_validate_close_contact.auth_comp_id_2 
_pdbx_validate_close_contact.auth_seq_id_2 
_pdbx_validate_close_contact.PDB_ins_code_2 
_pdbx_validate_close_contact.label_alt_id_2 
_pdbx_validate_close_contact.dist 
1  1 O A HOH 380 ? ? O A HOH 390 ? ? 1.00 
2  1 O A HOH 348 ? ? O A HOH 366 ? ? 1.05 
3  1 O A HOH 339 ? ? O A HOH 367 ? ? 1.06 
4  1 O A HOH 357 ? ? O A HOH 375 ? ? 1.18 
5  1 O A HOH 304 ? ? O A HOH 374 ? ? 1.19 
6  1 O A HOH 348 ? ? O A HOH 388 ? ? 1.22 
7  1 O A HOH 355 ? ? O A HOH 373 ? ? 1.23 
8  1 O A HOH 336 ? ? O A HOH 372 ? ? 1.29 
9  1 O A HOH 326 ? ? O A HOH 390 ? ? 1.32 
10 1 O A HOH 346 ? ? O A HOH 365 ? ? 1.34 
11 1 O A HOH 334 ? ? O A HOH 371 ? ? 1.35 
12 1 O A HOH 356 ? ? O A HOH 374 ? ? 1.44 
13 1 O A HOH 312 ? ? O A HOH 365 ? ? 1.46 
14 1 O A HOH 364 ? ? O A HOH 387 ? ? 1.52 
15 1 O A HOH 381 ? ? O A HOH 391 ? ? 1.53 
16 1 O A HOH 350 ? ? O A HOH 368 ? ? 1.53 
17 1 O A HOH 366 ? ? O A HOH 388 ? ? 1.54 
18 1 O A HOH 358 ? ? O A HOH 377 ? ? 1.60 
19 1 O A HOH 352 ? ? O A HOH 370 ? ? 1.65 
20 1 O A HOH 351 ? ? O A HOH 369 ? ? 1.68 
21 1 O A HOH 376 ? ? O A HOH 389 ? ? 1.68 
22 1 O A HOH 359 ? ? O A HOH 378 ? ? 1.76 
23 1 O A HOH 362 ? ? O A HOH 391 ? ? 1.79 
24 1 O A HOH 324 ? ? O A HOH 383 ? ? 1.90 
25 1 O A HOH 326 ? ? O A HOH 380 ? ? 1.99 
26 1 O A HOH 316 ? ? O A HOH 340 ? ? 2.00 
27 1 O A HOH 349 ? ? O A HOH 367 ? ? 2.06 
28 1 O A HOH 301 ? ? O A HOH 347 ? ? 2.08 
29 1 O A HOH 335 ? ? O A HOH 343 ? ? 2.13 
# 
loop_
_pdbx_validate_symm_contact.id 
_pdbx_validate_symm_contact.PDB_model_num 
_pdbx_validate_symm_contact.auth_atom_id_1 
_pdbx_validate_symm_contact.auth_asym_id_1 
_pdbx_validate_symm_contact.auth_comp_id_1 
_pdbx_validate_symm_contact.auth_seq_id_1 
_pdbx_validate_symm_contact.PDB_ins_code_1 
_pdbx_validate_symm_contact.label_alt_id_1 
_pdbx_validate_symm_contact.site_symmetry_1 
_pdbx_validate_symm_contact.auth_atom_id_2 
_pdbx_validate_symm_contact.auth_asym_id_2 
_pdbx_validate_symm_contact.auth_comp_id_2 
_pdbx_validate_symm_contact.auth_seq_id_2 
_pdbx_validate_symm_contact.PDB_ins_code_2 
_pdbx_validate_symm_contact.label_alt_id_2 
_pdbx_validate_symm_contact.site_symmetry_2 
_pdbx_validate_symm_contact.dist 
1  1 O   A HOH 324 ? ? 1_555 O A HOH 359 ? ? 3_646 1.10 
2  1 CA  A ASP 159 ? ? 1_555 O A HOH 384 ? ? 3_656 1.28 
3  1 C   A ASP 159 ? ? 1_555 O A HOH 384 ? ? 3_656 1.40 
4  1 O   A HOH 349 ? ? 1_555 O A HOH 392 ? ? 1_655 1.47 
5  1 O   A HOH 307 ? ? 1_555 O A HOH 369 ? ? 3_656 1.48 
6  1 O   A HOH 363 ? ? 1_555 O A HOH 382 ? ? 4_567 1.52 
7  1 O   A ILE 160 ? ? 1_555 O A HOH 383 ? ? 3_656 1.52 
8  1 N   A ILE 160 ? ? 1_555 O A HOH 384 ? ? 3_656 1.53 
9  1 O   A HOH 332 ? ? 1_555 O A HOH 337 ? ? 4_467 1.53 
10 1 O   A HOH 360 ? ? 1_555 O A HOH 379 ? ? 4_467 1.59 
11 1 N   A LYS 157 ? ? 1_555 O A HOH 386 ? ? 3_656 1.61 
12 1 C   A SER 156 ? ? 1_555 O A HOH 386 ? ? 3_656 1.63 
13 1 O   A HOH 354 ? ? 1_555 O A HOH 372 ? ? 1_545 1.75 
14 1 N   A ILE 160 ? ? 1_555 O A HOH 383 ? ? 3_656 1.83 
15 1 O   A HOH 307 ? ? 1_555 O A HOH 351 ? ? 3_656 1.85 
16 1 O   A HOH 305 ? ? 1_555 O A HOH 387 ? ? 3_656 1.94 
17 1 C   A ILE 160 ? ? 1_555 O A HOH 383 ? ? 3_656 2.01 
18 1 OE1 A GLU 124 ? ? 1_555 O A HOH 334 ? ? 1_455 2.03 
19 1 OD1 A ASP 159 ? ? 1_555 O A HOH 385 ? ? 3_656 2.05 
20 1 O   A HOH 323 ? ? 1_555 O A HOH 363 ? ? 4_467 2.09 
21 1 N   A ASP 159 ? ? 1_555 O A HOH 384 ? ? 3_656 2.14 
22 1 O   A SER 117 ? ? 1_555 O A HOH 324 ? ? 3_656 2.19 
# 
loop_
_pdbx_validate_torsion.id 
_pdbx_validate_torsion.PDB_model_num 
_pdbx_validate_torsion.auth_comp_id 
_pdbx_validate_torsion.auth_asym_id 
_pdbx_validate_torsion.auth_seq_id 
_pdbx_validate_torsion.PDB_ins_code 
_pdbx_validate_torsion.label_alt_id 
_pdbx_validate_torsion.phi 
_pdbx_validate_torsion.psi 
1 1 SER A 99  ? ? 45.52   -93.74 
2 1 MSE A 100 ? ? 114.97  -5.24  
3 1 ASN A 138 ? ? -83.08  49.33  
4 1 GLU A 139 ? ? -152.29 -10.98 
5 1 ASP A 151 ? ? -46.67  166.37 
# 
_pdbx_SG_project.id                    1 
_pdbx_SG_project.project_name          'PSI, Protein Structure Initiative' 
_pdbx_SG_project.full_name_of_center   'Northeast Structural Genomics Consortium' 
_pdbx_SG_project.initial_of_center     NESG 
# 
loop_
_pdbx_struct_mod_residue.id 
_pdbx_struct_mod_residue.label_asym_id 
_pdbx_struct_mod_residue.label_comp_id 
_pdbx_struct_mod_residue.label_seq_id 
_pdbx_struct_mod_residue.auth_asym_id 
_pdbx_struct_mod_residue.auth_comp_id 
_pdbx_struct_mod_residue.auth_seq_id 
_pdbx_struct_mod_residue.PDB_ins_code 
_pdbx_struct_mod_residue.parent_comp_id 
_pdbx_struct_mod_residue.details 
1 A MSE 10 A MSE 100 ? MET SELENOMETHIONINE 
2 A MSE 97 A MSE 187 ? MET SELENOMETHIONINE 
# 
loop_
_pdbx_unobs_or_zero_occ_residues.id 
_pdbx_unobs_or_zero_occ_residues.PDB_model_num 
_pdbx_unobs_or_zero_occ_residues.polymer_flag 
_pdbx_unobs_or_zero_occ_residues.occupancy_flag 
_pdbx_unobs_or_zero_occ_residues.auth_asym_id 
_pdbx_unobs_or_zero_occ_residues.auth_comp_id 
_pdbx_unobs_or_zero_occ_residues.auth_seq_id 
_pdbx_unobs_or_zero_occ_residues.PDB_ins_code 
_pdbx_unobs_or_zero_occ_residues.label_asym_id 
_pdbx_unobs_or_zero_occ_residues.label_comp_id 
_pdbx_unobs_or_zero_occ_residues.label_seq_id 
1 1 Y 1 A MET 91 ? A MET 1 
2 1 Y 1 A GLY 92 ? A GLY 2 
3 1 Y 1 A HIS 93 ? A HIS 3 
4 1 Y 1 A HIS 94 ? A HIS 4 
5 1 Y 1 A HIS 95 ? A HIS 5 
6 1 Y 1 A HIS 96 ? A HIS 6 
7 1 Y 1 A HIS 97 ? A HIS 7 
# 
loop_
_chem_comp_atom.comp_id 
_chem_comp_atom.atom_id 
_chem_comp_atom.type_symbol 
_chem_comp_atom.pdbx_aromatic_flag 
_chem_comp_atom.pdbx_stereo_config 
_chem_comp_atom.pdbx_ordinal 
ALA N    N  N N 1   
ALA CA   C  N S 2   
ALA C    C  N N 3   
ALA O    O  N N 4   
ALA CB   C  N N 5   
ALA OXT  O  N N 6   
ALA H    H  N N 7   
ALA H2   H  N N 8   
ALA HA   H  N N 9   
ALA HB1  H  N N 10  
ALA HB2  H  N N 11  
ALA HB3  H  N N 12  
ALA HXT  H  N N 13  
ARG N    N  N N 14  
ARG CA   C  N S 15  
ARG C    C  N N 16  
ARG O    O  N N 17  
ARG CB   C  N N 18  
ARG CG   C  N N 19  
ARG CD   C  N N 20  
ARG NE   N  N N 21  
ARG CZ   C  N N 22  
ARG NH1  N  N N 23  
ARG NH2  N  N N 24  
ARG OXT  O  N N 25  
ARG H    H  N N 26  
ARG H2   H  N N 27  
ARG HA   H  N N 28  
ARG HB2  H  N N 29  
ARG HB3  H  N N 30  
ARG HG2  H  N N 31  
ARG HG3  H  N N 32  
ARG HD2  H  N N 33  
ARG HD3  H  N N 34  
ARG HE   H  N N 35  
ARG HH11 H  N N 36  
ARG HH12 H  N N 37  
ARG HH21 H  N N 38  
ARG HH22 H  N N 39  
ARG HXT  H  N N 40  
ASN N    N  N N 41  
ASN CA   C  N S 42  
ASN C    C  N N 43  
ASN O    O  N N 44  
ASN CB   C  N N 45  
ASN CG   C  N N 46  
ASN OD1  O  N N 47  
ASN ND2  N  N N 48  
ASN OXT  O  N N 49  
ASN H    H  N N 50  
ASN H2   H  N N 51  
ASN HA   H  N N 52  
ASN HB2  H  N N 53  
ASN HB3  H  N N 54  
ASN HD21 H  N N 55  
ASN HD22 H  N N 56  
ASN HXT  H  N N 57  
ASP N    N  N N 58  
ASP CA   C  N S 59  
ASP C    C  N N 60  
ASP O    O  N N 61  
ASP CB   C  N N 62  
ASP CG   C  N N 63  
ASP OD1  O  N N 64  
ASP OD2  O  N N 65  
ASP OXT  O  N N 66  
ASP H    H  N N 67  
ASP H2   H  N N 68  
ASP HA   H  N N 69  
ASP HB2  H  N N 70  
ASP HB3  H  N N 71  
ASP HD2  H  N N 72  
ASP HXT  H  N N 73  
GLN N    N  N N 74  
GLN CA   C  N S 75  
GLN C    C  N N 76  
GLN O    O  N N 77  
GLN CB   C  N N 78  
GLN CG   C  N N 79  
GLN CD   C  N N 80  
GLN OE1  O  N N 81  
GLN NE2  N  N N 82  
GLN OXT  O  N N 83  
GLN H    H  N N 84  
GLN H2   H  N N 85  
GLN HA   H  N N 86  
GLN HB2  H  N N 87  
GLN HB3  H  N N 88  
GLN HG2  H  N N 89  
GLN HG3  H  N N 90  
GLN HE21 H  N N 91  
GLN HE22 H  N N 92  
GLN HXT  H  N N 93  
GLU N    N  N N 94  
GLU CA   C  N S 95  
GLU C    C  N N 96  
GLU O    O  N N 97  
GLU CB   C  N N 98  
GLU CG   C  N N 99  
GLU CD   C  N N 100 
GLU OE1  O  N N 101 
GLU OE2  O  N N 102 
GLU OXT  O  N N 103 
GLU H    H  N N 104 
GLU H2   H  N N 105 
GLU HA   H  N N 106 
GLU HB2  H  N N 107 
GLU HB3  H  N N 108 
GLU HG2  H  N N 109 
GLU HG3  H  N N 110 
GLU HE2  H  N N 111 
GLU HXT  H  N N 112 
GLY N    N  N N 113 
GLY CA   C  N N 114 
GLY C    C  N N 115 
GLY O    O  N N 116 
GLY OXT  O  N N 117 
GLY H    H  N N 118 
GLY H2   H  N N 119 
GLY HA2  H  N N 120 
GLY HA3  H  N N 121 
GLY HXT  H  N N 122 
HIS N    N  N N 123 
HIS CA   C  N S 124 
HIS C    C  N N 125 
HIS O    O  N N 126 
HIS CB   C  N N 127 
HIS CG   C  Y N 128 
HIS ND1  N  Y N 129 
HIS CD2  C  Y N 130 
HIS CE1  C  Y N 131 
HIS NE2  N  Y N 132 
HIS OXT  O  N N 133 
HIS H    H  N N 134 
HIS H2   H  N N 135 
HIS HA   H  N N 136 
HIS HB2  H  N N 137 
HIS HB3  H  N N 138 
HIS HD1  H  N N 139 
HIS HD2  H  N N 140 
HIS HE1  H  N N 141 
HIS HE2  H  N N 142 
HIS HXT  H  N N 143 
HOH O    O  N N 144 
HOH H1   H  N N 145 
HOH H2   H  N N 146 
ILE N    N  N N 147 
ILE CA   C  N S 148 
ILE C    C  N N 149 
ILE O    O  N N 150 
ILE CB   C  N S 151 
ILE CG1  C  N N 152 
ILE CG2  C  N N 153 
ILE CD1  C  N N 154 
ILE OXT  O  N N 155 
ILE H    H  N N 156 
ILE H2   H  N N 157 
ILE HA   H  N N 158 
ILE HB   H  N N 159 
ILE HG12 H  N N 160 
ILE HG13 H  N N 161 
ILE HG21 H  N N 162 
ILE HG22 H  N N 163 
ILE HG23 H  N N 164 
ILE HD11 H  N N 165 
ILE HD12 H  N N 166 
ILE HD13 H  N N 167 
ILE HXT  H  N N 168 
LEU N    N  N N 169 
LEU CA   C  N S 170 
LEU C    C  N N 171 
LEU O    O  N N 172 
LEU CB   C  N N 173 
LEU CG   C  N N 174 
LEU CD1  C  N N 175 
LEU CD2  C  N N 176 
LEU OXT  O  N N 177 
LEU H    H  N N 178 
LEU H2   H  N N 179 
LEU HA   H  N N 180 
LEU HB2  H  N N 181 
LEU HB3  H  N N 182 
LEU HG   H  N N 183 
LEU HD11 H  N N 184 
LEU HD12 H  N N 185 
LEU HD13 H  N N 186 
LEU HD21 H  N N 187 
LEU HD22 H  N N 188 
LEU HD23 H  N N 189 
LEU HXT  H  N N 190 
LYS N    N  N N 191 
LYS CA   C  N S 192 
LYS C    C  N N 193 
LYS O    O  N N 194 
LYS CB   C  N N 195 
LYS CG   C  N N 196 
LYS CD   C  N N 197 
LYS CE   C  N N 198 
LYS NZ   N  N N 199 
LYS OXT  O  N N 200 
LYS H    H  N N 201 
LYS H2   H  N N 202 
LYS HA   H  N N 203 
LYS HB2  H  N N 204 
LYS HB3  H  N N 205 
LYS HG2  H  N N 206 
LYS HG3  H  N N 207 
LYS HD2  H  N N 208 
LYS HD3  H  N N 209 
LYS HE2  H  N N 210 
LYS HE3  H  N N 211 
LYS HZ1  H  N N 212 
LYS HZ2  H  N N 213 
LYS HZ3  H  N N 214 
LYS HXT  H  N N 215 
MET N    N  N N 216 
MET CA   C  N S 217 
MET C    C  N N 218 
MET O    O  N N 219 
MET CB   C  N N 220 
MET CG   C  N N 221 
MET SD   S  N N 222 
MET CE   C  N N 223 
MET OXT  O  N N 224 
MET H    H  N N 225 
MET H2   H  N N 226 
MET HA   H  N N 227 
MET HB2  H  N N 228 
MET HB3  H  N N 229 
MET HG2  H  N N 230 
MET HG3  H  N N 231 
MET HE1  H  N N 232 
MET HE2  H  N N 233 
MET HE3  H  N N 234 
MET HXT  H  N N 235 
MSE N    N  N N 236 
MSE CA   C  N S 237 
MSE C    C  N N 238 
MSE O    O  N N 239 
MSE OXT  O  N N 240 
MSE CB   C  N N 241 
MSE CG   C  N N 242 
MSE SE   SE N N 243 
MSE CE   C  N N 244 
MSE H    H  N N 245 
MSE H2   H  N N 246 
MSE HA   H  N N 247 
MSE HXT  H  N N 248 
MSE HB2  H  N N 249 
MSE HB3  H  N N 250 
MSE HG2  H  N N 251 
MSE HG3  H  N N 252 
MSE HE1  H  N N 253 
MSE HE2  H  N N 254 
MSE HE3  H  N N 255 
PHE N    N  N N 256 
PHE CA   C  N S 257 
PHE C    C  N N 258 
PHE O    O  N N 259 
PHE CB   C  N N 260 
PHE CG   C  Y N 261 
PHE CD1  C  Y N 262 
PHE CD2  C  Y N 263 
PHE CE1  C  Y N 264 
PHE CE2  C  Y N 265 
PHE CZ   C  Y N 266 
PHE OXT  O  N N 267 
PHE H    H  N N 268 
PHE H2   H  N N 269 
PHE HA   H  N N 270 
PHE HB2  H  N N 271 
PHE HB3  H  N N 272 
PHE HD1  H  N N 273 
PHE HD2  H  N N 274 
PHE HE1  H  N N 275 
PHE HE2  H  N N 276 
PHE HZ   H  N N 277 
PHE HXT  H  N N 278 
PRO N    N  N N 279 
PRO CA   C  N S 280 
PRO C    C  N N 281 
PRO O    O  N N 282 
PRO CB   C  N N 283 
PRO CG   C  N N 284 
PRO CD   C  N N 285 
PRO OXT  O  N N 286 
PRO H    H  N N 287 
PRO HA   H  N N 288 
PRO HB2  H  N N 289 
PRO HB3  H  N N 290 
PRO HG2  H  N N 291 
PRO HG3  H  N N 292 
PRO HD2  H  N N 293 
PRO HD3  H  N N 294 
PRO HXT  H  N N 295 
SER N    N  N N 296 
SER CA   C  N S 297 
SER C    C  N N 298 
SER O    O  N N 299 
SER CB   C  N N 300 
SER OG   O  N N 301 
SER OXT  O  N N 302 
SER H    H  N N 303 
SER H2   H  N N 304 
SER HA   H  N N 305 
SER HB2  H  N N 306 
SER HB3  H  N N 307 
SER HG   H  N N 308 
SER HXT  H  N N 309 
THR N    N  N N 310 
THR CA   C  N S 311 
THR C    C  N N 312 
THR O    O  N N 313 
THR CB   C  N R 314 
THR OG1  O  N N 315 
THR CG2  C  N N 316 
THR OXT  O  N N 317 
THR H    H  N N 318 
THR H2   H  N N 319 
THR HA   H  N N 320 
THR HB   H  N N 321 
THR HG1  H  N N 322 
THR HG21 H  N N 323 
THR HG22 H  N N 324 
THR HG23 H  N N 325 
THR HXT  H  N N 326 
TYR N    N  N N 327 
TYR CA   C  N S 328 
TYR C    C  N N 329 
TYR O    O  N N 330 
TYR CB   C  N N 331 
TYR CG   C  Y N 332 
TYR CD1  C  Y N 333 
TYR CD2  C  Y N 334 
TYR CE1  C  Y N 335 
TYR CE2  C  Y N 336 
TYR CZ   C  Y N 337 
TYR OH   O  N N 338 
TYR OXT  O  N N 339 
TYR H    H  N N 340 
TYR H2   H  N N 341 
TYR HA   H  N N 342 
TYR HB2  H  N N 343 
TYR HB3  H  N N 344 
TYR HD1  H  N N 345 
TYR HD2  H  N N 346 
TYR HE1  H  N N 347 
TYR HE2  H  N N 348 
TYR HH   H  N N 349 
TYR HXT  H  N N 350 
VAL N    N  N N 351 
VAL CA   C  N S 352 
VAL C    C  N N 353 
VAL O    O  N N 354 
VAL CB   C  N N 355 
VAL CG1  C  N N 356 
VAL CG2  C  N N 357 
VAL OXT  O  N N 358 
VAL H    H  N N 359 
VAL H2   H  N N 360 
VAL HA   H  N N 361 
VAL HB   H  N N 362 
VAL HG11 H  N N 363 
VAL HG12 H  N N 364 
VAL HG13 H  N N 365 
VAL HG21 H  N N 366 
VAL HG22 H  N N 367 
VAL HG23 H  N N 368 
VAL HXT  H  N N 369 
# 
loop_
_chem_comp_bond.comp_id 
_chem_comp_bond.atom_id_1 
_chem_comp_bond.atom_id_2 
_chem_comp_bond.value_order 
_chem_comp_bond.pdbx_aromatic_flag 
_chem_comp_bond.pdbx_stereo_config 
_chem_comp_bond.pdbx_ordinal 
ALA N   CA   sing N N 1   
ALA N   H    sing N N 2   
ALA N   H2   sing N N 3   
ALA CA  C    sing N N 4   
ALA CA  CB   sing N N 5   
ALA CA  HA   sing N N 6   
ALA C   O    doub N N 7   
ALA C   OXT  sing N N 8   
ALA CB  HB1  sing N N 9   
ALA CB  HB2  sing N N 10  
ALA CB  HB3  sing N N 11  
ALA OXT HXT  sing N N 12  
ARG N   CA   sing N N 13  
ARG N   H    sing N N 14  
ARG N   H2   sing N N 15  
ARG CA  C    sing N N 16  
ARG CA  CB   sing N N 17  
ARG CA  HA   sing N N 18  
ARG C   O    doub N N 19  
ARG C   OXT  sing N N 20  
ARG CB  CG   sing N N 21  
ARG CB  HB2  sing N N 22  
ARG CB  HB3  sing N N 23  
ARG CG  CD   sing N N 24  
ARG CG  HG2  sing N N 25  
ARG CG  HG3  sing N N 26  
ARG CD  NE   sing N N 27  
ARG CD  HD2  sing N N 28  
ARG CD  HD3  sing N N 29  
ARG NE  CZ   sing N N 30  
ARG NE  HE   sing N N 31  
ARG CZ  NH1  sing N N 32  
ARG CZ  NH2  doub N N 33  
ARG NH1 HH11 sing N N 34  
ARG NH1 HH12 sing N N 35  
ARG NH2 HH21 sing N N 36  
ARG NH2 HH22 sing N N 37  
ARG OXT HXT  sing N N 38  
ASN N   CA   sing N N 39  
ASN N   H    sing N N 40  
ASN N   H2   sing N N 41  
ASN CA  C    sing N N 42  
ASN CA  CB   sing N N 43  
ASN CA  HA   sing N N 44  
ASN C   O    doub N N 45  
ASN C   OXT  sing N N 46  
ASN CB  CG   sing N N 47  
ASN CB  HB2  sing N N 48  
ASN CB  HB3  sing N N 49  
ASN CG  OD1  doub N N 50  
ASN CG  ND2  sing N N 51  
ASN ND2 HD21 sing N N 52  
ASN ND2 HD22 sing N N 53  
ASN OXT HXT  sing N N 54  
ASP N   CA   sing N N 55  
ASP N   H    sing N N 56  
ASP N   H2   sing N N 57  
ASP CA  C    sing N N 58  
ASP CA  CB   sing N N 59  
ASP CA  HA   sing N N 60  
ASP C   O    doub N N 61  
ASP C   OXT  sing N N 62  
ASP CB  CG   sing N N 63  
ASP CB  HB2  sing N N 64  
ASP CB  HB3  sing N N 65  
ASP CG  OD1  doub N N 66  
ASP CG  OD2  sing N N 67  
ASP OD2 HD2  sing N N 68  
ASP OXT HXT  sing N N 69  
GLN N   CA   sing N N 70  
GLN N   H    sing N N 71  
GLN N   H2   sing N N 72  
GLN CA  C    sing N N 73  
GLN CA  CB   sing N N 74  
GLN CA  HA   sing N N 75  
GLN C   O    doub N N 76  
GLN C   OXT  sing N N 77  
GLN CB  CG   sing N N 78  
GLN CB  HB2  sing N N 79  
GLN CB  HB3  sing N N 80  
GLN CG  CD   sing N N 81  
GLN CG  HG2  sing N N 82  
GLN CG  HG3  sing N N 83  
GLN CD  OE1  doub N N 84  
GLN CD  NE2  sing N N 85  
GLN NE2 HE21 sing N N 86  
GLN NE2 HE22 sing N N 87  
GLN OXT HXT  sing N N 88  
GLU N   CA   sing N N 89  
GLU N   H    sing N N 90  
GLU N   H2   sing N N 91  
GLU CA  C    sing N N 92  
GLU CA  CB   sing N N 93  
GLU CA  HA   sing N N 94  
GLU C   O    doub N N 95  
GLU C   OXT  sing N N 96  
GLU CB  CG   sing N N 97  
GLU CB  HB2  sing N N 98  
GLU CB  HB3  sing N N 99  
GLU CG  CD   sing N N 100 
GLU CG  HG2  sing N N 101 
GLU CG  HG3  sing N N 102 
GLU CD  OE1  doub N N 103 
GLU CD  OE2  sing N N 104 
GLU OE2 HE2  sing N N 105 
GLU OXT HXT  sing N N 106 
GLY N   CA   sing N N 107 
GLY N   H    sing N N 108 
GLY N   H2   sing N N 109 
GLY CA  C    sing N N 110 
GLY CA  HA2  sing N N 111 
GLY CA  HA3  sing N N 112 
GLY C   O    doub N N 113 
GLY C   OXT  sing N N 114 
GLY OXT HXT  sing N N 115 
HIS N   CA   sing N N 116 
HIS N   H    sing N N 117 
HIS N   H2   sing N N 118 
HIS CA  C    sing N N 119 
HIS CA  CB   sing N N 120 
HIS CA  HA   sing N N 121 
HIS C   O    doub N N 122 
HIS C   OXT  sing N N 123 
HIS CB  CG   sing N N 124 
HIS CB  HB2  sing N N 125 
HIS CB  HB3  sing N N 126 
HIS CG  ND1  sing Y N 127 
HIS CG  CD2  doub Y N 128 
HIS ND1 CE1  doub Y N 129 
HIS ND1 HD1  sing N N 130 
HIS CD2 NE2  sing Y N 131 
HIS CD2 HD2  sing N N 132 
HIS CE1 NE2  sing Y N 133 
HIS CE1 HE1  sing N N 134 
HIS NE2 HE2  sing N N 135 
HIS OXT HXT  sing N N 136 
HOH O   H1   sing N N 137 
HOH O   H2   sing N N 138 
ILE N   CA   sing N N 139 
ILE N   H    sing N N 140 
ILE N   H2   sing N N 141 
ILE CA  C    sing N N 142 
ILE CA  CB   sing N N 143 
ILE CA  HA   sing N N 144 
ILE C   O    doub N N 145 
ILE C   OXT  sing N N 146 
ILE CB  CG1  sing N N 147 
ILE CB  CG2  sing N N 148 
ILE CB  HB   sing N N 149 
ILE CG1 CD1  sing N N 150 
ILE CG1 HG12 sing N N 151 
ILE CG1 HG13 sing N N 152 
ILE CG2 HG21 sing N N 153 
ILE CG2 HG22 sing N N 154 
ILE CG2 HG23 sing N N 155 
ILE CD1 HD11 sing N N 156 
ILE CD1 HD12 sing N N 157 
ILE CD1 HD13 sing N N 158 
ILE OXT HXT  sing N N 159 
LEU N   CA   sing N N 160 
LEU N   H    sing N N 161 
LEU N   H2   sing N N 162 
LEU CA  C    sing N N 163 
LEU CA  CB   sing N N 164 
LEU CA  HA   sing N N 165 
LEU C   O    doub N N 166 
LEU C   OXT  sing N N 167 
LEU CB  CG   sing N N 168 
LEU CB  HB2  sing N N 169 
LEU CB  HB3  sing N N 170 
LEU CG  CD1  sing N N 171 
LEU CG  CD2  sing N N 172 
LEU CG  HG   sing N N 173 
LEU CD1 HD11 sing N N 174 
LEU CD1 HD12 sing N N 175 
LEU CD1 HD13 sing N N 176 
LEU CD2 HD21 sing N N 177 
LEU CD2 HD22 sing N N 178 
LEU CD2 HD23 sing N N 179 
LEU OXT HXT  sing N N 180 
LYS N   CA   sing N N 181 
LYS N   H    sing N N 182 
LYS N   H2   sing N N 183 
LYS CA  C    sing N N 184 
LYS CA  CB   sing N N 185 
LYS CA  HA   sing N N 186 
LYS C   O    doub N N 187 
LYS C   OXT  sing N N 188 
LYS CB  CG   sing N N 189 
LYS CB  HB2  sing N N 190 
LYS CB  HB3  sing N N 191 
LYS CG  CD   sing N N 192 
LYS CG  HG2  sing N N 193 
LYS CG  HG3  sing N N 194 
LYS CD  CE   sing N N 195 
LYS CD  HD2  sing N N 196 
LYS CD  HD3  sing N N 197 
LYS CE  NZ   sing N N 198 
LYS CE  HE2  sing N N 199 
LYS CE  HE3  sing N N 200 
LYS NZ  HZ1  sing N N 201 
LYS NZ  HZ2  sing N N 202 
LYS NZ  HZ3  sing N N 203 
LYS OXT HXT  sing N N 204 
MET N   CA   sing N N 205 
MET N   H    sing N N 206 
MET N   H2   sing N N 207 
MET CA  C    sing N N 208 
MET CA  CB   sing N N 209 
MET CA  HA   sing N N 210 
MET C   O    doub N N 211 
MET C   OXT  sing N N 212 
MET CB  CG   sing N N 213 
MET CB  HB2  sing N N 214 
MET CB  HB3  sing N N 215 
MET CG  SD   sing N N 216 
MET CG  HG2  sing N N 217 
MET CG  HG3  sing N N 218 
MET SD  CE   sing N N 219 
MET CE  HE1  sing N N 220 
MET CE  HE2  sing N N 221 
MET CE  HE3  sing N N 222 
MET OXT HXT  sing N N 223 
MSE N   CA   sing N N 224 
MSE N   H    sing N N 225 
MSE N   H2   sing N N 226 
MSE CA  C    sing N N 227 
MSE CA  CB   sing N N 228 
MSE CA  HA   sing N N 229 
MSE C   O    doub N N 230 
MSE C   OXT  sing N N 231 
MSE OXT HXT  sing N N 232 
MSE CB  CG   sing N N 233 
MSE CB  HB2  sing N N 234 
MSE CB  HB3  sing N N 235 
MSE CG  SE   sing N N 236 
MSE CG  HG2  sing N N 237 
MSE CG  HG3  sing N N 238 
MSE SE  CE   sing N N 239 
MSE CE  HE1  sing N N 240 
MSE CE  HE2  sing N N 241 
MSE CE  HE3  sing N N 242 
PHE N   CA   sing N N 243 
PHE N   H    sing N N 244 
PHE N   H2   sing N N 245 
PHE CA  C    sing N N 246 
PHE CA  CB   sing N N 247 
PHE CA  HA   sing N N 248 
PHE C   O    doub N N 249 
PHE C   OXT  sing N N 250 
PHE CB  CG   sing N N 251 
PHE CB  HB2  sing N N 252 
PHE CB  HB3  sing N N 253 
PHE CG  CD1  doub Y N 254 
PHE CG  CD2  sing Y N 255 
PHE CD1 CE1  sing Y N 256 
PHE CD1 HD1  sing N N 257 
PHE CD2 CE2  doub Y N 258 
PHE CD2 HD2  sing N N 259 
PHE CE1 CZ   doub Y N 260 
PHE CE1 HE1  sing N N 261 
PHE CE2 CZ   sing Y N 262 
PHE CE2 HE2  sing N N 263 
PHE CZ  HZ   sing N N 264 
PHE OXT HXT  sing N N 265 
PRO N   CA   sing N N 266 
PRO N   CD   sing N N 267 
PRO N   H    sing N N 268 
PRO CA  C    sing N N 269 
PRO CA  CB   sing N N 270 
PRO CA  HA   sing N N 271 
PRO C   O    doub N N 272 
PRO C   OXT  sing N N 273 
PRO CB  CG   sing N N 274 
PRO CB  HB2  sing N N 275 
PRO CB  HB3  sing N N 276 
PRO CG  CD   sing N N 277 
PRO CG  HG2  sing N N 278 
PRO CG  HG3  sing N N 279 
PRO CD  HD2  sing N N 280 
PRO CD  HD3  sing N N 281 
PRO OXT HXT  sing N N 282 
SER N   CA   sing N N 283 
SER N   H    sing N N 284 
SER N   H2   sing N N 285 
SER CA  C    sing N N 286 
SER CA  CB   sing N N 287 
SER CA  HA   sing N N 288 
SER C   O    doub N N 289 
SER C   OXT  sing N N 290 
SER CB  OG   sing N N 291 
SER CB  HB2  sing N N 292 
SER CB  HB3  sing N N 293 
SER OG  HG   sing N N 294 
SER OXT HXT  sing N N 295 
THR N   CA   sing N N 296 
THR N   H    sing N N 297 
THR N   H2   sing N N 298 
THR CA  C    sing N N 299 
THR CA  CB   sing N N 300 
THR CA  HA   sing N N 301 
THR C   O    doub N N 302 
THR C   OXT  sing N N 303 
THR CB  OG1  sing N N 304 
THR CB  CG2  sing N N 305 
THR CB  HB   sing N N 306 
THR OG1 HG1  sing N N 307 
THR CG2 HG21 sing N N 308 
THR CG2 HG22 sing N N 309 
THR CG2 HG23 sing N N 310 
THR OXT HXT  sing N N 311 
TYR N   CA   sing N N 312 
TYR N   H    sing N N 313 
TYR N   H2   sing N N 314 
TYR CA  C    sing N N 315 
TYR CA  CB   sing N N 316 
TYR CA  HA   sing N N 317 
TYR C   O    doub N N 318 
TYR C   OXT  sing N N 319 
TYR CB  CG   sing N N 320 
TYR CB  HB2  sing N N 321 
TYR CB  HB3  sing N N 322 
TYR CG  CD1  doub Y N 323 
TYR CG  CD2  sing Y N 324 
TYR CD1 CE1  sing Y N 325 
TYR CD1 HD1  sing N N 326 
TYR CD2 CE2  doub Y N 327 
TYR CD2 HD2  sing N N 328 
TYR CE1 CZ   doub Y N 329 
TYR CE1 HE1  sing N N 330 
TYR CE2 CZ   sing Y N 331 
TYR CE2 HE2  sing N N 332 
TYR CZ  OH   sing N N 333 
TYR OH  HH   sing N N 334 
TYR OXT HXT  sing N N 335 
VAL N   CA   sing N N 336 
VAL N   H    sing N N 337 
VAL N   H2   sing N N 338 
VAL CA  C    sing N N 339 
VAL CA  CB   sing N N 340 
VAL CA  HA   sing N N 341 
VAL C   O    doub N N 342 
VAL C   OXT  sing N N 343 
VAL CB  CG1  sing N N 344 
VAL CB  CG2  sing N N 345 
VAL CB  HB   sing N N 346 
VAL CG1 HG11 sing N N 347 
VAL CG1 HG12 sing N N 348 
VAL CG1 HG13 sing N N 349 
VAL CG2 HG21 sing N N 350 
VAL CG2 HG22 sing N N 351 
VAL CG2 HG23 sing N N 352 
VAL OXT HXT  sing N N 353 
# 
_atom_sites.entry_id                    1M1S 
_atom_sites.fract_transf_matrix[1][1]   0.00093458 
_atom_sites.fract_transf_matrix[1][2]   0.00240935 
_atom_sites.fract_transf_matrix[1][3]   0.03925403 
_atom_sites.fract_transf_matrix[2][1]   -0.00200307 
_atom_sites.fract_transf_matrix[2][2]   -0.02926763 
_atom_sites.fract_transf_matrix[2][3]   0.00184409 
_atom_sites.fract_transf_matrix[3][1]   0.00985224 
_atom_sites.fract_transf_matrix[3][2]   -0.00068641 
_atom_sites.fract_transf_matrix[3][3]   -0.00019244 
_atom_sites.fract_transf_vector[1]      0.435589 
_atom_sites.fract_transf_vector[2]      0.664724 
_atom_sites.fract_transf_vector[3]      0.872407 
# 
loop_
_atom_type.symbol 
C  
N  
O  
SE 
# 
loop_
_atom_site.group_PDB 
_atom_site.id 
_atom_site.type_symbol 
_atom_site.label_atom_id 
_atom_site.label_alt_id 
_atom_site.label_comp_id 
_atom_site.label_asym_id 
_atom_site.label_entity_id 
_atom_site.label_seq_id 
_atom_site.pdbx_PDB_ins_code 
_atom_site.Cartn_x 
_atom_site.Cartn_y 
_atom_site.Cartn_z 
_atom_site.occupancy 
_atom_site.B_iso_or_equiv 
_atom_site.pdbx_formal_charge 
_atom_site.auth_seq_id 
_atom_site.auth_comp_id 
_atom_site.auth_asym_id 
_atom_site.auth_atom_id 
_atom_site.pdbx_PDB_model_num 
ATOM   1   N  N   . HIS A 1 8   ? 5.487   -2.920  -17.033 1.00 35.00 ? 98  HIS A N   1 
ATOM   2   C  CA  . HIS A 1 8   ? 5.556   -1.778  -16.092 1.00 35.00 ? 98  HIS A CA  1 
ATOM   3   C  C   . HIS A 1 8   ? 4.794   -2.055  -14.799 1.00 35.00 ? 98  HIS A C   1 
ATOM   4   O  O   . HIS A 1 8   ? 3.755   -2.725  -14.786 1.00 35.00 ? 98  HIS A O   1 
ATOM   5   C  CB  . HIS A 1 8   ? 5.086   -0.488  -16.771 1.00 35.00 ? 98  HIS A CB  1 
ATOM   6   C  CG  . HIS A 1 8   ? 5.471   0.763   -16.032 1.00 35.00 ? 98  HIS A CG  1 
ATOM   7   N  ND1 . HIS A 1 8   ? 6.520   1.581   -16.418 1.00 35.00 ? 98  HIS A ND1 1 
ATOM   8   C  CD2 . HIS A 1 8   ? 4.935   1.343   -14.943 1.00 35.00 ? 98  HIS A CD2 1 
ATOM   9   C  CE1 . HIS A 1 8   ? 6.591   2.617   -15.598 1.00 35.00 ? 98  HIS A CE1 1 
ATOM   10  N  NE2 . HIS A 1 8   ? 5.634   2.493   -14.686 1.00 35.00 ? 98  HIS A NE2 1 
ATOM   11  N  N   . SER A 1 9   ? 5.322   -1.487  -13.720 1.00 35.00 ? 99  SER A N   1 
ATOM   12  C  CA  . SER A 1 9   ? 4.801   -1.643  -12.378 1.00 35.00 ? 99  SER A CA  1 
ATOM   13  C  C   . SER A 1 9   ? 4.475   -3.083  -12.077 1.00 35.00 ? 99  SER A C   1 
ATOM   14  O  O   . SER A 1 9   ? 5.374   -3.847  -11.730 1.00 35.00 ? 99  SER A O   1 
ATOM   15  C  CB  . SER A 1 9   ? 3.604   -0.741  -12.125 1.00 35.00 ? 99  SER A CB  1 
ATOM   16  O  OG  . SER A 1 9   ? 4.041   0.556   -11.764 1.00 35.00 ? 99  SER A OG  1 
HETATM 17  N  N   . MSE A 1 10  ? 3.218   -3.465  -12.297 1.00 35.00 ? 100 MSE A N   1 
HETATM 18  C  CA  . MSE A 1 10  ? 2.743   -4.815  -12.032 1.00 35.00 ? 100 MSE A CA  1 
HETATM 19  C  C   . MSE A 1 10  ? 1.710   -4.725  -10.915 1.00 35.00 ? 100 MSE A C   1 
HETATM 20  O  O   . MSE A 1 10  ? 1.186   -5.751  -10.458 1.00 35.00 ? 100 MSE A O   1 
HETATM 21  C  CB  . MSE A 1 10  ? 3.885   -5.735  -11.615 1.00 35.00 ? 100 MSE A CB  1 
HETATM 22  C  CG  . MSE A 1 10  ? 3.714   -7.147  -12.043 1.00 35.00 ? 100 MSE A CG  1 
HETATM 23  SE SE  . MSE A 1 10  ? 4.867   -7.651  -13.311 1.00 35.00 ? 100 MSE A SE  1 
HETATM 24  C  CE  . MSE A 1 10  ? 4.067   -7.001  -14.818 1.00 35.00 ? 100 MSE A CE  1 
ATOM   25  N  N   . ILE A 1 11  ? 1.561   -3.510  -10.375 1.00 35.00 ? 101 ILE A N   1 
ATOM   26  C  CA  . ILE A 1 11  ? 0.561   -3.208  -9.360  1.00 35.00 ? 101 ILE A CA  1 
ATOM   27  C  C   . ILE A 1 11  ? 0.071   -1.774  -9.534  1.00 35.00 ? 101 ILE A C   1 
ATOM   28  O  O   . ILE A 1 11  ? 0.834   -0.879  -9.904  1.00 35.00 ? 101 ILE A O   1 
ATOM   29  C  CB  . ILE A 1 11  ? 1.034   -3.433  -7.901  1.00 35.00 ? 101 ILE A CB  1 
ATOM   30  C  CG1 . ILE A 1 11  ? 1.642   -2.169  -7.299  1.00 35.00 ? 101 ILE A CG1 1 
ATOM   31  C  CG2 . ILE A 1 11  ? 1.984   -4.600  -7.820  1.00 35.00 ? 101 ILE A CG2 1 
ATOM   32  C  CD1 . ILE A 1 11  ? 1.785   -2.257  -5.804  1.00 35.00 ? 101 ILE A CD1 1 
ATOM   33  N  N   . ASN A 1 12  ? -1.236  -1.603  -9.372  1.00 35.00 ? 102 ASN A N   1 
ATOM   34  C  CA  . ASN A 1 12  ? -1.899  -0.312  -9.473  1.00 35.00 ? 102 ASN A CA  1 
ATOM   35  C  C   . ASN A 1 12  ? -2.766  -0.118  -8.231  1.00 35.00 ? 102 ASN A C   1 
ATOM   36  O  O   . ASN A 1 12  ? -3.298  -1.085  -7.670  1.00 35.00 ? 102 ASN A O   1 
ATOM   37  C  CB  . ASN A 1 12  ? -2.757  -0.237  -10.738 1.00 35.00 ? 102 ASN A CB  1 
ATOM   38  C  CG  . ASN A 1 12  ? -1.931  -0.125  -12.005 1.00 35.00 ? 102 ASN A CG  1 
ATOM   39  O  OD1 . ASN A 1 12  ? -1.039  0.728   -12.119 1.00 35.00 ? 102 ASN A OD1 1 
ATOM   40  N  ND2 . ASN A 1 12  ? -2.242  -0.972  -12.981 1.00 35.00 ? 102 ASN A ND2 1 
ATOM   41  N  N   . VAL A 1 13  ? -2.843  1.126   -7.763  1.00 35.00 ? 103 VAL A N   1 
ATOM   42  C  CA  . VAL A 1 13  ? -3.633  1.438   -6.583  1.00 35.00 ? 103 VAL A CA  1 
ATOM   43  C  C   . VAL A 1 13  ? -4.788  2.342   -6.979  1.00 35.00 ? 103 VAL A C   1 
ATOM   44  O  O   . VAL A 1 13  ? -4.605  3.366   -7.645  1.00 35.00 ? 103 VAL A O   1 
ATOM   45  C  CB  . VAL A 1 13  ? -2.783  2.099   -5.465  1.00 35.00 ? 103 VAL A CB  1 
ATOM   46  C  CG1 . VAL A 1 13  ? -3.486  1.983   -4.118  1.00 35.00 ? 103 VAL A CG1 1 
ATOM   47  C  CG2 . VAL A 1 13  ? -1.436  1.441   -5.373  1.00 35.00 ? 103 VAL A CG2 1 
ATOM   48  N  N   . ASP A 1 14  ? -5.985  1.961   -6.538  1.00 35.00 ? 104 ASP A N   1 
ATOM   49  C  CA  . ASP A 1 14  ? -7.178  2.684   -6.842  1.00 35.00 ? 104 ASP A CA  1 
ATOM   50  C  C   . ASP A 1 14  ? -7.837  3.224   -5.591  1.00 35.00 ? 104 ASP A C   1 
ATOM   51  O  O   . ASP A 1 14  ? -8.285  2.468   -4.742  1.00 35.00 ? 104 ASP A O   1 
ATOM   52  C  CB  . ASP A 1 14  ? -8.082  1.734   -7.614  1.00 35.00 ? 104 ASP A CB  1 
ATOM   53  C  CG  . ASP A 1 14  ? -7.409  1.285   -8.903  1.00 35.00 ? 104 ASP A CG  1 
ATOM   54  O  OD1 . ASP A 1 14  ? -6.477  1.989   -9.356  1.00 35.00 ? 104 ASP A OD1 1 
ATOM   55  O  OD2 . ASP A 1 14  ? -7.796  0.234   -9.453  1.00 35.00 ? 104 ASP A OD2 1 
ATOM   56  N  N   . PRO A 1 15  ? -7.878  4.562   -5.419  1.00 35.00 ? 105 PRO A N   1 
ATOM   57  C  CA  . PRO A 1 15  ? -7.359  5.632   -6.276  1.00 35.00 ? 105 PRO A CA  1 
ATOM   58  C  C   . PRO A 1 15  ? -5.865  5.734   -6.036  1.00 35.00 ? 105 PRO A C   1 
ATOM   59  O  O   . PRO A 1 15  ? -5.324  5.064   -5.169  1.00 35.00 ? 105 PRO A O   1 
ATOM   60  C  CB  . PRO A 1 15  ? -8.108  6.848   -5.721  1.00 35.00 ? 105 PRO A CB  1 
ATOM   61  C  CG  . PRO A 1 15  ? -9.396  6.275   -5.258  1.00 35.00 ? 105 PRO A CG  1 
ATOM   62  C  CD  . PRO A 1 15  ? -8.889  5.082   -4.512  1.00 35.00 ? 105 PRO A CD  1 
ATOM   63  N  N   . PRO A 1 16  ? -5.161  6.549   -6.849  1.00 35.00 ? 106 PRO A N   1 
ATOM   64  C  CA  . PRO A 1 16  ? -3.709  6.695   -6.662  1.00 35.00 ? 106 PRO A CA  1 
ATOM   65  C  C   . PRO A 1 16  ? -3.378  7.801   -5.684  1.00 35.00 ? 106 PRO A C   1 
ATOM   66  O  O   . PRO A 1 16  ? -2.223  8.231   -5.578  1.00 35.00 ? 106 PRO A O   1 
ATOM   67  C  CB  . PRO A 1 16  ? -3.234  7.041   -8.072  1.00 35.00 ? 106 PRO A CB  1 
ATOM   68  C  CG  . PRO A 1 16  ? -4.379  7.792   -8.635  1.00 35.00 ? 106 PRO A CG  1 
ATOM   69  C  CD  . PRO A 1 16  ? -5.549  6.952   -8.203  1.00 35.00 ? 106 PRO A CD  1 
ATOM   70  N  N   . THR A 1 17  ? -4.425  8.287   -5.020  1.00 35.00 ? 107 THR A N   1 
ATOM   71  C  CA  . THR A 1 17  ? -4.316  9.350   -4.037  1.00 35.00 ? 107 THR A CA  1 
ATOM   72  C  C   . THR A 1 17  ? -5.469  9.176   -3.076  1.00 35.00 ? 107 THR A C   1 
ATOM   73  O  O   . THR A 1 17  ? -6.461  8.539   -3.397  1.00 35.00 ? 107 THR A O   1 
ATOM   74  C  CB  . THR A 1 17  ? -4.461  10.763  -4.684  1.00 35.00 ? 107 THR A CB  1 
ATOM   75  O  OG1 . THR A 1 17  ? -3.491  10.944  -5.724  1.00 35.00 ? 107 THR A OG1 1 
ATOM   76  C  CG2 . THR A 1 17  ? -4.251  11.832  -3.658  1.00 35.00 ? 107 THR A CG2 1 
ATOM   77  N  N   . GLY A 1 18  ? -5.307  9.744   -1.892  1.00 35.00 ? 108 GLY A N   1 
ATOM   78  C  CA  . GLY A 1 18  ? -6.330  9.726   -0.868  1.00 35.00 ? 108 GLY A CA  1 
ATOM   79  C  C   . GLY A 1 18  ? -6.444  11.183  -0.446  1.00 35.00 ? 108 GLY A C   1 
ATOM   80  O  O   . GLY A 1 18  ? -5.456  11.812  -0.040  1.00 35.00 ? 108 GLY A O   1 
ATOM   81  N  N   . ASN A 1 19  ? -7.620  11.757  -0.633  1.00 35.00 ? 109 ASN A N   1 
ATOM   82  C  CA  . ASN A 1 19  ? -7.856  13.145  -0.261  1.00 35.00 ? 109 ASN A CA  1 
ATOM   83  C  C   . ASN A 1 19  ? -8.825  13.200  0.935   1.00 35.00 ? 109 ASN A C   1 
ATOM   84  O  O   . ASN A 1 19  ? -9.987  12.812  0.814   1.00 35.00 ? 109 ASN A O   1 
ATOM   85  C  CB  . ASN A 1 19  ? -8.397  13.913  -1.472  1.00 35.00 ? 109 ASN A CB  1 
ATOM   86  C  CG  . ASN A 1 19  ? -7.415  13.915  -2.652  1.00 35.00 ? 109 ASN A CG  1 
ATOM   87  O  OD1 . ASN A 1 19  ? -6.761  14.939  -2.942  1.00 35.00 ? 109 ASN A OD1 1 
ATOM   88  N  ND2 . ASN A 1 19  ? -7.299  12.762  -3.331  1.00 35.00 ? 109 ASN A ND2 1 
ATOM   89  N  N   . TYR A 1 20  ? -8.354  13.763  2.051   1.00 35.00 ? 110 TYR A N   1 
ATOM   90  C  CA  . TYR A 1 20  ? -9.109  13.835  3.307   1.00 35.00 ? 110 TYR A CA  1 
ATOM   91  C  C   . TYR A 1 20  ? -9.332  15.216  3.923   1.00 35.00 ? 110 TYR A C   1 
ATOM   92  O  O   . TYR A 1 20  ? -8.769  16.214  3.500   1.00 35.00 ? 110 TYR A O   1 
ATOM   93  C  CB  . TYR A 1 20  ? -8.406  12.999  4.372   1.00 35.00 ? 110 TYR A CB  1 
ATOM   94  C  CG  . TYR A 1 20  ? -7.836  11.747  3.854   1.00 35.00 ? 110 TYR A CG  1 
ATOM   95  C  CD1 . TYR A 1 20  ? -6.499  11.672  3.527   1.00 35.00 ? 110 TYR A CD1 1 
ATOM   96  C  CD2 . TYR A 1 20  ? -8.627  10.622  3.697   1.00 35.00 ? 110 TYR A CD2 1 
ATOM   97  C  CE1 . TYR A 1 20  ? -5.942  10.484  3.041   1.00 35.00 ? 110 TYR A CE1 1 
ATOM   98  C  CE2 . TYR A 1 20  ? -8.098  9.437   3.216   1.00 35.00 ? 110 TYR A CE2 1 
ATOM   99  C  CZ  . TYR A 1 20  ? -6.745  9.366   2.894   1.00 35.00 ? 110 TYR A CZ  1 
ATOM   100 O  OH  . TYR A 1 20  ? -6.190  8.177   2.462   1.00 35.00 ? 110 TYR A OH  1 
ATOM   101 N  N   . PRO A 1 21  ? -10.215 15.281  4.918   1.00 35.00 ? 111 PRO A N   1 
ATOM   102 C  CA  . PRO A 1 21  ? -10.519 16.522  5.615   1.00 35.00 ? 111 PRO A CA  1 
ATOM   103 C  C   . PRO A 1 21  ? -9.580  16.540  6.782   1.00 35.00 ? 111 PRO A C   1 
ATOM   104 O  O   . PRO A 1 21  ? -9.534  15.586  7.560   1.00 35.00 ? 111 PRO A O   1 
ATOM   105 C  CB  . PRO A 1 21  ? -11.947 16.305  6.087   1.00 35.00 ? 111 PRO A CB  1 
ATOM   106 C  CG  . PRO A 1 21  ? -12.448 15.299  5.171   1.00 35.00 ? 111 PRO A CG  1 
ATOM   107 C  CD  . PRO A 1 21  ? -11.338 14.354  5.048   1.00 35.00 ? 111 PRO A CD  1 
ATOM   108 N  N   . ALA A 1 22  ? -8.814  17.612  6.898   1.00 35.00 ? 112 ALA A N   1 
ATOM   109 C  CA  . ALA A 1 22  ? -7.836  17.727  7.960   1.00 35.00 ? 112 ALA A CA  1 
ATOM   110 C  C   . ALA A 1 22  ? -8.249  17.106  9.283   1.00 35.00 ? 112 ALA A C   1 
ATOM   111 O  O   . ALA A 1 22  ? -7.541  16.239  9.796   1.00 35.00 ? 112 ALA A O   1 
ATOM   112 C  CB  . ALA A 1 22  ? -7.435  19.150  8.158   1.00 35.00 ? 112 ALA A CB  1 
ATOM   113 N  N   . THR A 1 23  ? -9.448  17.429  9.759   1.00 35.00 ? 113 THR A N   1 
ATOM   114 C  CA  . THR A 1 23  ? -9.890  16.913  11.049  1.00 35.00 ? 113 THR A CA  1 
ATOM   115 C  C   . THR A 1 23  ? -10.172 15.443  11.138  1.00 35.00 ? 113 THR A C   1 
ATOM   116 O  O   . THR A 1 23  ? -10.356 14.923  12.232  1.00 35.00 ? 113 THR A O   1 
ATOM   117 C  CB  . THR A 1 23  ? -11.131 17.613  11.575  1.00 35.00 ? 113 THR A CB  1 
ATOM   118 O  OG1 . THR A 1 23  ? -12.227 17.399  10.675  1.00 35.00 ? 113 THR A OG1 1 
ATOM   119 C  CG2 . THR A 1 23  ? -10.860 19.075  11.764  1.00 35.00 ? 113 THR A CG2 1 
ATOM   120 N  N   . GLY A 1 24  ? -10.259 14.771  10.006  1.00 35.00 ? 114 GLY A N   1 
ATOM   121 C  CA  . GLY A 1 24  ? -10.521 13.350  10.065  1.00 35.00 ? 114 GLY A CA  1 
ATOM   122 C  C   . GLY A 1 24  ? -11.069 12.843  8.764   1.00 35.00 ? 114 GLY A C   1 
ATOM   123 O  O   . GLY A 1 24  ? -11.878 13.516  8.132   1.00 35.00 ? 114 GLY A O   1 
ATOM   124 N  N   . GLY A 1 25  ? -10.649 11.641  8.379   1.00 35.00 ? 115 GLY A N   1 
ATOM   125 C  CA  . GLY A 1 25  ? -11.101 11.069  7.124   1.00 35.00 ? 115 GLY A CA  1 
ATOM   126 C  C   . GLY A 1 25  ? -10.907 9.580   6.941   1.00 35.00 ? 115 GLY A C   1 
ATOM   127 O  O   . GLY A 1 25  ? -10.479 8.868   7.850   1.00 35.00 ? 115 GLY A O   1 
ATOM   128 N  N   . ASN A 1 26  ? -11.138 9.132   5.713   1.00 35.00 ? 116 ASN A N   1 
ATOM   129 C  CA  . ASN A 1 26  ? -11.047 7.733   5.403   1.00 35.00 ? 116 ASN A CA  1 
ATOM   130 C  C   . ASN A 1 26  ? -11.176 7.497   3.920   1.00 35.00 ? 116 ASN A C   1 
ATOM   131 O  O   . ASN A 1 26  ? -11.856 8.247   3.226   1.00 35.00 ? 116 ASN A O   1 
ATOM   132 C  CB  . ASN A 1 26  ? -12.217 7.069   6.065   1.00 35.00 ? 116 ASN A CB  1 
ATOM   133 C  CG  . ASN A 1 26  ? -12.027 5.629   6.237   1.00 35.00 ? 116 ASN A CG  1 
ATOM   134 O  OD1 . ASN A 1 26  ? -10.974 5.079   5.917   1.00 35.00 ? 116 ASN A OD1 1 
ATOM   135 N  ND2 . ASN A 1 26  ? -13.044 4.982   6.773   1.00 35.00 ? 116 ASN A ND2 1 
ATOM   136 N  N   . SER A 1 27  ? -10.580 6.397   3.467   1.00 35.00 ? 117 SER A N   1 
ATOM   137 C  CA  . SER A 1 27  ? -10.623 5.971   2.061   1.00 35.00 ? 117 SER A CA  1 
ATOM   138 C  C   . SER A 1 27  ? -10.115 4.535   1.895   1.00 35.00 ? 117 SER A C   1 
ATOM   139 O  O   . SER A 1 27  ? -9.147  4.147   2.529   1.00 35.00 ? 117 SER A O   1 
ATOM   140 C  CB  . SER A 1 27  ? -9.774  6.887   1.188   1.00 35.00 ? 117 SER A CB  1 
ATOM   141 O  OG  . SER A 1 27  ? -8.404  6.702   1.495   1.00 35.00 ? 117 SER A OG  1 
ATOM   142 N  N   . THR A 1 28  ? -10.754 3.763   1.019   1.00 35.00 ? 118 THR A N   1 
ATOM   143 C  CA  . THR A 1 28  ? -10.353 2.372   0.781   1.00 35.00 ? 118 THR A CA  1 
ATOM   144 C  C   . THR A 1 28  ? -9.631  2.345   -0.567  1.00 35.00 ? 118 THR A C   1 
ATOM   145 O  O   . THR A 1 28  ? -9.932  3.159   -1.455  1.00 35.00 ? 118 THR A O   1 
ATOM   146 C  CB  . THR A 1 28  ? -11.575 1.376   0.688   1.00 35.00 ? 118 THR A CB  1 
ATOM   147 O  OG1 . THR A 1 28  ? -12.478 1.557   1.795   1.00 35.00 ? 118 THR A OG1 1 
ATOM   148 C  CG2 . THR A 1 28  ? -11.073 -0.066  0.733   1.00 35.00 ? 118 THR A CG2 1 
ATOM   149 N  N   . HIS A 1 29  ? -8.617  1.488   -0.687  1.00 35.00 ? 119 HIS A N   1 
ATOM   150 C  CA  . HIS A 1 29  ? -7.885  1.374   -1.943  1.00 35.00 ? 119 HIS A CA  1 
ATOM   151 C  C   . HIS A 1 29  ? -7.805  -0.059  -2.448  1.00 35.00 ? 119 HIS A C   1 
ATOM   152 O  O   . HIS A 1 29  ? -7.778  -1.005  -1.676  1.00 35.00 ? 119 HIS A O   1 
ATOM   153 C  CB  . HIS A 1 29  ? -6.494  2.004   -1.829  1.00 35.00 ? 119 HIS A CB  1 
ATOM   154 C  CG  . HIS A 1 29  ? -6.511  3.436   -1.389  1.00 35.00 ? 119 HIS A CG  1 
ATOM   155 N  ND1 . HIS A 1 29  ? -6.224  4.487   -2.233  1.00 35.00 ? 119 HIS A ND1 1 
ATOM   156 C  CD2 . HIS A 1 29  ? -6.812  3.993   -0.191  1.00 35.00 ? 119 HIS A CD2 1 
ATOM   157 C  CE1 . HIS A 1 29  ? -6.354  5.626   -1.579  1.00 35.00 ? 119 HIS A CE1 1 
ATOM   158 N  NE2 . HIS A 1 29  ? -6.709  5.350   -0.338  1.00 35.00 ? 119 HIS A NE2 1 
ATOM   159 N  N   . ASN A 1 30  ? -7.788  -0.201  -3.759  1.00 35.00 ? 120 ASN A N   1 
ATOM   160 C  CA  . ASN A 1 30  ? -7.727  -1.497  -4.393  1.00 35.00 ? 120 ASN A CA  1 
ATOM   161 C  C   . ASN A 1 30  ? -6.324  -1.698  -4.959  1.00 35.00 ? 120 ASN A C   1 
ATOM   162 O  O   . ASN A 1 30  ? -5.903  -0.944  -5.825  1.00 35.00 ? 120 ASN A O   1 
ATOM   163 C  CB  . ASN A 1 30  ? -8.766  -1.517  -5.527  1.00 35.00 ? 120 ASN A CB  1 
ATOM   164 C  CG  . ASN A 1 30  ? -8.902  -2.875  -6.211  1.00 35.00 ? 120 ASN A CG  1 
ATOM   165 O  OD1 . ASN A 1 30  ? -8.191  -3.833  -5.873  1.00 35.00 ? 120 ASN A OD1 1 
ATOM   166 N  ND2 . ASN A 1 30  ? -9.823  -2.962  -7.185  1.00 35.00 ? 120 ASN A ND2 1 
ATOM   167 N  N   . ILE A 1 31  ? -5.571  -2.665  -4.448  1.00 35.00 ? 121 ILE A N   1 
ATOM   168 C  CA  . ILE A 1 31  ? -4.244  -2.923  -5.012  1.00 35.00 ? 121 ILE A CA  1 
ATOM   169 C  C   . ILE A 1 31  ? -4.460  -4.098  -5.959  1.00 35.00 ? 121 ILE A C   1 
ATOM   170 O  O   . ILE A 1 31  ? -4.815  -5.185  -5.514  1.00 35.00 ? 121 ILE A O   1 
ATOM   171 C  CB  . ILE A 1 31  ? -3.203  -3.280  -3.927  1.00 35.00 ? 121 ILE A CB  1 
ATOM   172 C  CG1 . ILE A 1 31  ? -3.099  -2.138  -2.930  1.00 35.00 ? 121 ILE A CG1 1 
ATOM   173 C  CG2 . ILE A 1 31  ? -1.833  -3.536  -4.548  1.00 35.00 ? 121 ILE A CG2 1 
ATOM   174 C  CD1 . ILE A 1 31  ? -2.193  -2.422  -1.763  1.00 35.00 ? 121 ILE A CD1 1 
ATOM   175 N  N   . THR A 1 32  ? -4.347  -3.860  -7.262  1.00 35.00 ? 122 THR A N   1 
ATOM   176 C  CA  . THR A 1 32  ? -4.553  -4.931  -8.234  1.00 35.00 ? 122 THR A CA  1 
ATOM   177 C  C   . THR A 1 32  ? -3.297  -5.402  -8.926  1.00 35.00 ? 122 THR A C   1 
ATOM   178 O  O   . THR A 1 32  ? -2.435  -4.601  -9.272  1.00 35.00 ? 122 THR A O   1 
ATOM   179 C  CB  . THR A 1 32  ? -5.630  -4.580  -9.270  1.00 35.00 ? 122 THR A CB  1 
ATOM   180 O  OG1 . THR A 1 32  ? -5.469  -3.232  -9.711  1.00 35.00 ? 122 THR A OG1 1 
ATOM   181 C  CG2 . THR A 1 32  ? -6.978  -4.728  -8.658  1.00 35.00 ? 122 THR A CG2 1 
ATOM   182 N  N   . SER A 1 33  ? -3.194  -6.718  -9.088  1.00 35.00 ? 123 SER A N   1 
ATOM   183 C  CA  . SER A 1 33  ? -2.030  -7.337  -9.708  1.00 35.00 ? 123 SER A CA  1 
ATOM   184 C  C   . SER A 1 33  ? -2.099  -7.437  -11.231 1.00 35.00 ? 123 SER A C   1 
ATOM   185 O  O   . SER A 1 33  ? -3.174  -7.468  -11.817 1.00 35.00 ? 123 SER A O   1 
ATOM   186 C  CB  . SER A 1 33  ? -1.823  -8.728  -9.118  1.00 35.00 ? 123 SER A CB  1 
ATOM   187 O  OG  . SER A 1 33  ? -0.653  -9.338  -9.633  1.00 35.00 ? 123 SER A OG  1 
ATOM   188 N  N   . GLU A 1 34  ? -0.938  -7.492  -11.869 1.00 35.00 ? 124 GLU A N   1 
ATOM   189 C  CA  . GLU A 1 34  ? -0.882  -7.623  -13.313 1.00 35.00 ? 124 GLU A CA  1 
ATOM   190 C  C   . GLU A 1 34  ? 0.082   -8.725  -13.692 1.00 35.00 ? 124 GLU A C   1 
ATOM   191 O  O   . GLU A 1 34  ? 0.247   -9.013  -14.874 1.00 35.00 ? 124 GLU A O   1 
ATOM   192 C  CB  . GLU A 1 34  ? -0.437  -6.327  -13.971 1.00 35.00 ? 124 GLU A CB  1 
ATOM   193 C  CG  . GLU A 1 34  ? -1.453  -5.215  -13.980 1.00 35.00 ? 124 GLU A CG  1 
ATOM   194 C  CD  . GLU A 1 34  ? -2.624  -5.459  -14.916 1.00 35.00 ? 124 GLU A CD  1 
ATOM   195 O  OE1 . GLU A 1 34  ? -2.674  -6.504  -15.603 1.00 35.00 ? 124 GLU A OE1 1 
ATOM   196 O  OE2 . GLU A 1 34  ? -3.509  -4.588  -14.980 1.00 35.00 ? 124 GLU A OE2 1 
ATOM   197 N  N   . SER A 1 35  ? 0.710   -9.348  -12.692 1.00 35.00 ? 125 SER A N   1 
ATOM   198 C  CA  . SER A 1 35  ? 1.656   -10.430 -12.946 1.00 35.00 ? 125 SER A CA  1 
ATOM   199 C  C   . SER A 1 35  ? 0.903   -11.740 -12.926 1.00 35.00 ? 125 SER A C   1 
ATOM   200 O  O   . SER A 1 35  ? -0.228  -11.825 -12.427 1.00 35.00 ? 125 SER A O   1 
ATOM   201 C  CB  . SER A 1 35  ? 2.756   -10.478 -11.882 1.00 35.00 ? 125 SER A CB  1 
ATOM   202 O  OG  . SER A 1 35  ? 3.775   -11.408 -12.229 1.00 35.00 ? 125 SER A OG  1 
ATOM   203 N  N   . ASP A 1 36  ? 1.500   -12.752 -13.540 1.00 35.00 ? 126 ASP A N   1 
ATOM   204 C  CA  . ASP A 1 36  ? 0.872   -14.060 -13.539 1.00 35.00 ? 126 ASP A CA  1 
ATOM   205 C  C   . ASP A 1 36  ? 1.438   -14.822 -12.341 1.00 35.00 ? 126 ASP A C   1 
ATOM   206 O  O   . ASP A 1 36  ? 1.108   -15.984 -12.092 1.00 35.00 ? 126 ASP A O   1 
ATOM   207 C  CB  . ASP A 1 36  ? 1.137   -14.788 -14.848 1.00 35.00 ? 126 ASP A CB  1 
ATOM   208 C  CG  . ASP A 1 36  ? 0.499   -14.104 -16.031 1.00 35.00 ? 126 ASP A CG  1 
ATOM   209 O  OD1 . ASP A 1 36  ? -0.728  -13.831 -15.995 1.00 35.00 ? 126 ASP A OD1 1 
ATOM   210 O  OD2 . ASP A 1 36  ? 1.252   -13.850 -16.993 1.00 35.00 ? 126 ASP A OD2 1 
ATOM   211 N  N   . SER A 1 37  ? 2.274   -14.119 -11.586 1.00 35.00 ? 127 SER A N   1 
ATOM   212 C  CA  . SER A 1 37  ? 2.900   -14.646 -10.392 1.00 35.00 ? 127 SER A CA  1 
ATOM   213 C  C   . SER A 1 37  ? 2.278   -13.933 -9.218  1.00 35.00 ? 127 SER A C   1 
ATOM   214 O  O   . SER A 1 37  ? 1.663   -12.888 -9.379  1.00 35.00 ? 127 SER A O   1 
ATOM   215 C  CB  . SER A 1 37  ? 4.391   -14.353 -10.414 1.00 35.00 ? 127 SER A CB  1 
ATOM   216 O  OG  . SER A 1 37  ? 4.916   -14.466 -9.109  1.00 35.00 ? 127 SER A OG  1 
ATOM   217 N  N   . ARG A 1 38  ? 2.447   -14.503 -8.036  1.00 35.00 ? 128 ARG A N   1 
ATOM   218 C  CA  . ARG A 1 38  ? 1.901   -13.905 -6.831  1.00 35.00 ? 128 ARG A CA  1 
ATOM   219 C  C   . ARG A 1 38  ? 2.842   -12.806 -6.345  1.00 35.00 ? 128 ARG A C   1 
ATOM   220 O  O   . ARG A 1 38  ? 4.047   -12.826 -6.619  1.00 35.00 ? 128 ARG A O   1 
ATOM   221 C  CB  . ARG A 1 38  ? 1.700   -14.980 -5.763  1.00 35.00 ? 128 ARG A CB  1 
ATOM   222 C  CG  . ARG A 1 38  ? 0.694   -14.624 -4.660  1.00 35.00 ? 128 ARG A CG  1 
ATOM   223 C  CD  . ARG A 1 38  ? -0.055  -15.899 -4.193  1.00 35.00 ? 128 ARG A CD  1 
ATOM   224 N  NE  . ARG A 1 38  ? -0.081  -16.110 -2.737  1.00 35.00 ? 128 ARG A NE  1 
ATOM   225 C  CZ  . ARG A 1 38  ? 0.922   -16.607 -2.017  1.00 35.00 ? 128 ARG A CZ  1 
ATOM   226 N  NH1 . ARG A 1 38  ? 2.068   -16.953 -2.589  1.00 35.00 ? 128 ARG A NH1 1 
ATOM   227 N  NH2 . ARG A 1 38  ? 0.763   -16.781 -0.722  1.00 35.00 ? 128 ARG A NH2 1 
ATOM   228 N  N   . LEU A 1 39  ? 2.259   -11.820 -5.670  1.00 35.00 ? 129 LEU A N   1 
ATOM   229 C  CA  . LEU A 1 39  ? 3.003   -10.685 -5.139  1.00 35.00 ? 129 LEU A CA  1 
ATOM   230 C  C   . LEU A 1 39  ? 2.853   -10.508 -3.622  1.00 35.00 ? 129 LEU A C   1 
ATOM   231 O  O   . LEU A 1 39  ? 1.853   -10.919 -3.009  1.00 35.00 ? 129 LEU A O   1 
ATOM   232 C  CB  . LEU A 1 39  ? 2.580   -9.385  -5.844  1.00 35.00 ? 129 LEU A CB  1 
ATOM   233 C  CG  . LEU A 1 39  ? 2.670   -9.245  -7.362  1.00 35.00 ? 129 LEU A CG  1 
ATOM   234 C  CD1 . LEU A 1 39  ? 1.952   -7.979  -7.770  1.00 35.00 ? 129 LEU A CD1 1 
ATOM   235 C  CD2 . LEU A 1 39  ? 4.114   -9.237  -7.830  1.00 35.00 ? 129 LEU A CD2 1 
ATOM   236 N  N   . ALA A 1 40  ? 3.876   -9.897  -3.035  1.00 35.00 ? 130 ALA A N   1 
ATOM   237 C  CA  . ALA A 1 40  ? 3.915   -9.601  -1.620  1.00 35.00 ? 130 ALA A CA  1 
ATOM   238 C  C   . ALA A 1 40  ? 4.047   -8.100  -1.596  1.00 35.00 ? 130 ALA A C   1 
ATOM   239 O  O   . ALA A 1 40  ? 4.725   -7.538  -2.437  1.00 35.00 ? 130 ALA A O   1 
ATOM   240 C  CB  . ALA A 1 40  ? 5.131   -10.248 -0.983  1.00 35.00 ? 130 ALA A CB  1 
ATOM   241 N  N   . PHE A 1 41  ? 3.346   -7.425  -0.708  1.00 35.00 ? 131 PHE A N   1 
ATOM   242 C  CA  . PHE A 1 41  ? 3.501   -5.989  -0.674  1.00 35.00 ? 131 PHE A CA  1 
ATOM   243 C  C   . PHE A 1 41  ? 3.837   -5.483  0.719   1.00 35.00 ? 131 PHE A C   1 
ATOM   244 O  O   . PHE A 1 41  ? 3.400   -6.061  1.721   1.00 35.00 ? 131 PHE A O   1 
ATOM   245 C  CB  . PHE A 1 41  ? 2.302   -5.264  -1.319  1.00 35.00 ? 131 PHE A CB  1 
ATOM   246 C  CG  . PHE A 1 41  ? 1.016   -5.330  -0.533  1.00 35.00 ? 131 PHE A CG  1 
ATOM   247 C  CD1 . PHE A 1 41  ? 0.735   -4.387  0.457   1.00 35.00 ? 131 PHE A CD1 1 
ATOM   248 C  CD2 . PHE A 1 41  ? 0.055   -6.290  -0.823  1.00 35.00 ? 131 PHE A CD2 1 
ATOM   249 C  CE1 . PHE A 1 41  ? -0.492  -4.390  1.142   1.00 35.00 ? 131 PHE A CE1 1 
ATOM   250 C  CE2 . PHE A 1 41  ? -1.184  -6.306  -0.142  1.00 35.00 ? 131 PHE A CE2 1 
ATOM   251 C  CZ  . PHE A 1 41  ? -1.454  -5.353  0.845   1.00 35.00 ? 131 PHE A CZ  1 
ATOM   252 N  N   . LYS A 1 42  ? 4.637   -4.417  0.753   1.00 35.00 ? 132 LYS A N   1 
ATOM   253 C  CA  . LYS A 1 42  ? 5.071   -3.761  1.978   1.00 35.00 ? 132 LYS A CA  1 
ATOM   254 C  C   . LYS A 1 42  ? 4.596   -2.322  1.920   1.00 35.00 ? 132 LYS A C   1 
ATOM   255 O  O   . LYS A 1 42  ? 4.826   -1.654  0.924   1.00 35.00 ? 132 LYS A O   1 
ATOM   256 C  CB  . LYS A 1 42  ? 6.590   -3.763  2.051   1.00 35.00 ? 132 LYS A CB  1 
ATOM   257 C  CG  . LYS A 1 42  ? 7.139   -2.988  3.232   1.00 35.00 ? 132 LYS A CG  1 
ATOM   258 C  CD  . LYS A 1 42  ? 8.624   -3.107  3.310   1.00 35.00 ? 132 LYS A CD  1 
ATOM   259 C  CE  . LYS A 1 42  ? 9.134   -2.315  4.475   1.00 35.00 ? 132 LYS A CE  1 
ATOM   260 N  NZ  . LYS A 1 42  ? 10.610  -2.432  4.656   1.00 35.00 ? 132 LYS A NZ  1 
ATOM   261 N  N   . VAL A 1 43  ? 3.995   -1.829  3.001   1.00 35.00 ? 133 VAL A N   1 
ATOM   262 C  CA  . VAL A 1 43  ? 3.489   -0.448  3.052   1.00 35.00 ? 133 VAL A CA  1 
ATOM   263 C  C   . VAL A 1 43  ? 4.264   0.481   4.017   1.00 35.00 ? 133 VAL A C   1 
ATOM   264 O  O   . VAL A 1 43  ? 4.185   0.334   5.237   1.00 35.00 ? 133 VAL A O   1 
ATOM   265 C  CB  . VAL A 1 43  ? 1.972   -0.453  3.374   1.00 35.00 ? 133 VAL A CB  1 
ATOM   266 C  CG1 . VAL A 1 43  ? 1.377   0.927   3.266   1.00 35.00 ? 133 VAL A CG1 1 
ATOM   267 C  CG2 . VAL A 1 43  ? 1.274   -1.386  2.439   1.00 35.00 ? 133 VAL A CG2 1 
ATOM   268 N  N   . LYS A 1 44  ? 5.014   1.422   3.439   1.00 35.00 ? 134 LYS A N   1 
ATOM   269 C  CA  . LYS A 1 44  ? 5.825   2.393   4.176   1.00 35.00 ? 134 LYS A CA  1 
ATOM   270 C  C   . LYS A 1 44  ? 5.017   3.657   4.291   1.00 35.00 ? 134 LYS A C   1 
ATOM   271 O  O   . LYS A 1 44  ? 4.590   4.223   3.292   1.00 35.00 ? 134 LYS A O   1 
ATOM   272 C  CB  . LYS A 1 44  ? 7.142   2.643   3.441   1.00 35.00 ? 134 LYS A CB  1 
ATOM   273 C  CG  . LYS A 1 44  ? 7.892   1.357   3.174   1.00 35.00 ? 134 LYS A CG  1 
ATOM   274 C  CD  . LYS A 1 44  ? 8.973   1.529   2.143   1.00 35.00 ? 134 LYS A CD  1 
ATOM   275 C  CE  . LYS A 1 44  ? 10.313  1.837   2.784   1.00 35.00 ? 134 LYS A CE  1 
ATOM   276 N  NZ  . LYS A 1 44  ? 11.427  1.397   1.898   1.00 35.00 ? 134 LYS A NZ  1 
ATOM   277 N  N   . SER A 1 45  ? 4.809   4.085   5.525   1.00 35.00 ? 135 SER A N   1 
ATOM   278 C  CA  . SER A 1 45  ? 4.001   5.252   5.786   1.00 35.00 ? 135 SER A CA  1 
ATOM   279 C  C   . SER A 1 45  ? 4.844   6.393   6.309   1.00 35.00 ? 135 SER A C   1 
ATOM   280 O  O   . SER A 1 45  ? 5.664   6.192   7.192   1.00 35.00 ? 135 SER A O   1 
ATOM   281 C  CB  . SER A 1 45  ? 2.935   4.863   6.804   1.00 35.00 ? 135 SER A CB  1 
ATOM   282 O  OG  . SER A 1 45  ? 2.042   5.922   7.074   1.00 35.00 ? 135 SER A OG  1 
ATOM   283 N  N   . SER A 1 46  ? 4.583   7.597   5.812   1.00 35.00 ? 136 SER A N   1 
ATOM   284 C  CA  . SER A 1 46  ? 5.318   8.799   6.201   1.00 35.00 ? 136 SER A CA  1 
ATOM   285 C  C   . SER A 1 46  ? 4.825   9.354   7.517   1.00 35.00 ? 136 SER A C   1 
ATOM   286 O  O   . SER A 1 46  ? 5.597   9.822   8.347   1.00 35.00 ? 136 SER A O   1 
ATOM   287 C  CB  . SER A 1 46  ? 5.145   9.886   5.142   1.00 35.00 ? 136 SER A CB  1 
ATOM   288 O  OG  . SER A 1 46  ? 3.873   10.487  5.268   1.00 35.00 ? 136 SER A OG  1 
ATOM   289 N  N   . ASN A 1 47  ? 3.524   9.261   7.719   1.00 35.00 ? 137 ASN A N   1 
ATOM   290 C  CA  . ASN A 1 47  ? 2.945   9.802   8.921   1.00 35.00 ? 137 ASN A CA  1 
ATOM   291 C  C   . ASN A 1 47  ? 2.121   8.814   9.702   1.00 35.00 ? 137 ASN A C   1 
ATOM   292 O  O   . ASN A 1 47  ? 0.895   8.739   9.564   1.00 35.00 ? 137 ASN A O   1 
ATOM   293 C  CB  . ASN A 1 47  ? 2.108   11.020  8.573   1.00 35.00 ? 137 ASN A CB  1 
ATOM   294 C  CG  . ASN A 1 47  ? 1.592   11.743  9.789   1.00 35.00 ? 137 ASN A CG  1 
ATOM   295 O  OD1 . ASN A 1 47  ? 1.853   11.371  10.931  1.00 35.00 ? 137 ASN A OD1 1 
ATOM   296 N  ND2 . ASN A 1 47  ? 0.808   12.756  9.548   1.00 35.00 ? 137 ASN A ND2 1 
ATOM   297 N  N   . ASN A 1 48  ? 2.800   8.076   10.557  1.00 35.00 ? 138 ASN A N   1 
ATOM   298 C  CA  . ASN A 1 48  ? 2.135   7.116   11.389  1.00 35.00 ? 138 ASN A CA  1 
ATOM   299 C  C   . ASN A 1 48  ? 1.557   7.795   12.626  1.00 35.00 ? 138 ASN A C   1 
ATOM   300 O  O   . ASN A 1 48  ? 1.723   7.315   13.738  1.00 35.00 ? 138 ASN A O   1 
ATOM   301 C  CB  . ASN A 1 48  ? 3.143   6.058   11.755  1.00 35.00 ? 138 ASN A CB  1 
ATOM   302 C  CG  . ASN A 1 48  ? 2.885   4.800   11.048  1.00 35.00 ? 138 ASN A CG  1 
ATOM   303 O  OD1 . ASN A 1 48  ? 1.823   4.210   11.202  1.00 35.00 ? 138 ASN A OD1 1 
ATOM   304 N  ND2 . ASN A 1 48  ? 3.825   4.370   10.245  1.00 35.00 ? 138 ASN A ND2 1 
ATOM   305 N  N   . GLU A 1 49  ? 0.834   8.893   12.415  1.00 35.00 ? 139 GLU A N   1 
ATOM   306 C  CA  . GLU A 1 49  ? 0.275   9.662   13.517  1.00 35.00 ? 139 GLU A CA  1 
ATOM   307 C  C   . GLU A 1 49  ? -1.000  10.443  13.209  1.00 35.00 ? 139 GLU A C   1 
ATOM   308 O  O   . GLU A 1 49  ? -1.590  11.024  14.114  1.00 35.00 ? 139 GLU A O   1 
ATOM   309 C  CB  . GLU A 1 49  ? 1.350   10.596  14.063  1.00 35.00 ? 139 GLU A CB  1 
ATOM   310 C  CG  . GLU A 1 49  ? 0.951   11.482  15.229  1.00 35.00 ? 139 GLU A CG  1 
ATOM   311 C  CD  . GLU A 1 49  ? 1.746   12.769  15.208  1.00 35.00 ? 139 GLU A CD  1 
ATOM   312 O  OE1 . GLU A 1 49  ? 2.890   12.728  14.700  1.00 35.00 ? 139 GLU A OE1 1 
ATOM   313 O  OE2 . GLU A 1 49  ? 1.234   13.820  15.649  1.00 35.00 ? 139 GLU A OE2 1 
ATOM   314 N  N   . HIS A 1 50  ? -1.365  10.541  11.934  1.00 35.00 ? 140 HIS A N   1 
ATOM   315 C  CA  . HIS A 1 50  ? -2.611  11.197  11.518  1.00 35.00 ? 140 HIS A CA  1 
ATOM   316 C  C   . HIS A 1 50  ? -3.211  10.160  10.584  1.00 35.00 ? 140 HIS A C   1 
ATOM   317 O  O   . HIS A 1 50  ? -4.386  10.195  10.253  1.00 35.00 ? 140 HIS A O   1 
ATOM   318 C  CB  . HIS A 1 50  ? -2.389  12.484  10.729  1.00 35.00 ? 140 HIS A CB  1 
ATOM   319 C  CG  . HIS A 1 50  ? -1.621  13.543  11.461  1.00 35.00 ? 140 HIS A CG  1 
ATOM   320 N  ND1 . HIS A 1 50  ? -2.070  14.102  12.655  1.00 35.00 ? 140 HIS A ND1 1 
ATOM   321 C  CD2 . HIS A 1 50  ? -0.443  14.109  11.199  1.00 35.00 ? 140 HIS A CD2 1 
ATOM   322 C  CE1 . HIS A 1 50  ? -1.156  14.948  13.083  1.00 35.00 ? 140 HIS A CE1 1 
ATOM   323 N  NE2 . HIS A 1 50  ? -0.157  14.986  12.228  1.00 35.00 ? 140 HIS A NE2 1 
ATOM   324 N  N   . TYR A 1 51  ? -2.370  9.228   10.153  1.00 35.00 ? 141 TYR A N   1 
ATOM   325 C  CA  . TYR A 1 51  ? -2.788  8.162   9.267   1.00 35.00 ? 141 TYR A CA  1 
ATOM   326 C  C   . TYR A 1 51  ? -2.603  6.785   9.892   1.00 35.00 ? 141 TYR A C   1 
ATOM   327 O  O   . TYR A 1 51  ? -1.647  6.546   10.628  1.00 35.00 ? 141 TYR A O   1 
ATOM   328 C  CB  . TYR A 1 51  ? -2.009  8.262   7.960   1.00 35.00 ? 141 TYR A CB  1 
ATOM   329 C  CG  . TYR A 1 51  ? -2.404  9.474   7.159   1.00 35.00 ? 141 TYR A CG  1 
ATOM   330 C  CD1 . TYR A 1 51  ? -1.593  10.610  7.103   1.00 35.00 ? 141 TYR A CD1 1 
ATOM   331 C  CD2 . TYR A 1 51  ? -3.607  9.492   6.459   1.00 35.00 ? 141 TYR A CD2 1 
ATOM   332 C  CE1 . TYR A 1 51  ? -1.986  11.738  6.367   1.00 35.00 ? 141 TYR A CE1 1 
ATOM   333 C  CE2 . TYR A 1 51  ? -3.998  10.607  5.732   1.00 35.00 ? 141 TYR A CE2 1 
ATOM   334 C  CZ  . TYR A 1 51  ? -3.188  11.721  5.686   1.00 35.00 ? 141 TYR A CZ  1 
ATOM   335 O  OH  . TYR A 1 51  ? -3.616  12.811  4.979   1.00 35.00 ? 141 TYR A OH  1 
ATOM   336 N  N   . ARG A 1 52  ? -3.560  5.907   9.625   1.00 35.00 ? 142 ARG A N   1 
ATOM   337 C  CA  . ARG A 1 52  ? -3.559  4.538   10.104  1.00 35.00 ? 142 ARG A CA  1 
ATOM   338 C  C   . ARG A 1 52  ? -3.898  3.683   8.898   1.00 35.00 ? 142 ARG A C   1 
ATOM   339 O  O   . ARG A 1 52  ? -5.061  3.557   8.507   1.00 35.00 ? 142 ARG A O   1 
ATOM   340 C  CB  . ARG A 1 52  ? -4.606  4.375   11.192  1.00 35.00 ? 142 ARG A CB  1 
ATOM   341 C  CG  . ARG A 1 52  ? -5.020  2.939   11.494  1.00 35.00 ? 142 ARG A CG  1 
ATOM   342 C  CD  . ARG A 1 52  ? -6.135  2.945   12.550  1.00 35.00 ? 142 ARG A CD  1 
ATOM   343 N  NE  . ARG A 1 52  ? -7.216  1.978   12.320  1.00 35.00 ? 142 ARG A NE  1 
ATOM   344 C  CZ  . ARG A 1 52  ? -8.495  2.195   12.643  1.00 35.00 ? 142 ARG A CZ  1 
ATOM   345 N  NH1 . ARG A 1 52  ? -8.857  3.341   13.209  1.00 35.00 ? 142 ARG A NH1 1 
ATOM   346 N  NH2 . ARG A 1 52  ? -9.410  1.263   12.406  1.00 35.00 ? 142 ARG A NH2 1 
ATOM   347 N  N   . VAL A 1 53  ? -2.849  3.141   8.287   1.00 35.00 ? 143 VAL A N   1 
ATOM   348 C  CA  . VAL A 1 53  ? -2.968  2.291   7.106   1.00 35.00 ? 143 VAL A CA  1 
ATOM   349 C  C   . VAL A 1 53  ? -2.944  0.780   7.473   1.00 35.00 ? 143 VAL A C   1 
ATOM   350 O  O   . VAL A 1 53  ? -2.252  0.358   8.409   1.00 35.00 ? 143 VAL A O   1 
ATOM   351 C  CB  . VAL A 1 53  ? -1.916  2.704   6.054   1.00 35.00 ? 143 VAL A CB  1 
ATOM   352 C  CG1 . VAL A 1 53  ? -2.180  2.051   4.726   1.00 35.00 ? 143 VAL A CG1 1 
ATOM   353 C  CG2 . VAL A 1 53  ? -1.944  4.180   5.893   1.00 35.00 ? 143 VAL A CG2 1 
ATOM   354 N  N   . ARG A 1 54  ? -3.775  -0.010  6.792   1.00 35.00 ? 144 ARG A N   1 
ATOM   355 C  CA  . ARG A 1 54  ? -3.898  -1.451  7.058   1.00 35.00 ? 144 ARG A CA  1 
ATOM   356 C  C   . ARG A 1 54  ? -4.176  -2.214  5.768   1.00 35.00 ? 144 ARG A C   1 
ATOM   357 O  O   . ARG A 1 54  ? -5.024  -1.812  4.980   1.00 35.00 ? 144 ARG A O   1 
ATOM   358 C  CB  . ARG A 1 54  ? -5.057  -1.727  8.037   1.00 35.00 ? 144 ARG A CB  1 
ATOM   359 C  CG  . ARG A 1 54  ? -5.021  -0.960  9.336   1.00 35.00 ? 144 ARG A CG  1 
ATOM   360 C  CD  . ARG A 1 54  ? -5.848  -1.635  10.399  1.00 35.00 ? 144 ARG A CD  1 
ATOM   361 N  NE  . ARG A 1 54  ? -5.815  -0.894  11.660  1.00 35.00 ? 144 ARG A NE  1 
ATOM   362 C  CZ  . ARG A 1 54  ? -4.718  -0.641  12.369  1.00 35.00 ? 144 ARG A CZ  1 
ATOM   363 N  NH1 . ARG A 1 54  ? -3.532  -1.061  11.950  1.00 35.00 ? 144 ARG A NH1 1 
ATOM   364 N  NH2 . ARG A 1 54  ? -4.812  0.050   13.498  1.00 35.00 ? 144 ARG A NH2 1 
ATOM   365 N  N   . PRO A 1 55  ? -3.493  -3.365  5.525   1.00 35.00 ? 145 PRO A N   1 
ATOM   366 C  CA  . PRO A 1 55  ? -2.459  -4.035  6.333   1.00 35.00 ? 145 PRO A CA  1 
ATOM   367 C  C   . PRO A 1 55  ? -1.131  -3.353  6.066   1.00 35.00 ? 145 PRO A C   1 
ATOM   368 O  O   . PRO A 1 55  ? -1.102  -2.323  5.407   1.00 35.00 ? 145 PRO A O   1 
ATOM   369 C  CB  . PRO A 1 55  ? -2.473  -5.461  5.751   1.00 35.00 ? 145 PRO A CB  1 
ATOM   370 C  CG  . PRO A 1 55  ? -3.464  -5.458  4.604   1.00 35.00 ? 145 PRO A CG  1 
ATOM   371 C  CD  . PRO A 1 55  ? -3.663  -4.029  4.240   1.00 35.00 ? 145 PRO A CD  1 
ATOM   372 N  N   . VAL A 1 56  ? -0.039  -3.867  6.621   1.00 35.00 ? 146 VAL A N   1 
ATOM   373 C  CA  . VAL A 1 56  ? 1.267   -3.276  6.356   1.00 35.00 ? 146 VAL A CA  1 
ATOM   374 C  C   . VAL A 1 56  ? 1.909   -4.158  5.299   1.00 35.00 ? 146 VAL A C   1 
ATOM   375 O  O   . VAL A 1 56  ? 2.488   -3.674  4.327   1.00 35.00 ? 146 VAL A O   1 
ATOM   376 C  CB  . VAL A 1 56  ? 2.153   -3.225  7.596   1.00 35.00 ? 146 VAL A CB  1 
ATOM   377 C  CG1 . VAL A 1 56  ? 3.499   -2.621  7.241   1.00 35.00 ? 146 VAL A CG1 1 
ATOM   378 C  CG2 . VAL A 1 56  ? 1.484   -2.411  8.663   1.00 35.00 ? 146 VAL A CG2 1 
ATOM   379 N  N   . TYR A 1 57  ? 1.770   -5.463  5.508   1.00 35.00 ? 147 TYR A N   1 
ATOM   380 C  CA  . TYR A 1 57  ? 2.267   -6.483  4.593   1.00 35.00 ? 147 TYR A CA  1 
ATOM   381 C  C   . TYR A 1 57  ? 1.087   -7.247  4.017   1.00 35.00 ? 147 TYR A C   1 
ATOM   382 O  O   . TYR A 1 57  ? -0.025  -7.153  4.531   1.00 35.00 ? 147 TYR A O   1 
ATOM   383 C  CB  . TYR A 1 57  ? 3.189   -7.440  5.332   1.00 35.00 ? 147 TYR A CB  1 
ATOM   384 C  CG  . TYR A 1 57  ? 4.539   -6.825  5.619   1.00 35.00 ? 147 TYR A CG  1 
ATOM   385 C  CD1 . TYR A 1 57  ? 4.759   -6.079  6.775   1.00 35.00 ? 147 TYR A CD1 1 
ATOM   386 C  CD2 . TYR A 1 57  ? 5.598   -6.950  4.705   1.00 35.00 ? 147 TYR A CD2 1 
ATOM   387 C  CE1 . TYR A 1 57  ? 5.983   -5.471  7.010   1.00 35.00 ? 147 TYR A CE1 1 
ATOM   388 C  CE2 . TYR A 1 57  ? 6.828   -6.338  4.939   1.00 35.00 ? 147 TYR A CE2 1 
ATOM   389 C  CZ  . TYR A 1 57  ? 7.008   -5.603  6.094   1.00 35.00 ? 147 TYR A CZ  1 
ATOM   390 O  OH  . TYR A 1 57  ? 8.200   -4.971  6.340   1.00 35.00 ? 147 TYR A OH  1 
ATOM   391 N  N   . GLY A 1 58  ? 1.297   -7.971  2.924   1.00 35.00 ? 148 GLY A N   1 
ATOM   392 C  CA  . GLY A 1 58  ? 0.190   -8.735  2.359   1.00 35.00 ? 148 GLY A CA  1 
ATOM   393 C  C   . GLY A 1 58  ? 0.395   -9.295  0.967   1.00 35.00 ? 148 GLY A C   1 
ATOM   394 O  O   . GLY A 1 58  ? 1.257   -8.817  0.225   1.00 35.00 ? 148 GLY A O   1 
ATOM   395 N  N   . PHE A 1 59  ? -0.425  -10.278 0.598   1.00 35.00 ? 149 PHE A N   1 
ATOM   396 C  CA  . PHE A 1 59  ? -0.324  -10.883 -0.717  1.00 35.00 ? 149 PHE A CA  1 
ATOM   397 C  C   . PHE A 1 59  ? -1.383  -10.394 -1.650  1.00 35.00 ? 149 PHE A C   1 
ATOM   398 O  O   . PHE A 1 59  ? -2.359  -9.801  -1.209  1.00 35.00 ? 149 PHE A O   1 
ATOM   399 C  CB  . PHE A 1 59  ? -0.433  -12.387 -0.614  1.00 35.00 ? 149 PHE A CB  1 
ATOM   400 C  CG  . PHE A 1 59  ? 0.742   -13.002 0.020   1.00 35.00 ? 149 PHE A CG  1 
ATOM   401 C  CD1 . PHE A 1 59  ? 0.620   -13.681 1.210   1.00 35.00 ? 149 PHE A CD1 1 
ATOM   402 C  CD2 . PHE A 1 59  ? 1.987   -12.894 -0.569  1.00 35.00 ? 149 PHE A CD2 1 
ATOM   403 C  CE1 . PHE A 1 59  ? 1.723   -14.230 1.825   1.00 35.00 ? 149 PHE A CE1 1 
ATOM   404 C  CE2 . PHE A 1 59  ? 3.109   -13.439 0.037   1.00 35.00 ? 149 PHE A CE2 1 
ATOM   405 C  CZ  . PHE A 1 59  ? 2.971   -14.121 1.237   1.00 35.00 ? 149 PHE A CZ  1 
ATOM   406 N  N   . VAL A 1 60  ? -1.102  -10.490 -2.944  1.00 35.00 ? 150 VAL A N   1 
ATOM   407 C  CA  . VAL A 1 60  ? -2.080  -10.142 -3.973  1.00 35.00 ? 150 VAL A CA  1 
ATOM   408 C  C   . VAL A 1 60  ? -1.922  -11.257 -4.968  1.00 35.00 ? 150 VAL A C   1 
ATOM   409 O  O   . VAL A 1 60  ? -0.936  -11.313 -5.713  1.00 35.00 ? 150 VAL A O   1 
ATOM   410 C  CB  . VAL A 1 60  ? -1.842  -8.803  -4.718  1.00 35.00 ? 150 VAL A CB  1 
ATOM   411 C  CG1 . VAL A 1 60  ? -3.044  -8.510  -5.624  1.00 35.00 ? 150 VAL A CG1 1 
ATOM   412 C  CG2 . VAL A 1 60  ? -1.614  -7.653  -3.746  1.00 35.00 ? 150 VAL A CG2 1 
ATOM   413 N  N   . ASP A 1 61  ? -2.889  -12.164 -4.969  1.00 35.00 ? 151 ASP A N   1 
ATOM   414 C  CA  . ASP A 1 61  ? -2.851  -13.281 -5.888  1.00 35.00 ? 151 ASP A CA  1 
ATOM   415 C  C   . ASP A 1 61  ? -2.516  -12.793 -7.293  1.00 35.00 ? 151 ASP A C   1 
ATOM   416 O  O   . ASP A 1 61  ? -2.510  -11.589 -7.556  1.00 35.00 ? 151 ASP A O   1 
ATOM   417 C  CB  . ASP A 1 61  ? -4.184  -14.026 -5.868  1.00 35.00 ? 151 ASP A CB  1 
ATOM   418 C  CG  . ASP A 1 61  ? -4.402  -14.795 -4.572  1.00 35.00 ? 151 ASP A CG  1 
ATOM   419 O  OD1 . ASP A 1 61  ? -3.406  -15.175 -3.911  1.00 35.00 ? 151 ASP A OD1 1 
ATOM   420 O  OD2 . ASP A 1 61  ? -5.575  -15.036 -4.216  1.00 35.00 ? 151 ASP A OD2 1 
ATOM   421 N  N   . ALA A 1 62  ? -2.175  -13.723 -8.174  1.00 35.00 ? 152 ALA A N   1 
ATOM   422 C  CA  . ALA A 1 62  ? -1.818  -13.397 -9.549  1.00 35.00 ? 152 ALA A CA  1 
ATOM   423 C  C   . ALA A 1 62  ? -3.032  -12.833 -10.288 1.00 35.00 ? 152 ALA A C   1 
ATOM   424 O  O   . ALA A 1 62  ? -4.116  -13.431 -10.230 1.00 35.00 ? 152 ALA A O   1 
ATOM   425 C  CB  . ALA A 1 62  ? -1.301  -14.624 -10.235 1.00 35.00 ? 152 ALA A CB  1 
ATOM   426 N  N   . LYS A 1 63  ? -2.845  -11.672 -10.946 1.00 35.00 ? 153 LYS A N   1 
ATOM   427 C  CA  . LYS A 1 63  ? -3.886  -10.934 -11.704 1.00 35.00 ? 153 LYS A CA  1 
ATOM   428 C  C   . LYS A 1 63  ? -5.127  -10.728 -10.821 1.00 35.00 ? 153 LYS A C   1 
ATOM   429 O  O   . LYS A 1 63  ? -6.264  -10.703 -11.302 1.00 35.00 ? 153 LYS A O   1 
ATOM   430 C  CB  . LYS A 1 63  ? -4.255  -11.660 -13.017 1.00 35.00 ? 153 LYS A CB  1 
ATOM   431 C  CG  . LYS A 1 63  ? -3.052  -12.098 -13.914 1.00 35.00 ? 153 LYS A CG  1 
ATOM   432 C  CD  . LYS A 1 63  ? -2.487  -10.981 -14.805 1.00 35.00 ? 153 LYS A CD  1 
ATOM   433 C  CE  . LYS A 1 63  ? -3.361  -10.689 -16.021 1.00 35.00 ? 153 LYS A CE  1 
ATOM   434 N  NZ  . LYS A 1 63  ? -3.356  -11.837 -16.944 1.00 35.00 ? 153 LYS A NZ  1 
ATOM   435 N  N   . GLY A 1 64  ? -4.867  -10.523 -9.527  1.00 35.00 ? 154 GLY A N   1 
ATOM   436 C  CA  . GLY A 1 64  ? -5.919  -10.348 -8.536  1.00 35.00 ? 154 GLY A CA  1 
ATOM   437 C  C   . GLY A 1 64  ? -6.166  -8.967  -7.970  1.00 35.00 ? 154 GLY A C   1 
ATOM   438 O  O   . GLY A 1 64  ? -5.984  -7.958  -8.651  1.00 35.00 ? 154 GLY A O   1 
ATOM   439 N  N   . LYS A 1 65  ? -6.560  -8.940  -6.702  1.00 35.00 ? 155 LYS A N   1 
ATOM   440 C  CA  . LYS A 1 65  ? -6.911  -7.696  -6.025  1.00 35.00 ? 155 LYS A CA  1 
ATOM   441 C  C   . LYS A 1 65  ? -6.798  -7.894  -4.504  1.00 35.00 ? 155 LYS A C   1 
ATOM   442 O  O   . LYS A 1 65  ? -7.041  -8.996  -4.022  1.00 35.00 ? 155 LYS A O   1 
ATOM   443 C  CB  . LYS A 1 65  ? -8.367  -7.330  -6.399  1.00 35.00 ? 155 LYS A CB  1 
ATOM   444 C  CG  . LYS A 1 65  ? -9.398  -8.516  -6.424  1.00 35.00 ? 155 LYS A CG  1 
ATOM   445 C  CD  . LYS A 1 65  ? -10.793 -8.110  -6.946  1.00 35.00 ? 155 LYS A CD  1 
ATOM   446 C  CE  . LYS A 1 65  ? -11.756 -9.307  -7.025  1.00 35.00 ? 155 LYS A CE  1 
ATOM   447 N  NZ  . LYS A 1 65  ? -13.136 -8.991  -7.586  1.00 35.00 ? 155 LYS A NZ  1 
ATOM   448 N  N   . SER A 1 66  ? -6.369  -6.859  -3.770  1.00 35.00 ? 156 SER A N   1 
ATOM   449 C  CA  . SER A 1 66  ? -6.200  -6.868  -2.290  1.00 35.00 ? 156 SER A CA  1 
ATOM   450 C  C   . SER A 1 66  ? -6.483  -5.456  -1.790  1.00 35.00 ? 156 SER A C   1 
ATOM   451 O  O   . SER A 1 66  ? -6.006  -4.505  -2.427  1.00 35.00 ? 156 SER A O   1 
ATOM   452 C  CB  . SER A 1 66  ? -4.776  -7.230  -1.876  1.00 35.00 ? 156 SER A CB  1 
ATOM   453 O  OG  . SER A 1 66  ? -4.441  -8.544  -2.293  1.00 35.00 ? 156 SER A OG  1 
ATOM   454 N  N   . LYS A 1 67  ? -7.216  -5.300  -0.674  1.00 35.00 ? 157 LYS A N   1 
ATOM   455 C  CA  . LYS A 1 67  ? -7.507  -3.934  -0.196  1.00 35.00 ? 157 LYS A CA  1 
ATOM   456 C  C   . LYS A 1 67  ? -6.604  -3.278  0.790   1.00 35.00 ? 157 LYS A C   1 
ATOM   457 O  O   . LYS A 1 67  ? -6.001  -3.935  1.626   1.00 35.00 ? 157 LYS A O   1 
ATOM   458 C  CB  . LYS A 1 67  ? -8.965  -3.756  0.189   1.00 35.00 ? 157 LYS A CB  1 
ATOM   459 C  CG  . LYS A 1 67  ? -9.391  -4.427  1.442   1.00 35.00 ? 157 LYS A CG  1 
ATOM   460 C  CD  . LYS A 1 67  ? -10.357 -3.541  2.176   1.00 35.00 ? 157 LYS A CD  1 
ATOM   461 C  CE  . LYS A 1 67  ? -10.989 -4.255  3.343   1.00 35.00 ? 157 LYS A CE  1 
ATOM   462 N  NZ  . LYS A 1 67  ? -11.791 -3.275  4.123   1.00 35.00 ? 157 LYS A NZ  1 
ATOM   463 N  N   . LEU A 1 68  ? -6.567  -1.962  0.692   1.00 35.00 ? 158 LEU A N   1 
ATOM   464 C  CA  . LEU A 1 68  ? -5.749  -1.200  1.586   1.00 35.00 ? 158 LEU A CA  1 
ATOM   465 C  C   . LEU A 1 68  ? -6.626  -0.212  2.331   1.00 35.00 ? 158 LEU A C   1 
ATOM   466 O  O   . LEU A 1 68  ? -7.417  0.487   1.714   1.00 35.00 ? 158 LEU A O   1 
ATOM   467 C  CB  . LEU A 1 68  ? -4.663  -0.423  0.784   1.00 35.00 ? 158 LEU A CB  1 
ATOM   468 C  CG  . LEU A 1 68  ? -3.576  0.343   1.530   1.00 35.00 ? 158 LEU A CG  1 
ATOM   469 C  CD1 . LEU A 1 68  ? -2.795  -0.589  2.465   1.00 35.00 ? 158 LEU A CD1 1 
ATOM   470 C  CD2 . LEU A 1 68  ? -2.637  1.002   0.518   1.00 35.00 ? 158 LEU A CD2 1 
ATOM   471 N  N   . ASP A 1 69  ? -6.487  -0.213  3.662   1.00 35.00 ? 159 ASP A N   1 
ATOM   472 C  CA  . ASP A 1 69  ? -7.230  0.666   4.544   1.00 35.00 ? 159 ASP A CA  1 
ATOM   473 C  C   . ASP A 1 69  ? -6.358  1.761   5.171   1.00 35.00 ? 159 ASP A C   1 
ATOM   474 O  O   . ASP A 1 69  ? -5.524  1.437   6.021   1.00 35.00 ? 159 ASP A O   1 
ATOM   475 C  CB  . ASP A 1 69  ? -7.968  -0.131  5.613   1.00 35.00 ? 159 ASP A CB  1 
ATOM   476 C  CG  . ASP A 1 69  ? -9.032  -1.012  5.073   1.00 35.00 ? 159 ASP A CG  1 
ATOM   477 O  OD1 . ASP A 1 69  ? -9.292  -0.824  3.851   1.00 35.00 ? 159 ASP A OD1 1 
ATOM   478 O  OD2 . ASP A 1 69  ? -9.603  -1.835  5.804   1.00 35.00 ? 159 ASP A OD2 1 
ATOM   479 N  N   . ILE A 1 70  ? -6.494  3.010   4.707   1.00 35.00 ? 160 ILE A N   1 
ATOM   480 C  CA  . ILE A 1 70  ? -5.774  4.194   5.223   1.00 35.00 ? 160 ILE A CA  1 
ATOM   481 C  C   . ILE A 1 70  ? -6.822  4.956   6.055   1.00 35.00 ? 160 ILE A C   1 
ATOM   482 O  O   . ILE A 1 70  ? -7.928  5.143   5.565   1.00 35.00 ? 160 ILE A O   1 
ATOM   483 C  CB  . ILE A 1 70  ? -5.261  5.071   4.039   1.00 35.00 ? 160 ILE A CB  1 
ATOM   484 C  CG1 . ILE A 1 70  ? -4.580  4.196   3.038   1.00 35.00 ? 160 ILE A CG1 1 
ATOM   485 C  CG2 . ILE A 1 70  ? -4.435  6.200   4.514   1.00 35.00 ? 160 ILE A CG2 1 
ATOM   486 C  CD1 . ILE A 1 70  ? -4.171  4.861   1.731   1.00 35.00 ? 160 ILE A CD1 1 
ATOM   487 N  N   . ASN A 1 71  ? -6.508  5.388   7.278   1.00 35.00 ? 161 ASN A N   1 
ATOM   488 C  CA  . ASN A 1 71  ? -7.515  6.087   8.065   1.00 35.00 ? 161 ASN A CA  1 
ATOM   489 C  C   . ASN A 1 71  ? -6.972  7.405   8.595   1.00 35.00 ? 161 ASN A C   1 
ATOM   490 O  O   . ASN A 1 71  ? -6.024  7.432   9.384   1.00 35.00 ? 161 ASN A O   1 
ATOM   491 C  CB  . ASN A 1 71  ? -8.043  5.196   9.187   1.00 35.00 ? 161 ASN A CB  1 
ATOM   492 C  CG  . ASN A 1 71  ? -9.216  5.814   9.937   1.00 35.00 ? 161 ASN A CG  1 
ATOM   493 O  OD1 . ASN A 1 71  ? -10.092 6.432   9.328   1.00 35.00 ? 161 ASN A OD1 1 
ATOM   494 N  ND2 . ASN A 1 71  ? -9.197  5.713   11.273  1.00 35.00 ? 161 ASN A ND2 1 
ATOM   495 N  N   . ARG A 1 72  ? -7.570  8.509   8.141   1.00 35.00 ? 162 ARG A N   1 
ATOM   496 C  CA  . ARG A 1 72  ? -7.165  9.834   8.587   1.00 35.00 ? 162 ARG A CA  1 
ATOM   497 C  C   . ARG A 1 72  ? -7.806  10.148  9.931   1.00 35.00 ? 162 ARG A C   1 
ATOM   498 O  O   . ARG A 1 72  ? -8.996  9.890   10.167  1.00 35.00 ? 162 ARG A O   1 
ATOM   499 C  CB  . ARG A 1 72  ? -7.521  10.921  7.546   1.00 35.00 ? 162 ARG A CB  1 
ATOM   500 C  CG  . ARG A 1 72  ? -7.295  12.382  7.973   1.00 35.00 ? 162 ARG A CG  1 
ATOM   501 C  CD  . ARG A 1 72  ? -5.811  12.791  8.066   1.00 35.00 ? 162 ARG A CD  1 
ATOM   502 N  NE  . ARG A 1 72  ? -5.651  14.094  8.725   1.00 35.00 ? 162 ARG A NE  1 
ATOM   503 C  CZ  . ARG A 1 72  ? -4.513  14.794  8.775   1.00 35.00 ? 162 ARG A CZ  1 
ATOM   504 N  NH1 . ARG A 1 72  ? -3.399  14.329  8.205   1.00 35.00 ? 162 ARG A NH1 1 
ATOM   505 N  NH2 . ARG A 1 72  ? -4.492  15.995  9.350   1.00 35.00 ? 162 ARG A NH2 1 
ATOM   506 N  N   . LEU A 1 73  ? -6.948  10.631  10.823  1.00 35.00 ? 163 LEU A N   1 
ATOM   507 C  CA  . LEU A 1 73  ? -7.299  11.013  12.183  1.00 35.00 ? 163 LEU A CA  1 
ATOM   508 C  C   . LEU A 1 73  ? -7.096  12.525  12.316  1.00 35.00 ? 163 LEU A C   1 
ATOM   509 O  O   . LEU A 1 73  ? -6.399  13.140  11.503  1.00 35.00 ? 163 LEU A O   1 
ATOM   510 C  CB  . LEU A 1 73  ? -6.357  10.294  13.152  1.00 35.00 ? 163 LEU A CB  1 
ATOM   511 C  CG  . LEU A 1 73  ? -6.345  8.773   13.026  1.00 35.00 ? 163 LEU A CG  1 
ATOM   512 C  CD1 . LEU A 1 73  ? -4.986  8.220   13.401  1.00 35.00 ? 163 LEU A CD1 1 
ATOM   513 C  CD2 . LEU A 1 73  ? -7.475  8.166   13.853  1.00 35.00 ? 163 LEU A CD2 1 
ATOM   514 N  N   . PRO A 1 74  ? -7.725  13.151  13.324  1.00 35.00 ? 164 PRO A N   1 
ATOM   515 C  CA  . PRO A 1 74  ? -7.556  14.599  13.504  1.00 35.00 ? 164 PRO A CA  1 
ATOM   516 C  C   . PRO A 1 74  ? -6.082  15.061  13.522  1.00 35.00 ? 164 PRO A C   1 
ATOM   517 O  O   . PRO A 1 74  ? -5.235  14.488  14.218  1.00 35.00 ? 164 PRO A O   1 
ATOM   518 C  CB  . PRO A 1 74  ? -8.221  14.861  14.859  1.00 35.00 ? 164 PRO A CB  1 
ATOM   519 C  CG  . PRO A 1 74  ? -9.211  13.766  15.041  1.00 35.00 ? 164 PRO A CG  1 
ATOM   520 C  CD  . PRO A 1 74  ? -8.784  12.600  14.196  1.00 35.00 ? 164 PRO A CD  1 
ATOM   521 N  N   . GLY A 1 75  ? -5.761  16.027  12.670  1.00 35.00 ? 165 GLY A N   1 
ATOM   522 C  CA  . GLY A 1 75  ? -4.406  16.556  12.629  1.00 35.00 ? 165 GLY A CA  1 
ATOM   523 C  C   . GLY A 1 75  ? -4.320  17.789  11.748  1.00 35.00 ? 165 GLY A C   1 
ATOM   524 O  O   . GLY A 1 75  ? -5.353  18.278  11.288  1.00 35.00 ? 165 GLY A O   1 
ATOM   525 N  N   . PRO A 1 76  ? -3.109  18.304  11.465  1.00 35.00 ? 166 PRO A N   1 
ATOM   526 C  CA  . PRO A 1 76  ? -2.904  19.489  10.628  1.00 35.00 ? 166 PRO A CA  1 
ATOM   527 C  C   . PRO A 1 76  ? -3.082  19.240  9.149   1.00 35.00 ? 166 PRO A C   1 
ATOM   528 O  O   . PRO A 1 76  ? -2.825  18.137  8.670   1.00 35.00 ? 166 PRO A O   1 
ATOM   529 C  CB  . PRO A 1 76  ? -1.437  19.816  10.878  1.00 35.00 ? 166 PRO A CB  1 
ATOM   530 C  CG  . PRO A 1 76  ? -0.820  18.481  11.067  1.00 35.00 ? 166 PRO A CG  1 
ATOM   531 C  CD  . PRO A 1 76  ? -1.821  17.808  11.973  1.00 35.00 ? 166 PRO A CD  1 
ATOM   532 N  N   . PRO A 1 77  ? -3.525  20.263  8.405   1.00 35.00 ? 167 PRO A N   1 
ATOM   533 C  CA  . PRO A 1 77  ? -3.701  20.111  6.960   1.00 35.00 ? 167 PRO A CA  1 
ATOM   534 C  C   . PRO A 1 77  ? -2.347  20.115  6.222   1.00 35.00 ? 167 PRO A C   1 
ATOM   535 O  O   . PRO A 1 77  ? -1.737  21.171  6.016   1.00 35.00 ? 167 PRO A O   1 
ATOM   536 C  CB  . PRO A 1 77  ? -4.531  21.346  6.576   1.00 35.00 ? 167 PRO A CB  1 
ATOM   537 C  CG  . PRO A 1 77  ? -4.173  22.335  7.619   1.00 35.00 ? 167 PRO A CG  1 
ATOM   538 C  CD  . PRO A 1 77  ? -4.201  21.483  8.864   1.00 35.00 ? 167 PRO A CD  1 
ATOM   539 N  N   . LYS A 1 78  ? -1.868  18.929  5.862   1.00 35.00 ? 168 LYS A N   1 
ATOM   540 C  CA  . LYS A 1 78  ? -0.619  18.793  5.123   1.00 35.00 ? 168 LYS A CA  1 
ATOM   541 C  C   . LYS A 1 78  ? -0.684  17.583  4.207   1.00 35.00 ? 168 LYS A C   1 
ATOM   542 O  O   . LYS A 1 78  ? -1.673  16.863  4.167   1.00 35.00 ? 168 LYS A O   1 
ATOM   543 C  CB  . LYS A 1 78  ? 0.586   18.668  6.063   1.00 35.00 ? 168 LYS A CB  1 
ATOM   544 C  CG  . LYS A 1 78  ? 0.665   17.378  6.823   1.00 35.00 ? 168 LYS A CG  1 
ATOM   545 C  CD  . LYS A 1 78  ? 1.900   17.350  7.701   1.00 35.00 ? 168 LYS A CD  1 
ATOM   546 C  CE  . LYS A 1 78  ? 3.049   16.519  7.102   1.00 35.00 ? 168 LYS A CE  1 
ATOM   547 N  NZ  . LYS A 1 78  ? 3.670   17.048  5.857   1.00 35.00 ? 168 LYS A NZ  1 
ATOM   548 N  N   . GLU A 1 79  ? 0.382   17.376  3.459   1.00 35.00 ? 169 GLU A N   1 
ATOM   549 C  CA  . GLU A 1 79  ? 0.464   16.260  2.559   1.00 35.00 ? 169 GLU A CA  1 
ATOM   550 C  C   . GLU A 1 79  ? 1.474   15.248  3.101   1.00 35.00 ? 169 GLU A C   1 
ATOM   551 O  O   . GLU A 1 79  ? 2.475   15.624  3.743   1.00 35.00 ? 169 GLU A O   1 
ATOM   552 C  CB  . GLU A 1 79  ? 0.835   16.773  1.170   1.00 35.00 ? 169 GLU A CB  1 
ATOM   553 C  CG  . GLU A 1 79  ? -0.241  17.712  0.613   1.00 35.00 ? 169 GLU A CG  1 
ATOM   554 C  CD  . GLU A 1 79  ? 0.028   18.218  -0.798  1.00 35.00 ? 169 GLU A CD  1 
ATOM   555 O  OE1 . GLU A 1 79  ? 1.024   17.789  -1.436  1.00 35.00 ? 169 GLU A OE1 1 
ATOM   556 O  OE2 . GLU A 1 79  ? -0.769  19.064  -1.265  1.00 35.00 ? 169 GLU A OE2 1 
ATOM   557 N  N   . ASP A 1 80  ? 1.161   13.966  2.899   1.00 35.00 ? 170 ASP A N   1 
ATOM   558 C  CA  . ASP A 1 80  ? 2.010   12.854  3.327   1.00 35.00 ? 170 ASP A CA  1 
ATOM   559 C  C   . ASP A 1 80  ? 1.970   11.777  2.259   1.00 35.00 ? 170 ASP A C   1 
ATOM   560 O  O   . ASP A 1 80  ? 1.235   11.908  1.283   1.00 35.00 ? 170 ASP A O   1 
ATOM   561 C  CB  . ASP A 1 80  ? 1.508   12.304  4.654   1.00 35.00 ? 170 ASP A CB  1 
ATOM   562 C  CG  . ASP A 1 80  ? 1.896   13.173  5.811   1.00 35.00 ? 170 ASP A CG  1 
ATOM   563 O  OD1 . ASP A 1 80  ? 3.084   13.164  6.166   1.00 35.00 ? 170 ASP A OD1 1 
ATOM   564 O  OD2 . ASP A 1 80  ? 1.028   13.883  6.345   1.00 35.00 ? 170 ASP A OD2 1 
ATOM   565 N  N   . LYS A 1 81  ? 2.741   10.707  2.422   1.00 35.00 ? 171 LYS A N   1 
ATOM   566 C  CA  . LYS A 1 81  ? 2.713   9.647   1.412   1.00 35.00 ? 171 LYS A CA  1 
ATOM   567 C  C   . LYS A 1 81  ? 2.843   8.237   1.977   1.00 35.00 ? 171 LYS A C   1 
ATOM   568 O  O   . LYS A 1 81  ? 3.291   8.030   3.109   1.00 35.00 ? 171 LYS A O   1 
ATOM   569 C  CB  . LYS A 1 81  ? 3.810   9.853   0.371   1.00 35.00 ? 171 LYS A CB  1 
ATOM   570 C  CG  . LYS A 1 81  ? 5.209   9.780   0.962   1.00 35.00 ? 171 LYS A CG  1 
ATOM   571 C  CD  . LYS A 1 81  ? 6.264   9.764   -0.096  1.00 35.00 ? 171 LYS A CD  1 
ATOM   572 C  CE  . LYS A 1 81  ? 7.592   10.030  0.526   1.00 35.00 ? 171 LYS A CE  1 
ATOM   573 N  NZ  . LYS A 1 81  ? 8.608   9.752   -0.488  1.00 35.00 ? 171 LYS A NZ  1 
ATOM   574 N  N   . ILE A 1 82  ? 2.503   7.270   1.134   1.00 35.00 ? 172 ILE A N   1 
ATOM   575 C  CA  . ILE A 1 82  ? 2.579   5.848   1.454   1.00 35.00 ? 172 ILE A CA  1 
ATOM   576 C  C   . ILE A 1 82  ? 3.323   5.236   0.280   1.00 35.00 ? 172 ILE A C   1 
ATOM   577 O  O   . ILE A 1 82  ? 3.007   5.536   -0.873  1.00 35.00 ? 172 ILE A O   1 
ATOM   578 C  CB  . ILE A 1 82  ? 1.175   5.208   1.506   1.00 35.00 ? 172 ILE A CB  1 
ATOM   579 C  CG1 . ILE A 1 82  ? 0.583   5.340   2.898   1.00 35.00 ? 172 ILE A CG1 1 
ATOM   580 C  CG2 . ILE A 1 82  ? 1.215   3.749   1.062   1.00 35.00 ? 172 ILE A CG2 1 
ATOM   581 C  CD1 . ILE A 1 82  ? -0.843  4.973   2.916   1.00 35.00 ? 172 ILE A CD1 1 
ATOM   582 N  N   . VAL A 1 83  ? 4.347   4.439   0.558   1.00 35.00 ? 173 VAL A N   1 
ATOM   583 C  CA  . VAL A 1 83  ? 5.083   3.810   -0.525  1.00 35.00 ? 173 VAL A CA  1 
ATOM   584 C  C   . VAL A 1 83  ? 4.843   2.323   -0.461  1.00 35.00 ? 173 VAL A C   1 
ATOM   585 O  O   . VAL A 1 83  ? 5.202   1.682   0.524   1.00 35.00 ? 173 VAL A O   1 
ATOM   586 C  CB  . VAL A 1 83  ? 6.610   4.090   -0.451  1.00 35.00 ? 173 VAL A CB  1 
ATOM   587 C  CG1 . VAL A 1 83  ? 7.308   3.517   -1.670  1.00 35.00 ? 173 VAL A CG1 1 
ATOM   588 C  CG2 . VAL A 1 83  ? 6.869   5.565   -0.428  1.00 35.00 ? 173 VAL A CG2 1 
ATOM   589 N  N   . ILE A 1 84  ? 4.223   1.776   -1.500  1.00 35.00 ? 174 ILE A N   1 
ATOM   590 C  CA  . ILE A 1 84  ? 3.961   0.346   -1.529  1.00 35.00 ? 174 ILE A CA  1 
ATOM   591 C  C   . ILE A 1 84  ? 5.053   -0.307  -2.343  1.00 35.00 ? 174 ILE A C   1 
ATOM   592 O  O   . ILE A 1 84  ? 5.276   0.066   -3.491  1.00 35.00 ? 174 ILE A O   1 
ATOM   593 C  CB  . ILE A 1 84  ? 2.587   0.009   -2.150  1.00 35.00 ? 174 ILE A CB  1 
ATOM   594 C  CG1 . ILE A 1 84  ? 1.490   0.749   -1.413  1.00 35.00 ? 174 ILE A CG1 1 
ATOM   595 C  CG2 . ILE A 1 84  ? 2.295   -1.491  -2.038  1.00 35.00 ? 174 ILE A CG2 1 
ATOM   596 C  CD1 . ILE A 1 84  ? 0.280   0.844   -2.215  1.00 35.00 ? 174 ILE A CD1 1 
ATOM   597 N  N   . GLN A 1 85  ? 5.800   -1.199  -1.702  1.00 35.00 ? 175 GLN A N   1 
ATOM   598 C  CA  . GLN A 1 85  ? 6.860   -1.947  -2.382  1.00 35.00 ? 175 GLN A CA  1 
ATOM   599 C  C   . GLN A 1 85  ? 6.273   -3.318  -2.657  1.00 35.00 ? 175 GLN A C   1 
ATOM   600 O  O   . GLN A 1 85  ? 5.413   -3.770  -1.897  1.00 35.00 ? 175 GLN A O   1 
ATOM   601 C  CB  . GLN A 1 85  ? 8.091   -2.115  -1.489  1.00 35.00 ? 175 GLN A CB  1 
ATOM   602 C  CG  . GLN A 1 85  ? 8.773   -0.813  -1.060  1.00 35.00 ? 175 GLN A CG  1 
ATOM   603 C  CD  . GLN A 1 85  ? 10.169  -1.041  -0.499  1.00 35.00 ? 175 GLN A CD  1 
ATOM   604 O  OE1 . GLN A 1 85  ? 10.435  -2.072  0.124   1.00 35.00 ? 175 GLN A OE1 1 
ATOM   605 N  NE2 . GLN A 1 85  ? 11.080  -0.090  -0.745  1.00 35.00 ? 175 GLN A NE2 1 
ATOM   606 N  N   . TYR A 1 86  ? 6.679   -3.957  -3.753  1.00 35.00 ? 176 TYR A N   1 
ATOM   607 C  CA  . TYR A 1 86  ? 6.182   -5.306  -4.067  1.00 35.00 ? 176 TYR A CA  1 
ATOM   608 C  C   . TYR A 1 86  ? 7.286   -6.250  -4.475  1.00 35.00 ? 176 TYR A C   1 
ATOM   609 O  O   . TYR A 1 86  ? 8.418   -5.837  -4.685  1.00 35.00 ? 176 TYR A O   1 
ATOM   610 C  CB  . TYR A 1 86  ? 5.070   -5.313  -5.132  1.00 35.00 ? 176 TYR A CB  1 
ATOM   611 C  CG  . TYR A 1 86  ? 5.420   -4.633  -6.423  1.00 35.00 ? 176 TYR A CG  1 
ATOM   612 C  CD1 . TYR A 1 86  ? 6.041   -5.328  -7.482  1.00 35.00 ? 176 TYR A CD1 1 
ATOM   613 C  CD2 . TYR A 1 86  ? 5.149   -3.278  -6.587  1.00 35.00 ? 176 TYR A CD2 1 
ATOM   614 C  CE1 . TYR A 1 86  ? 6.386   -4.658  -8.671  1.00 35.00 ? 176 TYR A CE1 1 
ATOM   615 C  CE2 . TYR A 1 86  ? 5.474   -2.616  -7.750  1.00 35.00 ? 176 TYR A CE2 1 
ATOM   616 C  CZ  . TYR A 1 86  ? 6.095   -3.298  -8.778  1.00 35.00 ? 176 TYR A CZ  1 
ATOM   617 O  OH  . TYR A 1 86  ? 6.466   -2.572  -9.872  1.00 35.00 ? 176 TYR A OH  1 
ATOM   618 N  N   . ALA A 1 87  ? 6.947   -7.518  -4.617  1.00 35.00 ? 177 ALA A N   1 
ATOM   619 C  CA  . ALA A 1 87  ? 7.933   -8.501  -4.999  1.00 35.00 ? 177 ALA A CA  1 
ATOM   620 C  C   . ALA A 1 87  ? 7.166   -9.690  -5.492  1.00 35.00 ? 177 ALA A C   1 
ATOM   621 O  O   . ALA A 1 87  ? 6.063   -9.909  -5.033  1.00 35.00 ? 177 ALA A O   1 
ATOM   622 C  CB  . ALA A 1 87  ? 8.736   -8.896  -3.782  1.00 35.00 ? 177 ALA A CB  1 
ATOM   623 N  N   . GLU A 1 88  ? 7.737   -10.461 -6.412  1.00 35.00 ? 178 GLU A N   1 
ATOM   624 C  CA  . GLU A 1 88  ? 7.086   -11.666 -6.921  1.00 35.00 ? 178 GLU A CA  1 
ATOM   625 C  C   . GLU A 1 88  ? 7.369   -12.793 -5.967  1.00 35.00 ? 178 GLU A C   1 
ATOM   626 O  O   . GLU A 1 88  ? 8.465   -12.877 -5.424  1.00 35.00 ? 178 GLU A O   1 
ATOM   627 C  CB  . GLU A 1 88  ? 7.633   -12.013 -8.274  1.00 35.00 ? 178 GLU A CB  1 
ATOM   628 C  CG  . GLU A 1 88  ? 7.070   -11.139 -9.329  1.00 35.00 ? 178 GLU A CG  1 
ATOM   629 C  CD  . GLU A 1 88  ? 8.026   -10.961 -10.476 1.00 35.00 ? 178 GLU A CD  1 
ATOM   630 O  OE1 . GLU A 1 88  ? 8.819   -11.898 -10.729 1.00 35.00 ? 178 GLU A OE1 1 
ATOM   631 O  OE2 . GLU A 1 88  ? 8.000   -9.876  -11.108 1.00 35.00 ? 178 GLU A OE2 1 
ATOM   632 N  N   . VAL A 1 89  ? 6.384   -13.647 -5.729  1.00 35.00 ? 179 VAL A N   1 
ATOM   633 C  CA  . VAL A 1 89  ? 6.581   -14.746 -4.798  1.00 35.00 ? 179 VAL A CA  1 
ATOM   634 C  C   . VAL A 1 89  ? 5.986   -16.077 -5.275  1.00 35.00 ? 179 VAL A C   1 
ATOM   635 O  O   . VAL A 1 89  ? 4.926   -16.097 -5.937  1.00 35.00 ? 179 VAL A O   1 
ATOM   636 C  CB  . VAL A 1 89  ? 5.993   -14.397 -3.385  1.00 35.00 ? 179 VAL A CB  1 
ATOM   637 C  CG1 . VAL A 1 89  ? 6.732   -13.219 -2.765  1.00 35.00 ? 179 VAL A CG1 1 
ATOM   638 C  CG2 . VAL A 1 89  ? 4.509   -14.108 -3.464  1.00 35.00 ? 179 VAL A CG2 1 
ATOM   639 N  N   . PRO A 1 90  ? 6.672   -17.206 -4.969  1.00 35.00 ? 180 PRO A N   1 
ATOM   640 C  CA  . PRO A 1 90  ? 6.138   -18.504 -5.390  1.00 35.00 ? 180 PRO A CA  1 
ATOM   641 C  C   . PRO A 1 90  ? 4.914   -18.747 -4.550  1.00 35.00 ? 180 PRO A C   1 
ATOM   642 O  O   . PRO A 1 90  ? 4.839   -18.249 -3.413  1.00 35.00 ? 180 PRO A O   1 
ATOM   643 C  CB  . PRO A 1 90  ? 7.221   -19.479 -4.949  1.00 35.00 ? 180 PRO A CB  1 
ATOM   644 C  CG  . PRO A 1 90  ? 8.442   -18.646 -4.898  1.00 35.00 ? 180 PRO A CG  1 
ATOM   645 C  CD  . PRO A 1 90  ? 7.957   -17.390 -4.271  1.00 35.00 ? 180 PRO A CD  1 
ATOM   646 N  N   . ALA A 1 91  ? 3.981   -19.532 -5.080  1.00 35.00 ? 181 ALA A N   1 
ATOM   647 C  CA  . ALA A 1 91  ? 2.771   -19.881 -4.347  1.00 35.00 ? 181 ALA A CA  1 
ATOM   648 C  C   . ALA A 1 91  ? 3.192   -20.307 -2.914  1.00 35.00 ? 181 ALA A C   1 
ATOM   649 O  O   . ALA A 1 91  ? 2.611   -19.864 -1.912  1.00 35.00 ? 181 ALA A O   1 
ATOM   650 C  CB  . ALA A 1 91  ? 2.062   -21.022 -5.073  1.00 35.00 ? 181 ALA A CB  1 
ATOM   651 N  N   . GLU A 1 92  ? 4.330   -21.016 -2.871  1.00 35.00 ? 182 GLU A N   1 
ATOM   652 C  CA  . GLU A 1 92  ? 4.995   -21.576 -1.681  1.00 35.00 ? 182 GLU A CA  1 
ATOM   653 C  C   . GLU A 1 92  ? 5.246   -20.645 -0.507  1.00 35.00 ? 182 GLU A C   1 
ATOM   654 O  O   . GLU A 1 92  ? 5.283   -21.101 0.638   1.00 35.00 ? 182 GLU A O   1 
ATOM   655 C  CB  . GLU A 1 92  ? 6.328   -22.219 -2.103  1.00 35.00 ? 182 GLU A CB  1 
ATOM   656 C  CG  . GLU A 1 92  ? 7.316   -22.482 -0.981  1.00 35.00 ? 182 GLU A CG  1 
ATOM   657 C  CD  . GLU A 1 92  ? 8.170   -23.721 -1.213  1.00 35.00 ? 182 GLU A CD  1 
ATOM   658 O  OE1 . GLU A 1 92  ? 8.274   -24.149 -2.385  1.00 35.00 ? 182 GLU A OE1 1 
ATOM   659 O  OE2 . GLU A 1 92  ? 8.725   -24.276 -0.227  1.00 35.00 ? 182 GLU A OE2 1 
ATOM   660 N  N   . GLU A 1 93  ? 5.408   -19.353 -0.791  1.00 35.00 ? 183 GLU A N   1 
ATOM   661 C  CA  . GLU A 1 93  ? 5.678   -18.369 0.250   1.00 35.00 ? 183 GLU A CA  1 
ATOM   662 C  C   . GLU A 1 93  ? 4.569   -18.048 1.255   1.00 35.00 ? 183 GLU A C   1 
ATOM   663 O  O   . GLU A 1 93  ? 3.509   -17.495 0.925   1.00 35.00 ? 183 GLU A O   1 
ATOM   664 C  CB  . GLU A 1 93  ? 6.246   -17.079 -0.333  1.00 35.00 ? 183 GLU A CB  1 
ATOM   665 C  CG  . GLU A 1 93  ? 6.758   -16.104 0.742   1.00 35.00 ? 183 GLU A CG  1 
ATOM   666 C  CD  . GLU A 1 93  ? 7.823   -16.723 1.650   1.00 35.00 ? 183 GLU A CD  1 
ATOM   667 O  OE1 . GLU A 1 93  ? 9.014   -16.710 1.267   1.00 35.00 ? 183 GLU A OE1 1 
ATOM   668 O  OE2 . GLU A 1 93  ? 7.475   -17.224 2.745   1.00 35.00 ? 183 GLU A OE2 1 
ATOM   669 N  N   . THR A 1 94  ? 4.913   -18.332 2.507   1.00 35.00 ? 184 THR A N   1 
ATOM   670 C  CA  . THR A 1 94  ? 4.063   -18.138 3.664   1.00 35.00 ? 184 THR A CA  1 
ATOM   671 C  C   . THR A 1 94  ? 3.934   -16.698 4.093   1.00 35.00 ? 184 THR A C   1 
ATOM   672 O  O   . THR A 1 94  ? 2.851   -16.131 4.011   1.00 35.00 ? 184 THR A O   1 
ATOM   673 C  CB  . THR A 1 94  ? 4.581   -18.948 4.886   1.00 35.00 ? 184 THR A CB  1 
ATOM   674 O  OG1 . THR A 1 94  ? 4.428   -20.348 4.627   1.00 35.00 ? 184 THR A OG1 1 
ATOM   675 C  CG2 . THR A 1 94  ? 3.798   -18.583 6.166   1.00 35.00 ? 184 THR A CG2 1 
ATOM   676 N  N   . ASP A 1 95  ? 5.079   -16.141 4.511   1.00 35.00 ? 185 ASP A N   1 
ATOM   677 C  CA  . ASP A 1 95  ? 5.261   -14.785 5.054   1.00 35.00 ? 185 ASP A CA  1 
ATOM   678 C  C   . ASP A 1 95  ? 5.384   -13.668 4.002   1.00 35.00 ? 185 ASP A C   1 
ATOM   679 O  O   . ASP A 1 95  ? 6.200   -13.752 3.084   1.00 35.00 ? 185 ASP A O   1 
ATOM   680 C  CB  . ASP A 1 95  ? 6.491   -14.800 6.000   1.00 35.00 ? 185 ASP A CB  1 
ATOM   681 C  CG  . ASP A 1 95  ? 6.667   -13.507 6.810   1.00 35.00 ? 185 ASP A CG  1 
ATOM   682 O  OD1 . ASP A 1 95  ? 5.661   -12.857 7.196   1.00 35.00 ? 185 ASP A OD1 1 
ATOM   683 O  OD2 . ASP A 1 95  ? 7.843   -13.147 7.067   1.00 35.00 ? 185 ASP A OD2 1 
ATOM   684 N  N   . PRO A 1 96  ? 4.572   -12.603 4.142   1.00 35.00 ? 186 PRO A N   1 
ATOM   685 C  CA  . PRO A 1 96  ? 4.629   -11.505 3.193   1.00 35.00 ? 186 PRO A CA  1 
ATOM   686 C  C   . PRO A 1 96  ? 5.883   -10.710 3.474   1.00 35.00 ? 186 PRO A C   1 
ATOM   687 O  O   . PRO A 1 96  ? 6.281   -9.894  2.656   1.00 35.00 ? 186 PRO A O   1 
ATOM   688 C  CB  . PRO A 1 96  ? 3.376   -10.701 3.538   1.00 35.00 ? 186 PRO A CB  1 
ATOM   689 C  CG  . PRO A 1 96  ? 2.511   -11.670 4.290   1.00 35.00 ? 186 PRO A CG  1 
ATOM   690 C  CD  . PRO A 1 96  ? 3.502   -12.353 5.120   1.00 35.00 ? 186 PRO A CD  1 
HETATM 691 N  N   . MSE A 1 97  ? 6.492   -10.943 4.638   1.00 35.00 ? 187 MSE A N   1 
HETATM 692 C  CA  . MSE A 1 97  ? 7.713   -10.234 5.016   1.00 35.00 ? 187 MSE A CA  1 
HETATM 693 C  C   . MSE A 1 97  ? 8.998   -10.861 4.505   1.00 35.00 ? 187 MSE A C   1 
HETATM 694 O  O   . MSE A 1 97  ? 10.018  -10.178 4.472   1.00 35.00 ? 187 MSE A O   1 
HETATM 695 C  CB  . MSE A 1 97  ? 7.835   -10.056 6.533   1.00 35.00 ? 187 MSE A CB  1 
HETATM 696 C  CG  . MSE A 1 97  ? 6.664   -9.379  7.178   1.00 35.00 ? 187 MSE A CG  1 
HETATM 697 SE SE  . MSE A 1 97  ? 6.961   -9.030  9.092   1.00 35.00 ? 187 MSE A SE  1 
HETATM 698 C  CE  . MSE A 1 97  ? 5.229   -9.836  9.701   1.00 35.00 ? 187 MSE A CE  1 
ATOM   699 N  N   . ALA A 1 98  ? 8.964   -12.149 4.151   1.00 35.00 ? 188 ALA A N   1 
ATOM   700 C  CA  . ALA A 1 98  ? 10.153  -12.862 3.673   1.00 35.00 ? 188 ALA A CA  1 
ATOM   701 C  C   . ALA A 1 98  ? 10.908  -12.194 2.516   1.00 35.00 ? 188 ALA A C   1 
ATOM   702 O  O   . ALA A 1 98  ? 12.113  -11.941 2.644   1.00 35.00 ? 188 ALA A O   1 
ATOM   703 C  CB  . ALA A 1 98  ? 9.835   -14.306 3.359   1.00 35.00 ? 188 ALA A CB  1 
ATOM   704 N  N   . PRO A 1 99  ? 10.210  -11.829 1.409   1.00 35.00 ? 189 PRO A N   1 
ATOM   705 C  CA  . PRO A 1 99  ? 10.975  -11.186 0.330   1.00 35.00 ? 189 PRO A CA  1 
ATOM   706 C  C   . PRO A 1 99  ? 11.407  -9.734  0.630   1.00 35.00 ? 189 PRO A C   1 
ATOM   707 O  O   . PRO A 1 99  ? 12.137  -9.145  -0.149  1.00 35.00 ? 189 PRO A O   1 
ATOM   708 C  CB  . PRO A 1 99  ? 10.022  -11.279 -0.871  1.00 35.00 ? 189 PRO A CB  1 
ATOM   709 C  CG  . PRO A 1 99  ? 8.711   -11.162 -0.244  1.00 35.00 ? 189 PRO A CG  1 
ATOM   710 C  CD  . PRO A 1 99  ? 8.817   -12.059 0.977   1.00 35.00 ? 189 PRO A CD  1 
ATOM   711 N  N   . PHE A 1 100 ? 10.969  -9.171  1.757   1.00 35.00 ? 190 PHE A N   1 
ATOM   712 C  CA  . PHE A 1 100 ? 11.346  -7.796  2.123   1.00 35.00 ? 190 PHE A CA  1 
ATOM   713 C  C   . PHE A 1 100 ? 12.480  -7.771  3.141   1.00 35.00 ? 190 PHE A C   1 
ATOM   714 O  O   . PHE A 1 100 ? 13.354  -6.911  3.072   1.00 35.00 ? 190 PHE A O   1 
ATOM   715 C  CB  . PHE A 1 100 ? 10.128  -6.989  2.591   1.00 35.00 ? 190 PHE A CB  1 
ATOM   716 C  CG  . PHE A 1 100 ? 9.070   -6.847  1.535   1.00 35.00 ? 190 PHE A CG  1 
ATOM   717 C  CD1 . PHE A 1 100 ? 7.842   -7.496  1.677   1.00 35.00 ? 190 PHE A CD1 1 
ATOM   718 C  CD2 . PHE A 1 100 ? 9.333   -6.142  0.359   1.00 35.00 ? 190 PHE A CD2 1 
ATOM   719 C  CE1 . PHE A 1 100 ? 6.880   -7.467  0.666   1.00 35.00 ? 190 PHE A CE1 1 
ATOM   720 C  CE2 . PHE A 1 100 ? 8.384   -6.098  -0.670  1.00 35.00 ? 190 PHE A CE2 1 
ATOM   721 C  CZ  . PHE A 1 100 ? 7.148   -6.770  -0.514  1.00 35.00 ? 190 PHE A CZ  1 
ATOM   722 N  N   . LYS A 1 101 ? 12.461  -8.729  4.069   1.00 35.00 ? 191 LYS A N   1 
ATOM   723 C  CA  . LYS A 1 101 ? 13.511  -8.905  5.076   1.00 35.00 ? 191 LYS A CA  1 
ATOM   724 C  C   . LYS A 1 101 ? 14.743  -9.362  4.282   1.00 35.00 ? 191 LYS A C   1 
ATOM   725 O  O   . LYS A 1 101 ? 15.868  -9.396  4.798   1.00 35.00 ? 191 LYS A O   1 
ATOM   726 C  CB  . LYS A 1 101 ? 13.112  -10.029 6.055   1.00 35.00 ? 191 LYS A CB  1 
ATOM   727 C  CG  . LYS A 1 101 ? 12.067  -9.684  7.106   1.00 35.00 ? 191 LYS A CG  1 
ATOM   728 C  CD  . LYS A 1 101 ? 11.736  -10.904 7.973   1.00 35.00 ? 191 LYS A CD  1 
ATOM   729 C  CE  . LYS A 1 101 ? 11.085  -10.490 9.277   1.00 35.00 ? 191 LYS A CE  1 
ATOM   730 N  NZ  . LYS A 1 101 ? 10.659  -11.657 10.070  1.00 35.00 ? 191 LYS A NZ  1 
ATOM   731 N  N   . ALA A 1 102 ? 14.466  -9.779  3.039   1.00 35.00 ? 192 ALA A N   1 
ATOM   732 C  CA  . ALA A 1 102 ? 15.446  -10.284 2.078   1.00 35.00 ? 192 ALA A CA  1 
ATOM   733 C  C   . ALA A 1 102 ? 16.001  -9.217  1.143   1.00 35.00 ? 192 ALA A C   1 
ATOM   734 O  O   . ALA A 1 102 ? 17.009  -9.451  0.463   1.00 35.00 ? 192 ALA A O   1 
ATOM   735 C  CB  . ALA A 1 102 ? 14.821  -11.398 1.238   1.00 35.00 ? 192 ALA A CB  1 
ATOM   736 N  N   . GLY A 1 103 ? 15.325  -8.075  1.052   1.00 35.00 ? 193 GLY A N   1 
ATOM   737 C  CA  . GLY A 1 103 ? 15.797  -7.024  0.159   1.00 35.00 ? 193 GLY A CA  1 
ATOM   738 C  C   . GLY A 1 103 ? 15.399  -7.354  -1.274  1.00 35.00 ? 193 GLY A C   1 
ATOM   739 O  O   . GLY A 1 103 ? 16.143  -7.120  -2.227  1.00 35.00 ? 193 GLY A O   1 
ATOM   740 N  N   . ALA A 1 104 ? 14.181  -7.855  -1.422  1.00 35.00 ? 194 ALA A N   1 
ATOM   741 C  CA  . ALA A 1 104 ? 13.688  -8.247  -2.729  1.00 35.00 ? 194 ALA A CA  1 
ATOM   742 C  C   . ALA A 1 104 ? 12.631  -7.347  -3.381  1.00 35.00 ? 194 ALA A C   1 
ATOM   743 O  O   . ALA A 1 104 ? 11.929  -7.773  -4.305  1.00 35.00 ? 194 ALA A O   1 
ATOM   744 C  CB  . ALA A 1 104 ? 13.228  -9.704  -2.692  1.00 35.00 ? 194 ALA A CB  1 
ATOM   745 N  N   . GLN A 1 105 ? 12.493  -6.116  -2.903  1.00 35.00 ? 195 GLN A N   1 
ATOM   746 C  CA  . GLN A 1 105 ? 11.550  -5.183  -3.531  1.00 35.00 ? 195 GLN A CA  1 
ATOM   747 C  C   . GLN A 1 105 ? 11.865  -5.044  -5.038  1.00 35.00 ? 195 GLN A C   1 
ATOM   748 O  O   . GLN A 1 105 ? 13.031  -4.882  -5.428  1.00 35.00 ? 195 GLN A O   1 
ATOM   749 C  CB  . GLN A 1 105 ? 11.598  -3.809  -2.844  1.00 35.00 ? 195 GLN A CB  1 
ATOM   750 C  CG  . GLN A 1 105 ? 12.977  -3.155  -2.769  1.00 35.00 ? 195 GLN A CG  1 
ATOM   751 C  CD  . GLN A 1 105 ? 13.781  -3.621  -1.581  1.00 35.00 ? 195 GLN A CD  1 
ATOM   752 O  OE1 . GLN A 1 105 ? 14.120  -4.795  -1.466  1.00 35.00 ? 195 GLN A OE1 1 
ATOM   753 N  NE2 . GLN A 1 105 ? 14.077  -2.699  -0.680  1.00 35.00 ? 195 GLN A NE2 1 
ATOM   754 N  N   . GLN A 1 106 ? 10.828  -5.154  -5.867  1.00 35.00 ? 196 GLN A N   1 
ATOM   755 C  CA  . GLN A 1 106 ? 10.958  -5.074  -7.323  1.00 35.00 ? 196 GLN A CA  1 
ATOM   756 C  C   . GLN A 1 106 ? 10.315  -3.817  -7.884  1.00 35.00 ? 196 GLN A C   1 
ATOM   757 O  O   . GLN A 1 106 ? 10.332  -3.589  -9.094  1.00 35.00 ? 196 GLN A O   1 
ATOM   758 C  CB  . GLN A 1 106 ? 10.293  -6.284  -7.984  1.00 35.00 ? 196 GLN A CB  1 
ATOM   759 C  CG  . GLN A 1 106 ? 10.967  -7.625  -7.742  1.00 35.00 ? 196 GLN A CG  1 
ATOM   760 C  CD  . GLN A 1 106 ? 10.067  -8.791  -8.108  1.00 35.00 ? 196 GLN A CD  1 
ATOM   761 O  OE1 . GLN A 1 106 ? 9.097   -8.632  -8.860  1.00 35.00 ? 196 GLN A OE1 1 
ATOM   762 N  NE2 . GLN A 1 106 ? 10.341  -9.954  -7.528  1.00 35.00 ? 196 GLN A NE2 1 
ATOM   763 N  N   . GLY A 1 107 ? 9.704   -3.023  -7.018  1.00 35.00 ? 197 GLY A N   1 
ATOM   764 C  CA  . GLY A 1 107 ? 9.069   -1.798  -7.464  1.00 35.00 ? 197 GLY A CA  1 
ATOM   765 C  C   . GLY A 1 107 ? 8.254   -1.117  -6.382  1.00 35.00 ? 197 GLY A C   1 
ATOM   766 O  O   . GLY A 1 107 ? 7.882   -1.743  -5.391  1.00 35.00 ? 197 GLY A O   1 
ATOM   767 N  N   . GLU A 1 108 ? 7.968   0.167   -6.571  1.00 35.00 ? 198 GLU A N   1 
ATOM   768 C  CA  . GLU A 1 108 ? 7.196   0.917   -5.593  1.00 35.00 ? 198 GLU A CA  1 
ATOM   769 C  C   . GLU A 1 108 ? 6.294   1.961   -6.212  1.00 35.00 ? 198 GLU A C   1 
ATOM   770 O  O   . GLU A 1 108 ? 6.659   2.614   -7.190  1.00 35.00 ? 198 GLU A O   1 
ATOM   771 C  CB  . GLU A 1 108 ? 8.097   1.580   -4.531  1.00 35.00 ? 198 GLU A CB  1 
ATOM   772 C  CG  . GLU A 1 108 ? 9.406   2.175   -5.049  1.00 35.00 ? 198 GLU A CG  1 
ATOM   773 C  CD  . GLU A 1 108 ? 10.184  3.008   -4.014  1.00 35.00 ? 198 GLU A CD  1 
ATOM   774 O  OE1 . GLU A 1 108 ? 10.016  4.251   -4.043  1.00 35.00 ? 198 GLU A OE1 1 
ATOM   775 O  OE2 . GLU A 1 108 ? 10.987  2.439   -3.216  1.00 35.00 ? 198 GLU A OE2 1 
ATOM   776 N  N   . ILE A 1 109 ? 5.094   2.065   -5.649  1.00 35.00 ? 199 ILE A N   1 
ATOM   777 C  CA  . ILE A 1 109 ? 4.091   3.036   -6.053  1.00 35.00 ? 199 ILE A CA  1 
ATOM   778 C  C   . ILE A 1 109 ? 3.941   3.989   -4.855  1.00 35.00 ? 199 ILE A C   1 
ATOM   779 O  O   . ILE A 1 109 ? 4.055   3.564   -3.699  1.00 35.00 ? 199 ILE A O   1 
ATOM   780 C  CB  . ILE A 1 109 ? 2.758   2.325   -6.387  1.00 35.00 ? 199 ILE A CB  1 
ATOM   781 C  CG1 . ILE A 1 109 ? 2.681   1.961   -7.875  1.00 35.00 ? 199 ILE A CG1 1 
ATOM   782 C  CG2 . ILE A 1 109 ? 1.588   3.219   -6.075  1.00 35.00 ? 199 ILE A CG2 1 
ATOM   783 C  CD1 . ILE A 1 109 ? 3.656   0.928   -8.353  1.00 35.00 ? 199 ILE A CD1 1 
ATOM   784 N  N   . ILE A 1 110 ? 3.741   5.277   -5.133  1.00 35.00 ? 200 ILE A N   1 
ATOM   785 C  CA  . ILE A 1 110 ? 3.607   6.298   -4.087  1.00 35.00 ? 200 ILE A CA  1 
ATOM   786 C  C   . ILE A 1 110 ? 2.186   6.824   -3.996  1.00 35.00 ? 200 ILE A C   1 
ATOM   787 O  O   . ILE A 1 110 ? 1.743   7.563   -4.867  1.00 35.00 ? 200 ILE A O   1 
ATOM   788 C  CB  . ILE A 1 110 ? 4.570   7.537   -4.347  1.00 35.00 ? 200 ILE A CB  1 
ATOM   789 C  CG1 . ILE A 1 110 ? 6.016   7.166   -4.030  1.00 35.00 ? 200 ILE A CG1 1 
ATOM   790 C  CG2 . ILE A 1 110 ? 4.181   8.761   -3.503  1.00 35.00 ? 200 ILE A CG2 1 
ATOM   791 C  CD1 . ILE A 1 110 ? 7.027   8.277   -4.322  1.00 35.00 ? 200 ILE A CD1 1 
ATOM   792 N  N   . VAL A 1 111 ? 1.459   6.459   -2.953  1.00 35.00 ? 201 VAL A N   1 
ATOM   793 C  CA  . VAL A 1 111 ? 0.115   6.994   -2.812  1.00 35.00 ? 201 VAL A CA  1 
ATOM   794 C  C   . VAL A 1 111 ? 0.208   8.306   -2.017  1.00 35.00 ? 201 VAL A C   1 
ATOM   795 O  O   . VAL A 1 111 ? 0.756   8.344   -0.906  1.00 35.00 ? 201 VAL A O   1 
ATOM   796 C  CB  . VAL A 1 111 ? -0.797  6.011   -2.094  1.00 35.00 ? 201 VAL A CB  1 
ATOM   797 C  CG1 . VAL A 1 111 ? -2.254  6.476   -2.174  1.00 35.00 ? 201 VAL A CG1 1 
ATOM   798 C  CG2 . VAL A 1 111 ? -0.597  4.608   -2.673  1.00 35.00 ? 201 VAL A CG2 1 
ATOM   799 N  N   . LYS A 1 112 ? -0.265  9.390   -2.626  1.00 35.00 ? 202 LYS A N   1 
ATOM   800 C  CA  . LYS A 1 112 ? -0.243  10.695  -1.984  1.00 35.00 ? 202 LYS A CA  1 
ATOM   801 C  C   . LYS A 1 112 ? -1.368  10.732  -0.980  1.00 35.00 ? 202 LYS A C   1 
ATOM   802 O  O   . LYS A 1 112 ? -2.382  10.080  -1.168  1.00 35.00 ? 202 LYS A O   1 
ATOM   803 C  CB  . LYS A 1 112 ? -0.495  11.790  -3.011  1.00 35.00 ? 202 LYS A CB  1 
ATOM   804 C  CG  . LYS A 1 112 ? 0.322   11.708  -4.279  1.00 35.00 ? 202 LYS A CG  1 
ATOM   805 C  CD  . LYS A 1 112 ? 0.090   12.973  -5.110  1.00 35.00 ? 202 LYS A CD  1 
ATOM   806 C  CE  . LYS A 1 112 ? 1.234   13.241  -6.074  1.00 35.00 ? 202 LYS A CE  1 
ATOM   807 N  NZ  . LYS A 1 112 ? 1.311   14.650  -6.552  1.00 35.00 ? 202 LYS A NZ  1 
ATOM   808 N  N   . LEU A 1 113 ? -1.171  11.457  0.111   1.00 35.00 ? 203 LEU A N   1 
ATOM   809 C  CA  . LEU A 1 113 ? -2.208  11.604  1.129   1.00 35.00 ? 203 LEU A CA  1 
ATOM   810 C  C   . LEU A 1 113 ? -2.296  13.101  1.496   1.00 35.00 ? 203 LEU A C   1 
ATOM   811 O  O   . LEU A 1 113 ? -1.489  13.629  2.275   1.00 35.00 ? 203 LEU A O   1 
ATOM   812 C  CB  . LEU A 1 113 ? -1.913  10.715  2.349   1.00 35.00 ? 203 LEU A CB  1 
ATOM   813 C  CG  . LEU A 1 113 ? -1.808  9.187   2.150   1.00 35.00 ? 203 LEU A CG  1 
ATOM   814 C  CD1 . LEU A 1 113 ? -1.381  8.507   3.446   1.00 35.00 ? 203 LEU A CD1 1 
ATOM   815 C  CD2 . LEU A 1 113 ? -3.114  8.591   1.620   1.00 35.00 ? 203 LEU A CD2 1 
ATOM   816 N  N   . ILE A 1 114 ? -3.243  13.786  0.854   1.00 35.00 ? 204 ILE A N   1 
ATOM   817 C  CA  . ILE A 1 114 ? -3.471  15.222  1.049   1.00 35.00 ? 204 ILE A CA  1 
ATOM   818 C  C   . ILE A 1 114 ? -4.605  15.446  2.036   1.00 35.00 ? 204 ILE A C   1 
ATOM   819 O  O   . ILE A 1 114 ? -5.737  15.053  1.779   1.00 35.00 ? 204 ILE A O   1 
ATOM   820 C  CB  . ILE A 1 114 ? -3.874  15.926  -0.276  1.00 35.00 ? 204 ILE A CB  1 
ATOM   821 C  CG1 . ILE A 1 114 ? -2.844  15.668  -1.382  1.00 35.00 ? 204 ILE A CG1 1 
ATOM   822 C  CG2 . ILE A 1 114 ? -4.024  17.413  -0.027  1.00 35.00 ? 204 ILE A CG2 1 
ATOM   823 C  CD1 . ILE A 1 114 ? -3.328  16.075  -2.792  1.00 35.00 ? 204 ILE A CD1 1 
ATOM   824 N  N   . ALA A 1 115 ? -4.299  16.086  3.157   1.00 35.00 ? 205 ALA A N   1 
ATOM   825 C  CA  . ALA A 1 115 ? -5.302  16.372  4.179   1.00 35.00 ? 205 ALA A CA  1 
ATOM   826 C  C   . ALA A 1 115 ? -5.473  17.867  4.216   1.00 35.00 ? 205 ALA A C   1 
ATOM   827 O  O   . ALA A 1 115 ? -4.543  18.590  4.526   1.00 35.00 ? 205 ALA A O   1 
ATOM   828 C  CB  . ALA A 1 115 ? -4.836  15.875  5.520   1.00 35.00 ? 205 ALA A CB  1 
ATOM   829 N  N   . ALA A 1 116 ? -6.650  18.343  3.860   1.00 35.00 ? 206 ALA A N   1 
ATOM   830 C  CA  . ALA A 1 116 ? -6.874  19.776  3.862   1.00 35.00 ? 206 ALA A CA  1 
ATOM   831 C  C   . ALA A 1 116 ? -8.285  20.159  4.246   1.00 35.00 ? 206 ALA A C   1 
ATOM   832 O  O   . ALA A 1 116 ? -8.654  19.890  5.406   1.00 35.00 ? 206 ALA A O   1 
ATOM   833 C  CB  . ALA A 1 116 ? -6.499  20.368  2.509   1.00 35.00 ? 206 ALA A CB  1 
ATOM   834 O  OXT . ALA A 1 116 ? -8.989  20.762  3.403   1.00 35.00 ? 206 ALA A OXT 1 
HETATM 835 O  O   . HOH B 2 .   ? -6.520  -7.076  -11.452 1.00 35.00 ? 301 HOH A O   1 
HETATM 836 O  O   . HOH B 2 .   ? -2.610  -3.808  -11.725 1.00 35.00 ? 302 HOH A O   1 
HETATM 837 O  O   . HOH B 2 .   ? -10.115 -5.877  -9.136  1.00 35.00 ? 303 HOH A O   1 
HETATM 838 O  O   . HOH B 2 .   ? 13.255  -2.808  -8.591  1.00 35.00 ? 304 HOH A O   1 
HETATM 839 O  O   . HOH B 2 .   ? -11.085 3.422   -5.138  1.00 35.00 ? 305 HOH A O   1 
HETATM 840 O  O   . HOH B 2 .   ? -1.102  16.073  -5.198  1.00 35.00 ? 306 HOH A O   1 
HETATM 841 O  O   . HOH B 2 .   ? -9.591  -4.195  -3.487  1.00 35.00 ? 307 HOH A O   1 
HETATM 842 O  O   . HOH B 2 .   ? -8.759  17.150  -2.718  1.00 35.00 ? 308 HOH A O   1 
HETATM 843 O  O   . HOH B 2 .   ? 0.342   18.665  -4.066  1.00 35.00 ? 309 HOH A O   1 
HETATM 844 O  O   . HOH B 2 .   ? 5.154   12.831  0.754   1.00 35.00 ? 310 HOH A O   1 
HETATM 845 O  O   . HOH B 2 .   ? -7.382  -4.626  4.509   1.00 35.00 ? 311 HOH A O   1 
HETATM 846 O  O   . HOH B 2 .   ? -11.957 12.219  3.296   1.00 35.00 ? 312 HOH A O   1 
HETATM 847 O  O   . HOH B 2 .   ? -14.367 7.398   7.974   1.00 35.00 ? 313 HOH A O   1 
HETATM 848 O  O   . HOH B 2 .   ? -7.482  1.335   8.839   1.00 35.00 ? 314 HOH A O   1 
HETATM 849 O  O   . HOH B 2 .   ? 2.485   0.615   -15.109 1.00 35.00 ? 315 HOH A O   1 
HETATM 850 O  O   . HOH B 2 .   ? -3.091  3.265   -11.728 1.00 35.00 ? 316 HOH A O   1 
HETATM 851 O  O   . HOH B 2 .   ? 1.575   1.524   -10.882 1.00 35.00 ? 317 HOH A O   1 
HETATM 852 O  O   . HOH B 2 .   ? 8.179   -4.408  -11.314 1.00 35.00 ? 318 HOH A O   1 
HETATM 853 O  O   . HOH B 2 .   ? -10.502 -9.949  -9.578  1.00 35.00 ? 319 HOH A O   1 
HETATM 854 O  O   . HOH B 2 .   ? 13.471  -5.642  -9.902  1.00 35.00 ? 320 HOH A O   1 
HETATM 855 O  O   . HOH B 2 .   ? -5.642  -16.073 -8.620  1.00 35.00 ? 321 HOH A O   1 
HETATM 856 O  O   . HOH B 2 .   ? -1.482  5.290   -5.458  1.00 35.00 ? 322 HOH A O   1 
HETATM 857 O  O   . HOH B 2 .   ? 14.317  0.982   -1.638  1.00 35.00 ? 323 HOH A O   1 
HETATM 858 O  O   . HOH B 2 .   ? -13.783 19.765  -1.742  1.00 35.00 ? 324 HOH A O   1 
HETATM 859 O  O   . HOH B 2 .   ? -0.337  15.237  -2.894  1.00 35.00 ? 325 HOH A O   1 
HETATM 860 O  O   . HOH B 2 .   ? 1.101   -10.556 6.755   1.00 35.00 ? 326 HOH A O   1 
HETATM 861 O  O   . HOH B 2 .   ? -0.970  5.027   16.051  1.00 35.00 ? 327 HOH A O   1 
HETATM 862 O  O   . HOH B 2 .   ? 2.402   0.112   -18.343 1.00 35.00 ? 328 HOH A O   1 
HETATM 863 O  O   . HOH B 2 .   ? 2.633   3.997   -10.914 1.00 35.00 ? 329 HOH A O   1 
HETATM 864 O  O   . HOH B 2 .   ? 5.969   -8.216  -9.949  1.00 35.00 ? 330 HOH A O   1 
HETATM 865 O  O   . HOH B 2 .   ? 8.138   4.268   -6.510  1.00 35.00 ? 331 HOH A O   1 
HETATM 866 O  O   . HOH B 2 .   ? 5.827   0.120   -10.167 1.00 35.00 ? 332 HOH A O   1 
HETATM 867 O  O   . HOH B 2 .   ? -1.401  14.597  5.130   1.00 35.00 ? 333 HOH A O   1 
HETATM 868 O  O   . HOH B 2 .   ? -1.157  -6.325  8.592   1.00 35.00 ? 334 HOH A O   1 
HETATM 869 O  O   . HOH B 2 .   ? 8.160   5.987   5.423   1.00 35.00 ? 335 HOH A O   1 
HETATM 870 O  O   . HOH B 2 .   ? 0.066   -20.871 -0.346  1.00 35.00 ? 336 HOH A O   1 
HETATM 871 O  O   . HOH B 2 .   ? 19.354  -9.635  2.426   1.00 35.00 ? 337 HOH A O   1 
HETATM 872 O  O   . HOH B 2 .   ? -1.396  0.634   -15.231 1.00 35.00 ? 338 HOH A O   1 
HETATM 873 O  O   . HOH B 2 .   ? 6.685   -0.333  5.754   1.00 35.00 ? 339 HOH A O   1 
HETATM 874 O  O   . HOH B 2 .   ? -4.762  2.814   -10.729 1.00 35.00 ? 340 HOH A O   1 
HETATM 875 O  O   . HOH B 2 .   ? 8.532   -11.533 11.510  1.00 35.00 ? 341 HOH A O   1 
HETATM 876 O  O   . HOH B 2 .   ? 8.309   9.126   3.936   1.00 35.00 ? 342 HOH A O   1 
HETATM 877 O  O   . HOH B 2 .   ? 8.994   7.042   7.082   1.00 35.00 ? 343 HOH A O   1 
HETATM 878 O  O   . HOH B 2 .   ? 11.867  9.119   6.725   1.00 35.00 ? 344 HOH A O   1 
HETATM 879 O  O   . HOH B 2 .   ? -13.328 10.201  4.251   1.00 35.00 ? 346 HOH A O   1 
HETATM 880 O  O   . HOH B 2 .   ? -6.303  -6.180  -13.311 1.00 35.00 ? 347 HOH A O   1 
HETATM 881 O  O   . HOH B 2 .   ? 3.878   19.168  3.200   1.00 35.00 ? 348 HOH A O   1 
HETATM 882 O  O   . HOH B 2 .   ? 7.963   1.356   7.308   1.00 35.00 ? 349 HOH A O   1 
HETATM 883 O  O   . HOH B 2 .   ? 7.584   -3.871  9.011   1.00 35.00 ? 350 HOH A O   1 
HETATM 884 O  O   . HOH B 2 .   ? -13.727 12.727  5.523   1.00 35.00 ? 351 HOH A O   1 
HETATM 885 O  O   . HOH B 2 .   ? 0.477   17.610  14.164  1.00 35.00 ? 352 HOH A O   1 
HETATM 886 O  O   . HOH B 2 .   ? 2.612   -7.424  8.631   1.00 35.00 ? 353 HOH A O   1 
HETATM 887 O  O   . HOH B 2 .   ? 2.810   15.359  -1.403  1.00 35.00 ? 354 HOH A O   1 
HETATM 888 O  O   . HOH B 2 .   ? 0.798   6.741   16.253  1.00 35.00 ? 355 HOH A O   1 
HETATM 889 O  O   . HOH B 2 .   ? 14.288  -1.653  -6.874  1.00 35.00 ? 356 HOH A O   1 
HETATM 890 O  O   . HOH B 2 .   ? 3.843   15.165  0.768   1.00 35.00 ? 357 HOH A O   1 
HETATM 891 O  O   . HOH B 2 .   ? 7.353   -16.734 -7.919  1.00 35.00 ? 358 HOH A O   1 
HETATM 892 O  O   . HOH B 2 .   ? -10.521 2.615   4.381   1.00 35.00 ? 359 HOH A O   1 
HETATM 893 O  O   . HOH B 2 .   ? 14.368  -6.958  -5.923  1.00 35.00 ? 360 HOH A O   1 
HETATM 894 O  O   . HOH B 2 .   ? -6.416  -9.657  -0.051  1.00 35.00 ? 362 HOH A O   1 
HETATM 895 O  O   . HOH B 2 .   ? 11.346  -7.015  9.842   1.00 35.00 ? 363 HOH A O   1 
HETATM 896 O  O   . HOH B 2 .   ? -10.894 20.135  8.965   1.00 35.00 ? 364 HOH A O   1 
HETATM 897 O  O   . HOH B 2 .   ? -12.266 10.940  3.922   1.00 35.00 ? 365 HOH A O   1 
HETATM 898 O  O   . HOH B 2 .   ? 3.764   19.009  4.235   1.00 35.00 ? 366 HOH A O   1 
HETATM 899 O  O   . HOH B 2 .   ? 7.509   -0.445  6.418   1.00 35.00 ? 367 HOH A O   1 
HETATM 900 O  O   . HOH B 2 .   ? 9.033   -3.589  9.419   1.00 35.00 ? 368 HOH A O   1 
HETATM 901 O  O   . HOH B 2 .   ? -14.324 12.431  7.062   1.00 35.00 ? 369 HOH A O   1 
HETATM 902 O  O   . HOH B 2 .   ? 1.547   18.243  15.247  1.00 35.00 ? 370 HOH A O   1 
HETATM 903 O  O   . HOH B 2 .   ? 0.173   -6.100  8.516   1.00 35.00 ? 371 HOH A O   1 
HETATM 904 O  O   . HOH B 2 .   ? -0.412  -19.983 0.456   1.00 35.00 ? 372 HOH A O   1 
HETATM 905 O  O   . HOH B 2 .   ? 0.228   6.668   17.338  1.00 35.00 ? 373 HOH A O   1 
HETATM 906 O  O   . HOH B 2 .   ? 14.060  -2.801  -7.720  1.00 35.00 ? 374 HOH A O   1 
HETATM 907 O  O   . HOH B 2 .   ? 4.286   14.633  1.718   1.00 35.00 ? 375 HOH A O   1 
HETATM 908 O  O   . HOH B 2 .   ? 10.046  -27.307 -2.797  1.00 35.00 ? 376 HOH A O   1 
HETATM 909 O  O   . HOH B 2 .   ? 7.639   -15.274 -8.511  1.00 35.00 ? 377 HOH A O   1 
HETATM 910 O  O   . HOH B 2 .   ? -12.265 2.778   4.502   1.00 35.00 ? 378 HOH A O   1 
HETATM 911 O  O   . HOH B 2 .   ? 11.380  0.462   5.351   1.00 35.00 ? 379 HOH A O   1 
HETATM 912 O  O   . HOH B 2 .   ? 0.532   -8.724  7.290   1.00 35.00 ? 380 HOH A O   1 
HETATM 913 O  O   . HOH B 2 .   ? -5.125  -11.489 -1.403  1.00 35.00 ? 381 HOH A O   1 
HETATM 914 O  O   . HOH B 2 .   ? 14.636  -0.615  -4.758  1.00 35.00 ? 382 HOH A O   1 
HETATM 915 O  O   . HOH B 2 .   ? -14.976 20.723  -2.866  1.00 35.00 ? 383 HOH A O   1 
HETATM 916 O  O   . HOH B 2 .   ? -16.225 19.173  -1.441  1.00 35.00 ? 384 HOH A O   1 
HETATM 917 O  O   . HOH B 2 .   ? -12.459 16.716  -1.435  1.00 35.00 ? 385 HOH A O   1 
HETATM 918 O  O   . HOH B 2 .   ? -16.166 12.945  5.414   1.00 35.00 ? 386 HOH A O   1 
HETATM 919 O  O   . HOH B 2 .   ? -11.984 19.528  8.090   1.00 35.00 ? 387 HOH A O   1 
HETATM 920 O  O   . HOH B 2 .   ? 2.665   19.261  3.184   1.00 35.00 ? 388 HOH A O   1 
HETATM 921 O  O   . HOH B 2 .   ? 8.436   -26.972 -3.144  1.00 35.00 ? 389 HOH A O   1 
HETATM 922 O  O   . HOH B 2 .   ? 0.461   -9.421  6.569   1.00 35.00 ? 390 HOH A O   1 
HETATM 923 O  O   . HOH B 2 .   ? -4.921  -10.641 -0.150  1.00 35.00 ? 391 HOH A O   1 
HETATM 924 O  O   . HOH B 2 .   ? 8.600   -0.337  -18.834 1.00 35.00 ? 392 HOH A O   1 
# 
